data_7U23
#
_entry.id   7U23
#
_cell.length_a   1.00
_cell.length_b   1.00
_cell.length_c   1.00
_cell.angle_alpha   90.00
_cell.angle_beta   90.00
_cell.angle_gamma   90.00
#
_symmetry.space_group_name_H-M   'P 1'
#
loop_
_entity.id
_entity.type
_entity.pdbx_description
1 polymer 'Insulin-like growth factor 1 receptor'
2 polymer 'single-chain LCDV-1 viral insulin-like peptide'
#
loop_
_entity_poly.entity_id
_entity_poly.type
_entity_poly.pdbx_seq_one_letter_code
_entity_poly.pdbx_strand_id
1 'polypeptide(L)'
;EICGPGIDIRNDYQQLKRLENCTVIEGYLHILLISKAEDYRSYRFPKLTVITEYLLLFRVAGLESLGDLFPNLTVIRGWK
LFYNYALVIFEMTNLKDIGLYNLRNITRGAIRIEKNADLCYLSTVDWSLILDAVSNNYIVGNKPPKECGDLCPGTMEEKP
MCEKTTINNEYNYRCWTTNRCQKMCPSTCGKRACTENNECCHPECLGSCSAPDNDTACVACRHYYYAGVCVPACPPNTYR
FEGWRCVDRDFCANILSAESSDSEGFVIHDGECMQECPSGFIRNGSQSMYCIPCEGPCPKVCEEEKKTKTIDSVTSAQML
QGCTIFKGNLLINIRRGNNIASELENFMGLIEVVTGYVKIRHSHALVSLSFLKNLRLILGEEQLEGNYSFYVLDNQNLQQ
LWDWDHRNLTIKAGKMYFAFNPKLCVSEIYRMEEVTGTKGRQSKGDINTRNNGERASCESDVLHFTSTTTSKNRIIITWH
RYRPPDYRDLISFTVYYKEAPFKNVTEYDGQDACGSNSWNMVDVDLPPNKDVEPGILLHGLKPWTQYAVYVKAVTLTMVE
NDHIRGAKSEILYIRTNASVPSIPLDVLSASNSSSQLIVKWNPPSLPNGNLSYYIVRWQRQPQDGYLYRHNYCSKDKIPI
RKYADGTIDIEEVTENPKTEVCGGEKGPCCACPKTEAEKQAEKEEAEYRKVFENFLHNSIFVPRPERKRRDVMQVANTTM
SSRSRNTTAADTYNITDPEELETEYPFFESRVDNKERTVISNLRPFTLYRIDIHSCNHEAEKLGCSASNFVFARTMPAEG
ADDIPGPVTWEPRPENSIFLKWPEPENPNGLILMYEIKYGSQVEDQRECVSRQEYRKYGGAKLNRLNPGNYTARIQATSL
SGNGSWTDPVFFYVQAKTGYENFIHRMKQLEDKVEELLSKNYHLENEVARLKKLVGERSSSEQKLISEEDLN
;
E,F
2 'polypeptide(L)' ITAEILCSAHLVAALQRVCGNRGVYRPPPTRRRSTRNGTTGIATKCCTTTGCTTDDLEKYCN C,D
#
# COMPACT_ATOMS: atom_id res chain seq x y z
N GLU A 1 45.61 -41.96 -10.99
CA GLU A 1 44.25 -42.48 -10.98
C GLU A 1 43.21 -41.38 -10.78
N ILE A 2 42.49 -41.07 -11.85
CA ILE A 2 41.46 -40.05 -11.83
C ILE A 2 40.12 -40.71 -11.59
N CYS A 3 39.33 -40.14 -10.69
CA CYS A 3 38.01 -40.65 -10.37
C CYS A 3 37.00 -39.53 -10.55
N GLY A 4 35.88 -39.85 -11.20
CA GLY A 4 34.85 -38.88 -11.44
C GLY A 4 33.68 -39.46 -12.21
N PRO A 5 32.81 -38.59 -12.75
CA PRO A 5 32.93 -37.14 -12.63
C PRO A 5 32.27 -36.58 -11.37
N GLY A 6 31.92 -37.45 -10.44
CA GLY A 6 31.45 -37.00 -9.13
C GLY A 6 31.21 -38.16 -8.19
N ILE A 7 31.73 -38.08 -6.97
CA ILE A 7 31.66 -39.17 -6.01
C ILE A 7 30.66 -38.81 -4.93
N ASP A 8 29.70 -39.70 -4.69
CA ASP A 8 28.64 -39.48 -3.71
C ASP A 8 28.56 -40.71 -2.80
N ILE A 9 29.24 -40.62 -1.66
CA ILE A 9 29.28 -41.70 -0.67
C ILE A 9 28.32 -41.35 0.46
N ARG A 10 27.44 -42.29 0.80
CA ARG A 10 26.46 -42.06 1.85
C ARG A 10 26.01 -43.39 2.44
N ASN A 11 25.24 -43.29 3.53
CA ASN A 11 24.66 -44.44 4.21
C ASN A 11 25.74 -45.38 4.74
N ASP A 12 26.19 -46.29 3.88
CA ASP A 12 27.13 -47.32 4.30
C ASP A 12 28.47 -46.72 4.65
N TYR A 13 28.99 -47.07 5.82
CA TYR A 13 30.34 -46.66 6.18
C TYR A 13 31.37 -47.27 5.23
N GLN A 14 31.15 -48.54 4.86
CA GLN A 14 32.10 -49.26 4.01
C GLN A 14 32.02 -48.83 2.55
N GLN A 15 30.98 -48.10 2.14
CA GLN A 15 30.95 -47.57 0.79
C GLN A 15 32.05 -46.54 0.55
N LEU A 16 32.69 -46.06 1.63
CA LEU A 16 33.81 -45.14 1.53
C LEU A 16 35.01 -45.78 0.85
N LYS A 17 35.01 -47.10 0.67
CA LYS A 17 36.14 -47.81 0.10
C LYS A 17 36.41 -47.42 -1.35
N ARG A 18 35.47 -46.72 -2.01
CA ARG A 18 35.65 -46.34 -3.40
C ARG A 18 36.80 -45.36 -3.60
N LEU A 19 37.41 -44.85 -2.53
CA LEU A 19 38.53 -43.94 -2.62
C LEU A 19 39.87 -44.64 -2.44
N GLU A 20 39.90 -45.96 -2.61
CA GLU A 20 41.13 -46.69 -2.30
C GLU A 20 42.24 -46.38 -3.28
N ASN A 21 41.92 -46.11 -4.54
CA ASN A 21 42.93 -45.89 -5.55
C ASN A 21 43.02 -44.45 -6.02
N CYS A 22 42.01 -43.63 -5.73
CA CYS A 22 41.93 -42.31 -6.32
C CYS A 22 42.98 -41.39 -5.72
N THR A 23 43.79 -40.77 -6.57
CA THR A 23 44.69 -39.71 -6.14
C THR A 23 44.16 -38.33 -6.46
N VAL A 24 43.33 -38.20 -7.50
CA VAL A 24 42.66 -36.95 -7.84
C VAL A 24 41.18 -37.25 -8.04
N ILE A 25 40.32 -36.39 -7.53
CA ILE A 25 38.88 -36.56 -7.65
C ILE A 25 38.36 -35.49 -8.60
N GLU A 26 38.00 -35.92 -9.81
CA GLU A 26 37.47 -35.02 -10.82
C GLU A 26 36.01 -34.77 -10.52
N GLY A 27 35.70 -33.58 -10.04
CA GLY A 27 34.35 -33.26 -9.63
C GLY A 27 34.23 -33.06 -8.13
N TYR A 28 32.99 -33.18 -7.65
CA TYR A 28 32.70 -33.00 -6.24
C TYR A 28 32.84 -34.31 -5.49
N LEU A 29 32.73 -34.22 -4.16
CA LEU A 29 32.87 -35.37 -3.29
C LEU A 29 31.87 -35.24 -2.16
N HIS A 30 31.02 -36.26 -1.98
CA HIS A 30 29.98 -36.25 -0.97
C HIS A 30 30.16 -37.42 -0.02
N ILE A 31 30.26 -37.12 1.27
CA ILE A 31 30.28 -38.13 2.32
C ILE A 31 29.15 -37.75 3.25
N LEU A 32 28.00 -38.41 3.08
CA LEU A 32 26.75 -38.00 3.74
C LEU A 32 26.22 -39.11 4.64
N LEU A 33 25.66 -38.72 5.77
CA LEU A 33 24.82 -39.61 6.58
C LEU A 33 25.54 -40.92 6.88
N ILE A 34 26.81 -40.81 7.28
CA ILE A 34 27.62 -41.99 7.55
C ILE A 34 27.63 -42.27 9.04
N SER A 35 27.40 -43.53 9.39
CA SER A 35 27.39 -43.95 10.79
C SER A 35 28.45 -45.02 11.04
N ARG A 41 35.00 -47.38 11.93
CA ARG A 41 36.33 -47.97 11.94
C ARG A 41 37.36 -47.04 11.36
N SER A 42 38.53 -47.58 10.99
CA SER A 42 39.65 -46.80 10.51
C SER A 42 39.82 -47.00 9.01
N TYR A 43 39.66 -45.93 8.24
CA TYR A 43 39.91 -45.92 6.81
C TYR A 43 40.86 -44.77 6.49
N ARG A 44 41.97 -45.06 5.82
CA ARG A 44 42.96 -44.07 5.47
C ARG A 44 43.12 -44.03 3.95
N PHE A 45 43.22 -42.82 3.41
CA PHE A 45 43.43 -42.62 1.98
C PHE A 45 44.53 -41.58 1.79
N PRO A 46 45.79 -41.99 1.89
CA PRO A 46 46.89 -41.06 1.57
C PRO A 46 47.04 -40.80 0.09
N LYS A 47 46.33 -41.55 -0.77
CA LYS A 47 46.44 -41.34 -2.20
C LYS A 47 45.85 -40.00 -2.62
N LEU A 48 44.71 -39.64 -2.07
CA LEU A 48 43.99 -38.47 -2.51
C LEU A 48 44.75 -37.19 -2.16
N THR A 49 44.91 -36.31 -3.14
CA THR A 49 45.62 -35.06 -2.90
C THR A 49 44.91 -33.83 -3.46
N VAL A 50 44.16 -33.99 -4.54
CA VAL A 50 43.55 -32.86 -5.24
C VAL A 50 42.06 -33.09 -5.44
N ILE A 51 41.27 -32.04 -5.19
CA ILE A 51 39.84 -32.08 -5.42
C ILE A 51 39.47 -30.93 -6.33
N THR A 52 38.89 -31.25 -7.50
CA THR A 52 38.62 -30.24 -8.52
C THR A 52 37.50 -29.32 -8.10
N GLU A 53 36.34 -29.90 -7.83
CA GLU A 53 35.16 -29.18 -7.38
C GLU A 53 35.16 -29.13 -5.87
N TYR A 54 33.99 -28.93 -5.27
CA TYR A 54 33.88 -28.76 -3.83
C TYR A 54 33.85 -30.11 -3.11
N LEU A 55 34.00 -30.04 -1.79
CA LEU A 55 33.96 -31.20 -0.91
C LEU A 55 32.91 -30.97 0.15
N LEU A 56 32.02 -31.94 0.33
CA LEU A 56 30.87 -31.80 1.21
C LEU A 56 30.86 -32.94 2.24
N LEU A 57 30.72 -32.58 3.50
CA LEU A 57 30.61 -33.52 4.60
C LEU A 57 29.38 -33.16 5.41
N PHE A 58 28.58 -34.16 5.76
CA PHE A 58 27.32 -33.87 6.43
C PHE A 58 26.87 -35.08 7.24
N ARG A 59 26.81 -34.93 8.56
CA ARG A 59 26.30 -35.93 9.47
C ARG A 59 27.00 -37.27 9.28
N VAL A 60 28.29 -37.26 9.59
CA VAL A 60 29.10 -38.47 9.59
C VAL A 60 29.42 -38.77 11.05
N ALA A 61 28.87 -39.86 11.56
CA ALA A 61 29.08 -40.25 12.95
C ALA A 61 30.31 -41.13 13.08
N GLY A 62 31.10 -40.88 14.13
CA GLY A 62 32.27 -41.66 14.44
C GLY A 62 33.57 -41.02 13.99
N LEU A 63 33.53 -40.19 12.95
CA LEU A 63 34.76 -39.53 12.50
C LEU A 63 35.16 -38.45 13.48
N GLU A 64 36.41 -38.48 13.90
CA GLU A 64 36.93 -37.53 14.86
C GLU A 64 37.77 -36.43 14.23
N SER A 65 38.41 -36.72 13.10
CA SER A 65 39.26 -35.73 12.45
C SER A 65 39.33 -36.05 10.96
N LEU A 66 39.48 -35.00 10.16
CA LEU A 66 39.63 -35.18 8.72
C LEU A 66 40.99 -35.76 8.35
N GLY A 67 41.97 -35.65 9.24
CA GLY A 67 43.25 -36.29 8.98
C GLY A 67 43.17 -37.80 8.95
N ASP A 68 42.11 -38.37 9.51
CA ASP A 68 41.97 -39.83 9.51
C ASP A 68 41.67 -40.38 8.13
N LEU A 69 41.02 -39.59 7.27
CA LEU A 69 40.65 -40.03 5.93
C LEU A 69 41.63 -39.53 4.87
N PHE A 70 41.81 -38.21 4.78
CA PHE A 70 42.56 -37.58 3.70
C PHE A 70 43.71 -36.82 4.33
N PRO A 71 44.84 -37.47 4.55
CA PRO A 71 45.98 -36.79 5.17
C PRO A 71 46.75 -35.95 4.17
N ASN A 72 46.70 -36.37 2.91
CA ASN A 72 47.47 -35.74 1.85
C ASN A 72 46.64 -34.79 0.99
N LEU A 73 45.42 -34.47 1.40
CA LEU A 73 44.61 -33.52 0.67
C LEU A 73 45.23 -32.14 0.72
N THR A 74 45.64 -31.63 -0.44
CA THR A 74 46.42 -30.41 -0.52
C THR A 74 45.69 -29.25 -1.17
N VAL A 75 45.07 -29.49 -2.32
CA VAL A 75 44.44 -28.43 -3.10
C VAL A 75 43.01 -28.82 -3.45
N ILE A 76 42.08 -27.95 -3.11
CA ILE A 76 40.67 -28.09 -3.47
C ILE A 76 40.40 -26.99 -4.49
N ARG A 77 40.34 -27.37 -5.77
CA ARG A 77 40.24 -26.37 -6.83
C ARG A 77 38.91 -25.65 -6.83
N GLY A 78 37.83 -26.36 -6.51
CA GLY A 78 36.54 -25.70 -6.47
C GLY A 78 36.15 -25.10 -7.79
N TRP A 79 36.33 -25.86 -8.87
CA TRP A 79 35.96 -25.37 -10.20
C TRP A 79 34.47 -25.07 -10.27
N LYS A 80 33.65 -25.93 -9.69
CA LYS A 80 32.22 -25.68 -9.51
C LYS A 80 31.92 -25.71 -8.02
N LEU A 81 31.17 -24.72 -7.55
CA LEU A 81 30.97 -24.52 -6.12
C LEU A 81 29.62 -25.06 -5.70
N PHE A 82 29.52 -25.39 -4.41
CA PHE A 82 28.24 -25.76 -3.80
C PHE A 82 27.74 -24.54 -3.04
N TYR A 83 26.80 -23.82 -3.65
CA TYR A 83 26.27 -22.57 -3.11
C TYR A 83 27.40 -21.61 -2.79
N ASN A 84 28.31 -21.45 -3.76
CA ASN A 84 29.48 -20.59 -3.63
C ASN A 84 30.41 -21.06 -2.52
N TYR A 85 30.34 -22.32 -2.15
CA TYR A 85 31.23 -22.88 -1.16
C TYR A 85 32.04 -24.01 -1.77
N ALA A 86 33.33 -24.05 -1.44
CA ALA A 86 34.21 -25.11 -1.87
C ALA A 86 34.40 -26.20 -0.83
N LEU A 87 33.99 -25.95 0.41
CA LEU A 87 34.20 -26.90 1.49
C LEU A 87 33.13 -26.68 2.54
N VAL A 88 32.31 -27.69 2.79
CA VAL A 88 31.16 -27.57 3.66
C VAL A 88 31.24 -28.62 4.75
N ILE A 89 31.41 -28.19 5.99
CA ILE A 89 31.43 -29.09 7.13
C ILE A 89 30.22 -28.74 7.97
N PHE A 90 29.17 -29.56 7.89
CA PHE A 90 27.89 -29.24 8.49
C PHE A 90 27.33 -30.42 9.25
N GLU A 91 26.98 -30.18 10.53
CA GLU A 91 26.37 -31.20 11.39
C GLU A 91 27.23 -32.45 11.50
N MET A 92 28.54 -32.25 11.63
CA MET A 92 29.48 -33.34 11.83
C MET A 92 29.56 -33.63 13.32
N THR A 93 28.97 -34.75 13.75
CA THR A 93 29.08 -35.17 15.14
C THR A 93 30.38 -35.94 15.36
N ASN A 94 30.88 -35.86 16.59
CA ASN A 94 32.09 -36.56 17.03
C ASN A 94 33.34 -36.00 16.36
N LEU A 95 33.16 -35.04 15.46
CA LEU A 95 34.28 -34.43 14.77
C LEU A 95 34.94 -33.41 15.69
N LYS A 96 36.26 -33.50 15.82
CA LYS A 96 36.99 -32.66 16.76
C LYS A 96 37.84 -31.59 16.10
N ASP A 97 38.39 -31.86 14.91
CA ASP A 97 39.24 -30.90 14.25
C ASP A 97 39.30 -31.21 12.77
N ILE A 98 39.65 -30.20 11.99
CA ILE A 98 39.90 -30.37 10.55
C ILE A 98 41.35 -30.84 10.42
N GLY A 99 41.54 -32.14 10.27
CA GLY A 99 42.88 -32.72 10.25
C GLY A 99 43.58 -32.64 8.91
N LEU A 100 43.15 -31.70 8.06
CA LEU A 100 43.77 -31.49 6.76
C LEU A 100 45.03 -30.65 6.95
N TYR A 101 46.05 -31.28 7.53
CA TYR A 101 47.28 -30.57 7.80
C TYR A 101 48.15 -30.37 6.56
N ASN A 102 47.80 -30.99 5.45
CA ASN A 102 48.51 -30.77 4.19
C ASN A 102 47.74 -29.85 3.25
N LEU A 103 46.57 -29.38 3.66
CA LEU A 103 45.79 -28.49 2.82
C LEU A 103 46.57 -27.20 2.59
N ARG A 104 46.75 -26.83 1.33
CA ARG A 104 47.56 -25.66 1.02
C ARG A 104 46.79 -24.58 0.29
N ASN A 105 46.08 -24.91 -0.79
CA ASN A 105 45.41 -23.90 -1.58
C ASN A 105 44.00 -24.35 -1.92
N ILE A 106 43.04 -23.47 -1.68
CA ILE A 106 41.68 -23.62 -2.18
C ILE A 106 41.44 -22.47 -3.15
N THR A 107 41.18 -22.80 -4.41
CA THR A 107 41.35 -21.81 -5.46
C THR A 107 40.21 -20.82 -5.53
N ARG A 108 38.96 -21.28 -5.45
CA ARG A 108 37.88 -20.38 -5.83
C ARG A 108 36.91 -20.01 -4.72
N GLY A 109 36.23 -20.99 -4.14
CA GLY A 109 35.10 -20.72 -3.26
C GLY A 109 35.51 -20.39 -1.84
N ALA A 110 34.48 -20.18 -1.01
CA ALA A 110 34.64 -19.89 0.40
C ALA A 110 34.39 -21.17 1.21
N ILE A 111 34.36 -21.02 2.54
CA ILE A 111 34.20 -22.15 3.46
C ILE A 111 32.99 -21.91 4.33
N ARG A 112 32.25 -22.99 4.62
CA ARG A 112 31.13 -22.93 5.56
C ARG A 112 31.21 -24.14 6.49
N ILE A 113 31.63 -23.90 7.72
CA ILE A 113 31.71 -24.91 8.76
C ILE A 113 30.67 -24.55 9.82
N GLU A 114 29.68 -25.42 10.01
CA GLU A 114 28.53 -25.06 10.82
C GLU A 114 28.02 -26.25 11.61
N LYS A 115 27.58 -25.97 12.84
CA LYS A 115 26.91 -26.95 13.69
C LYS A 115 27.78 -28.17 13.94
N ASN A 116 28.93 -27.93 14.54
CA ASN A 116 29.84 -28.99 14.97
C ASN A 116 30.22 -28.70 16.42
N ALA A 117 29.44 -29.25 17.34
CA ALA A 117 29.55 -28.92 18.75
C ALA A 117 30.84 -29.40 19.39
N ASP A 118 31.60 -30.25 18.71
CA ASP A 118 32.84 -30.79 19.27
C ASP A 118 34.06 -30.39 18.45
N LEU A 119 33.92 -29.45 17.53
CA LEU A 119 34.99 -29.10 16.61
C LEU A 119 35.86 -28.02 17.22
N CYS A 120 37.15 -28.29 17.29
CA CYS A 120 38.14 -27.35 17.80
C CYS A 120 39.05 -26.89 16.65
N TYR A 121 40.08 -26.13 17.01
CA TYR A 121 41.12 -25.70 16.09
C TYR A 121 40.54 -24.93 14.90
N LEU A 122 39.56 -24.07 15.18
CA LEU A 122 38.99 -23.22 14.14
C LEU A 122 39.80 -21.94 13.99
N SER A 123 40.10 -21.27 15.10
CA SER A 123 40.89 -20.05 15.06
C SER A 123 42.38 -20.31 14.92
N THR A 124 42.82 -21.55 15.10
CA THR A 124 44.23 -21.89 14.96
C THR A 124 44.65 -22.03 13.51
N VAL A 125 43.73 -21.88 12.57
CA VAL A 125 44.02 -22.05 11.15
C VAL A 125 43.93 -20.69 10.49
N ASP A 126 45.02 -20.28 9.84
CA ASP A 126 45.05 -19.01 9.11
C ASP A 126 44.53 -19.27 7.70
N TRP A 127 43.23 -19.08 7.53
CA TRP A 127 42.61 -19.32 6.24
C TRP A 127 43.00 -18.27 5.20
N SER A 128 43.66 -17.19 5.62
CA SER A 128 44.04 -16.15 4.69
C SER A 128 45.16 -16.57 3.75
N LEU A 129 45.96 -17.57 4.13
CA LEU A 129 47.02 -18.08 3.28
C LEU A 129 46.63 -19.38 2.59
N ILE A 130 45.45 -19.91 2.88
CA ILE A 130 44.95 -21.10 2.23
C ILE A 130 43.93 -20.76 1.16
N LEU A 131 43.12 -19.73 1.40
CA LEU A 131 42.12 -19.29 0.44
C LEU A 131 42.22 -17.77 0.29
N ASP A 132 41.42 -17.24 -0.62
CA ASP A 132 41.46 -15.82 -0.94
C ASP A 132 40.28 -15.05 -0.38
N ALA A 133 39.06 -15.51 -0.65
CA ALA A 133 37.86 -14.79 -0.20
C ALA A 133 37.55 -15.18 1.24
N VAL A 134 38.45 -14.74 2.14
CA VAL A 134 38.25 -15.04 3.56
C VAL A 134 37.09 -14.26 4.13
N SER A 135 36.73 -13.14 3.50
CA SER A 135 35.62 -12.33 4.01
C SER A 135 34.29 -13.05 3.87
N ASN A 136 34.12 -13.87 2.83
CA ASN A 136 32.85 -14.52 2.56
C ASN A 136 32.75 -15.89 3.23
N ASN A 137 33.61 -16.17 4.20
CA ASN A 137 33.54 -17.42 4.93
C ASN A 137 32.39 -17.39 5.95
N TYR A 138 32.08 -18.55 6.49
CA TYR A 138 30.95 -18.69 7.42
C TYR A 138 31.30 -19.80 8.40
N ILE A 139 31.75 -19.42 9.58
CA ILE A 139 32.12 -20.36 10.63
C ILE A 139 31.27 -20.00 11.84
N VAL A 140 30.09 -20.63 11.95
CA VAL A 140 29.14 -20.32 13.01
C VAL A 140 28.60 -21.64 13.56
N GLY A 141 28.29 -21.65 14.85
CA GLY A 141 27.59 -22.77 15.44
C GLY A 141 28.46 -23.94 15.84
N ASN A 142 29.77 -23.80 15.80
CA ASN A 142 30.66 -24.87 16.21
C ASN A 142 30.91 -24.79 17.72
N LYS A 143 31.84 -25.58 18.20
CA LYS A 143 32.24 -25.52 19.60
C LYS A 143 32.90 -24.18 19.88
N PRO A 144 32.46 -23.43 20.89
CA PRO A 144 33.03 -22.10 21.13
C PRO A 144 34.50 -22.17 21.49
N PRO A 145 35.32 -21.30 20.91
CA PRO A 145 36.74 -21.29 21.26
C PRO A 145 37.00 -21.00 22.72
N LYS A 146 36.13 -20.21 23.35
CA LYS A 146 36.24 -19.99 24.78
C LYS A 146 35.99 -21.27 25.57
N GLU A 147 35.28 -22.23 24.99
CA GLU A 147 34.98 -23.48 25.65
C GLU A 147 35.58 -24.67 24.90
N CYS A 148 36.71 -24.45 24.22
CA CYS A 148 37.38 -25.59 23.60
C CYS A 148 38.73 -25.94 24.22
N GLY A 149 39.70 -25.02 24.16
CA GLY A 149 41.06 -25.41 24.53
C GLY A 149 42.03 -25.59 23.38
N ASP A 150 42.06 -24.63 22.45
CA ASP A 150 42.94 -24.70 21.28
C ASP A 150 44.40 -24.67 21.71
N LEU A 151 45.05 -25.84 21.70
CA LEU A 151 46.45 -25.97 22.10
C LEU A 151 47.28 -26.58 20.98
N CYS A 152 48.46 -26.01 20.76
CA CYS A 152 49.46 -26.56 19.87
C CYS A 152 50.37 -27.52 20.62
N PRO A 153 51.06 -28.42 19.90
CA PRO A 153 52.01 -29.33 20.56
C PRO A 153 53.13 -28.59 21.29
N CYS A 162 55.61 -24.14 16.87
CA CYS A 162 55.85 -23.85 15.46
C CYS A 162 55.66 -22.36 15.17
N GLU A 163 55.26 -22.04 13.94
CA GLU A 163 55.22 -20.66 13.50
C GLU A 163 53.90 -20.00 13.92
N LYS A 164 53.80 -18.71 13.66
CA LYS A 164 52.63 -17.92 13.99
C LYS A 164 52.65 -16.63 13.18
N THR A 165 51.49 -15.99 13.10
CA THR A 165 51.38 -14.71 12.40
C THR A 165 50.16 -13.98 12.94
N THR A 166 49.79 -12.89 12.27
CA THR A 166 48.68 -12.05 12.71
C THR A 166 47.38 -12.62 12.17
N ILE A 167 46.47 -12.98 13.08
CA ILE A 167 45.13 -13.41 12.73
C ILE A 167 44.16 -12.33 13.22
N ASN A 168 43.47 -11.70 12.27
CA ASN A 168 42.58 -10.57 12.54
C ASN A 168 43.45 -9.48 13.18
N ASN A 169 43.21 -9.10 14.43
CA ASN A 169 44.08 -8.17 15.13
C ASN A 169 45.00 -8.85 16.14
N GLU A 170 44.93 -10.16 16.24
CA GLU A 170 45.73 -10.92 17.20
C GLU A 170 46.87 -11.64 16.50
N TYR A 171 47.89 -11.99 17.28
CA TYR A 171 49.00 -12.80 16.81
C TYR A 171 49.12 -14.01 17.72
N ASN A 172 48.98 -15.20 17.15
CA ASN A 172 48.98 -16.41 17.94
C ASN A 172 49.40 -17.58 17.05
N TYR A 173 49.70 -18.71 17.70
CA TYR A 173 50.20 -19.88 17.01
C TYR A 173 49.16 -20.44 16.05
N ARG A 174 49.63 -21.24 15.09
CA ARG A 174 48.80 -21.80 14.05
C ARG A 174 49.05 -23.30 13.95
N CYS A 175 48.02 -24.09 14.23
CA CYS A 175 48.12 -25.55 14.18
C CYS A 175 46.82 -26.13 13.67
N TRP A 176 46.93 -27.20 12.89
CA TRP A 176 45.75 -27.91 12.39
C TRP A 176 45.15 -28.80 13.47
N THR A 177 45.97 -29.65 14.07
CA THR A 177 45.52 -30.55 15.13
C THR A 177 46.45 -30.47 16.32
N THR A 178 46.31 -31.41 17.26
CA THR A 178 47.15 -31.43 18.45
C THR A 178 48.50 -32.08 18.22
N ASN A 179 48.79 -32.53 17.00
CA ASN A 179 50.07 -33.16 16.71
C ASN A 179 50.76 -32.52 15.52
N ARG A 180 49.98 -31.97 14.60
CA ARG A 180 50.51 -31.34 13.39
C ARG A 180 50.24 -29.85 13.42
N CYS A 181 51.23 -29.07 13.00
CA CYS A 181 51.11 -27.63 12.90
C CYS A 181 50.58 -27.25 11.52
N GLN A 182 50.40 -25.95 11.29
CA GLN A 182 50.03 -25.43 9.99
C GLN A 182 51.29 -25.07 9.22
N LYS A 183 51.54 -25.79 8.14
CA LYS A 183 52.80 -25.65 7.41
C LYS A 183 52.75 -24.40 6.54
N MET A 184 53.88 -23.70 6.47
CA MET A 184 53.95 -22.45 5.71
C MET A 184 55.28 -22.40 4.97
N CYS A 185 55.30 -21.62 3.84
CA CYS A 185 56.46 -21.39 3.01
C CYS A 185 57.19 -20.14 3.46
N PRO A 186 58.51 -20.09 3.25
CA PRO A 186 59.28 -18.91 3.65
C PRO A 186 58.94 -17.69 2.80
N SER A 187 59.35 -16.53 3.28
CA SER A 187 59.09 -15.28 2.57
C SER A 187 59.92 -15.15 1.30
N THR A 188 60.91 -16.02 1.10
CA THR A 188 61.74 -15.92 -0.11
C THR A 188 60.97 -16.40 -1.35
N CYS A 189 60.08 -17.37 -1.19
CA CYS A 189 59.34 -17.90 -2.33
C CYS A 189 58.25 -16.92 -2.80
N ALA A 193 54.62 -21.68 -2.57
CA ALA A 193 55.07 -22.82 -3.36
C ALA A 193 56.45 -23.29 -2.91
N CYS A 194 56.48 -24.16 -1.91
CA CYS A 194 57.72 -24.67 -1.37
C CYS A 194 57.59 -26.16 -1.09
N THR A 195 58.73 -26.80 -0.82
CA THR A 195 58.75 -28.21 -0.47
C THR A 195 58.50 -28.41 1.02
N GLU A 196 58.78 -29.61 1.51
CA GLU A 196 58.55 -29.91 2.92
C GLU A 196 59.35 -28.99 3.83
N ASN A 197 60.60 -28.69 3.46
CA ASN A 197 61.47 -27.87 4.32
C ASN A 197 62.29 -26.91 3.46
N ASN A 198 61.76 -25.71 3.25
CA ASN A 198 62.54 -24.54 2.83
C ASN A 198 63.27 -24.78 1.51
N GLU A 199 62.49 -24.97 0.46
CA GLU A 199 63.00 -24.91 -0.91
C GLU A 199 61.83 -24.61 -1.83
N CYS A 200 61.90 -23.50 -2.54
CA CYS A 200 60.75 -23.02 -3.30
C CYS A 200 60.44 -23.96 -4.46
N CYS A 201 59.14 -24.12 -4.72
CA CYS A 201 58.66 -24.99 -5.78
C CYS A 201 58.82 -24.31 -7.14
N HIS A 202 58.30 -24.97 -8.18
CA HIS A 202 58.24 -24.39 -9.49
C HIS A 202 57.13 -23.32 -9.54
N PRO A 203 57.29 -22.29 -10.36
CA PRO A 203 56.20 -21.30 -10.48
C PRO A 203 54.88 -21.89 -10.92
N GLU A 204 54.90 -22.88 -11.81
CA GLU A 204 53.67 -23.53 -12.24
C GLU A 204 53.19 -24.59 -11.27
N CYS A 205 53.88 -24.76 -10.15
CA CYS A 205 53.53 -25.77 -9.16
C CYS A 205 52.52 -25.19 -8.17
N LEU A 206 52.01 -26.07 -7.30
CA LEU A 206 51.03 -25.66 -6.32
C LEU A 206 51.00 -26.65 -5.17
N GLY A 207 51.09 -26.15 -3.95
CA GLY A 207 50.99 -27.00 -2.77
C GLY A 207 52.38 -27.42 -2.26
N SER A 208 52.68 -28.71 -2.39
CA SER A 208 53.96 -29.26 -1.98
C SER A 208 54.76 -29.66 -3.20
N CYS A 209 55.93 -30.25 -2.96
CA CYS A 209 56.81 -30.66 -4.04
C CYS A 209 57.53 -31.95 -3.67
N SER A 210 57.40 -32.95 -4.54
CA SER A 210 58.23 -34.14 -4.39
C SER A 210 59.70 -33.82 -4.62
N ALA A 211 59.98 -32.86 -5.51
CA ALA A 211 61.31 -32.34 -5.74
C ALA A 211 61.18 -30.86 -6.01
N PRO A 212 62.19 -30.06 -5.66
CA PRO A 212 62.06 -28.60 -5.82
C PRO A 212 62.07 -28.19 -7.29
N ASP A 213 61.24 -27.19 -7.60
CA ASP A 213 61.17 -26.51 -8.90
C ASP A 213 61.31 -27.48 -10.08
N ASN A 214 60.44 -28.47 -10.10
CA ASN A 214 60.37 -29.40 -11.22
C ASN A 214 58.92 -29.56 -11.64
N ASP A 215 58.69 -29.72 -12.95
CA ASP A 215 57.33 -29.85 -13.45
C ASP A 215 56.75 -31.23 -13.16
N THR A 216 57.58 -32.27 -13.21
CA THR A 216 57.14 -33.64 -13.03
C THR A 216 57.16 -34.09 -11.57
N ALA A 217 57.37 -33.18 -10.62
CA ALA A 217 57.48 -33.51 -9.21
C ALA A 217 56.58 -32.60 -8.39
N CYS A 218 55.33 -32.45 -8.84
CA CYS A 218 54.39 -31.55 -8.22
C CYS A 218 53.16 -32.32 -7.77
N VAL A 219 52.75 -32.06 -6.53
CA VAL A 219 51.54 -32.69 -6.01
C VAL A 219 50.33 -32.22 -6.79
N ALA A 220 50.26 -30.92 -7.08
CA ALA A 220 49.14 -30.36 -7.80
C ALA A 220 49.64 -29.21 -8.67
N CYS A 221 49.17 -29.17 -9.90
CA CYS A 221 49.58 -28.13 -10.82
C CYS A 221 48.63 -26.94 -10.74
N ARG A 222 49.20 -25.74 -10.76
CA ARG A 222 48.38 -24.57 -11.00
C ARG A 222 48.12 -24.44 -12.50
N HIS A 223 47.10 -23.66 -12.85
CA HIS A 223 46.64 -23.55 -14.22
C HIS A 223 46.25 -24.92 -14.76
N TYR A 224 47.09 -25.52 -15.60
CA TYR A 224 46.72 -26.76 -16.24
C TYR A 224 47.83 -27.78 -16.15
N TYR A 225 47.48 -29.02 -16.47
CA TYR A 225 48.36 -30.17 -16.29
C TYR A 225 48.22 -31.10 -17.48
N TYR A 226 49.35 -31.62 -17.95
CA TYR A 226 49.36 -32.49 -19.13
C TYR A 226 50.63 -33.31 -19.15
N ALA A 227 50.47 -34.63 -19.24
CA ALA A 227 51.59 -35.55 -19.38
C ALA A 227 52.61 -35.36 -18.25
N GLY A 228 52.12 -35.21 -17.03
CA GLY A 228 53.00 -35.08 -15.88
C GLY A 228 53.69 -33.75 -15.75
N VAL A 229 53.24 -32.74 -16.50
CA VAL A 229 53.91 -31.45 -16.54
C VAL A 229 52.90 -30.36 -16.22
N CYS A 230 53.31 -29.43 -15.36
CA CYS A 230 52.47 -28.27 -15.04
C CYS A 230 52.66 -27.23 -16.13
N VAL A 231 51.74 -27.20 -17.09
CA VAL A 231 51.85 -26.29 -18.23
C VAL A 231 50.88 -25.13 -18.03
N PRO A 232 51.25 -23.90 -18.37
CA PRO A 232 50.32 -22.77 -18.23
C PRO A 232 49.09 -22.88 -19.12
N ALA A 233 49.31 -22.99 -20.43
CA ALA A 233 48.25 -23.17 -21.39
C ALA A 233 48.40 -24.52 -22.08
N CYS A 234 47.28 -25.08 -22.53
CA CYS A 234 47.32 -26.42 -23.08
C CYS A 234 48.17 -26.47 -24.34
N PRO A 235 48.85 -27.59 -24.59
CA PRO A 235 49.57 -27.77 -25.85
C PRO A 235 48.67 -27.53 -27.04
N PRO A 236 49.25 -27.28 -28.22
CA PRO A 236 48.41 -26.87 -29.36
C PRO A 236 47.32 -27.86 -29.73
N ASN A 237 47.58 -29.16 -29.65
CA ASN A 237 46.59 -30.16 -30.04
C ASN A 237 45.82 -30.71 -28.84
N THR A 238 45.83 -30.02 -27.71
CA THR A 238 45.04 -30.40 -26.56
C THR A 238 44.10 -29.26 -26.18
N TYR A 239 43.07 -29.59 -25.42
CA TYR A 239 42.03 -28.64 -25.06
C TYR A 239 41.73 -28.73 -23.58
N ARG A 240 41.11 -27.67 -23.07
CA ARG A 240 40.77 -27.59 -21.66
C ARG A 240 39.63 -28.54 -21.36
N PHE A 241 39.83 -29.41 -20.37
CA PHE A 241 38.78 -30.27 -19.85
C PHE A 241 38.65 -30.03 -18.36
N GLU A 242 37.42 -29.81 -17.90
CA GLU A 242 37.13 -29.46 -16.52
C GLU A 242 37.89 -28.16 -16.24
N GLY A 243 38.79 -28.11 -15.27
CA GLY A 243 39.53 -26.90 -15.04
C GLY A 243 40.96 -27.09 -14.59
N TRP A 244 41.50 -28.30 -14.75
CA TRP A 244 42.85 -28.58 -14.26
C TRP A 244 43.75 -29.32 -15.24
N ARG A 245 43.22 -30.05 -16.21
CA ARG A 245 44.04 -30.81 -17.15
C ARG A 245 43.64 -30.51 -18.59
N CYS A 246 44.45 -31.01 -19.51
CA CYS A 246 44.19 -30.88 -20.93
C CYS A 246 44.07 -32.27 -21.54
N VAL A 247 43.14 -32.43 -22.48
CA VAL A 247 42.97 -33.69 -23.18
C VAL A 247 43.01 -33.42 -24.67
N ASP A 248 43.19 -34.49 -25.43
CA ASP A 248 43.30 -34.41 -26.88
C ASP A 248 41.91 -34.40 -27.52
N ARG A 249 41.90 -34.38 -28.85
CA ARG A 249 40.65 -34.36 -29.59
C ARG A 249 39.89 -35.68 -29.46
N ASP A 250 40.59 -36.80 -29.51
CA ASP A 250 39.94 -38.09 -29.49
C ASP A 250 39.31 -38.39 -28.13
N PHE A 251 39.81 -37.79 -27.06
CA PHE A 251 39.22 -38.04 -25.75
C PHE A 251 37.82 -37.46 -25.66
N CYS A 252 37.67 -36.18 -26.02
CA CYS A 252 36.34 -35.59 -26.01
C CYS A 252 35.48 -36.09 -27.15
N ALA A 253 36.06 -36.76 -28.14
CA ALA A 253 35.23 -37.48 -29.10
C ALA A 253 34.57 -38.72 -28.50
N ASN A 254 34.95 -39.11 -27.29
CA ASN A 254 34.39 -40.30 -26.66
C ASN A 254 33.51 -40.00 -25.45
N ILE A 255 33.44 -38.75 -25.02
CA ILE A 255 32.62 -38.40 -23.86
C ILE A 255 31.18 -38.23 -24.31
N LEU A 256 30.25 -38.59 -23.43
CA LEU A 256 28.84 -38.47 -23.76
C LEU A 256 28.07 -37.86 -22.59
N GLU A 264 24.01 -35.61 -26.79
CA GLU A 264 25.10 -35.86 -27.73
C GLU A 264 26.44 -35.75 -27.05
N GLY A 265 27.51 -35.79 -27.84
CA GLY A 265 28.85 -35.71 -27.29
C GLY A 265 29.22 -34.29 -26.89
N PHE A 266 30.47 -34.15 -26.47
CA PHE A 266 31.00 -32.88 -26.04
C PHE A 266 31.52 -32.09 -27.24
N VAL A 267 31.64 -30.79 -27.05
CA VAL A 267 32.07 -29.89 -28.11
C VAL A 267 33.44 -29.32 -27.77
N ILE A 268 34.17 -28.96 -28.81
CA ILE A 268 35.46 -28.30 -28.67
C ILE A 268 35.27 -26.86 -29.13
N HIS A 269 35.52 -25.92 -28.23
CA HIS A 269 35.26 -24.52 -28.54
C HIS A 269 36.18 -23.66 -27.70
N ASP A 270 36.79 -22.66 -28.34
CA ASP A 270 37.72 -21.74 -27.66
C ASP A 270 38.83 -22.49 -26.95
N GLY A 271 39.31 -23.57 -27.58
CA GLY A 271 40.31 -24.39 -26.95
C GLY A 271 39.83 -25.09 -25.69
N GLU A 272 38.52 -25.17 -25.49
CA GLU A 272 37.94 -25.83 -24.33
C GLU A 272 37.03 -26.96 -24.78
N CYS A 273 36.93 -27.98 -23.94
CA CYS A 273 36.09 -29.15 -24.19
C CYS A 273 34.96 -29.13 -23.16
N MET A 274 33.84 -28.55 -23.53
CA MET A 274 32.71 -28.39 -22.64
C MET A 274 31.62 -29.40 -23.00
N GLN A 275 30.54 -29.38 -22.22
CA GLN A 275 29.44 -30.31 -22.49
C GLN A 275 28.60 -29.85 -23.68
N GLU A 276 28.20 -28.58 -23.69
CA GLU A 276 27.36 -28.04 -24.75
C GLU A 276 27.93 -26.70 -25.20
N CYS A 277 27.63 -26.34 -26.44
CA CYS A 277 28.08 -25.07 -26.96
C CYS A 277 27.55 -23.94 -26.08
N PRO A 278 28.34 -22.89 -25.85
CA PRO A 278 27.88 -21.79 -24.99
C PRO A 278 26.75 -21.01 -25.63
N SER A 279 26.23 -20.03 -24.91
CA SER A 279 25.14 -19.21 -25.44
C SER A 279 25.63 -18.45 -26.67
N GLY A 280 24.79 -18.41 -27.69
CA GLY A 280 25.17 -17.76 -28.94
C GLY A 280 25.97 -18.62 -29.87
N PHE A 281 25.98 -19.94 -29.66
CA PHE A 281 26.68 -20.85 -30.55
C PHE A 281 25.85 -22.10 -30.76
N ILE A 282 26.04 -22.72 -31.92
CA ILE A 282 25.34 -23.96 -32.26
C ILE A 282 26.35 -24.91 -32.90
N ARG A 283 26.03 -26.19 -32.82
CA ARG A 283 26.93 -27.21 -33.36
C ARG A 283 26.96 -27.15 -34.88
N ASN A 284 28.16 -27.27 -35.44
CA ASN A 284 28.31 -27.31 -36.88
C ASN A 284 27.84 -28.66 -37.43
N GLY A 285 27.27 -28.63 -38.63
CA GLY A 285 26.84 -29.85 -39.26
C GLY A 285 28.02 -30.72 -39.67
N SER A 286 27.77 -32.03 -39.76
CA SER A 286 28.79 -33.02 -40.06
C SER A 286 29.91 -32.95 -39.04
N GLN A 287 30.71 -31.88 -39.09
CA GLN A 287 31.74 -31.66 -38.09
C GLN A 287 31.09 -31.21 -36.79
N SER A 288 30.43 -32.14 -36.10
CA SER A 288 29.66 -31.84 -34.90
C SER A 288 30.50 -31.72 -33.66
N MET A 289 31.82 -31.62 -33.80
CA MET A 289 32.71 -31.44 -32.66
C MET A 289 33.05 -29.98 -32.40
N TYR A 290 32.60 -29.07 -33.24
CA TYR A 290 32.89 -27.65 -33.09
C TYR A 290 31.60 -26.86 -33.19
N CYS A 291 31.61 -25.68 -32.57
CA CYS A 291 30.44 -24.82 -32.51
C CYS A 291 30.59 -23.68 -33.52
N ILE A 292 29.56 -23.48 -34.32
CA ILE A 292 29.58 -22.41 -35.31
C ILE A 292 28.77 -21.25 -34.75
N PRO A 293 29.21 -20.01 -34.92
CA PRO A 293 28.47 -18.87 -34.37
C PRO A 293 27.22 -18.58 -35.18
N CYS A 294 26.06 -18.89 -34.61
CA CYS A 294 24.79 -18.44 -35.18
C CYS A 294 24.53 -17.00 -34.74
N GLU A 295 24.19 -16.14 -35.70
CA GLU A 295 24.10 -14.71 -35.38
C GLU A 295 22.78 -14.36 -34.70
N GLY A 296 21.67 -14.88 -35.22
CA GLY A 296 20.38 -14.61 -34.65
C GLY A 296 20.16 -15.44 -33.39
N PRO A 297 18.93 -15.47 -32.90
CA PRO A 297 18.61 -16.39 -31.80
C PRO A 297 18.70 -17.82 -32.29
N CYS A 298 19.68 -18.56 -31.78
CA CYS A 298 19.93 -19.90 -32.32
C CYS A 298 18.74 -20.80 -32.02
N PRO A 299 18.35 -21.66 -32.97
CA PRO A 299 17.06 -22.35 -32.86
C PRO A 299 16.95 -23.30 -31.69
N LYS A 300 16.10 -22.93 -30.73
CA LYS A 300 15.79 -23.84 -29.63
C LYS A 300 14.99 -25.03 -30.14
N VAL A 301 14.02 -24.79 -31.02
CA VAL A 301 13.13 -25.82 -31.56
C VAL A 301 12.41 -26.50 -30.41
N CYS A 302 11.24 -25.98 -30.06
CA CYS A 302 10.49 -26.47 -28.91
C CYS A 302 9.36 -27.38 -29.39
N GLU A 303 9.39 -28.62 -28.93
CA GLU A 303 8.39 -29.62 -29.27
C GLU A 303 7.69 -30.06 -28.01
N GLU A 304 6.37 -29.94 -27.98
CA GLU A 304 5.57 -30.32 -26.83
C GLU A 304 4.66 -31.49 -27.20
N GLU A 305 4.46 -32.39 -26.24
CA GLU A 305 3.67 -33.59 -26.50
C GLU A 305 2.20 -33.26 -26.73
N LYS A 306 1.68 -32.23 -26.06
CA LYS A 306 0.29 -31.83 -26.28
C LYS A 306 0.16 -31.15 -27.63
N LYS A 307 -0.91 -31.51 -28.36
CA LYS A 307 -1.06 -31.06 -29.74
C LYS A 307 -1.19 -29.55 -29.83
N THR A 308 -2.03 -28.96 -28.97
CA THR A 308 -2.31 -27.53 -29.00
C THR A 308 -1.92 -26.94 -27.64
N LYS A 309 -0.84 -26.17 -27.63
CA LYS A 309 -0.39 -25.51 -26.41
C LYS A 309 -1.31 -24.35 -26.09
N THR A 310 -1.99 -24.42 -24.95
CA THR A 310 -2.92 -23.37 -24.55
C THR A 310 -2.23 -22.42 -23.59
N ILE A 311 -2.17 -21.14 -23.96
CA ILE A 311 -1.59 -20.13 -23.10
C ILE A 311 -2.71 -19.37 -22.41
N ASP A 312 -3.12 -19.85 -21.24
CA ASP A 312 -4.20 -19.24 -20.48
C ASP A 312 -3.69 -18.39 -19.33
N SER A 313 -2.38 -18.22 -19.22
CA SER A 313 -1.80 -17.44 -18.14
C SER A 313 -0.35 -17.16 -18.51
N VAL A 314 0.24 -16.20 -17.81
CA VAL A 314 1.66 -15.92 -18.03
C VAL A 314 2.51 -17.10 -17.59
N THR A 315 2.03 -17.86 -16.59
CA THR A 315 2.76 -19.04 -16.17
C THR A 315 2.77 -20.11 -17.25
N SER A 316 1.68 -20.25 -17.99
CA SER A 316 1.60 -21.28 -19.01
C SER A 316 2.55 -20.99 -20.17
N ALA A 317 2.74 -19.71 -20.48
CA ALA A 317 3.63 -19.32 -21.58
C ALA A 317 5.09 -19.50 -21.25
N GLN A 318 5.44 -19.79 -19.99
CA GLN A 318 6.83 -19.89 -19.60
C GLN A 318 7.56 -20.99 -20.35
N MET A 319 6.87 -22.09 -20.65
CA MET A 319 7.51 -23.20 -21.35
C MET A 319 7.94 -22.84 -22.76
N LEU A 320 7.46 -21.72 -23.31
CA LEU A 320 7.84 -21.27 -24.64
C LEU A 320 8.96 -20.24 -24.59
N GLN A 321 9.72 -20.18 -23.51
CA GLN A 321 10.76 -19.17 -23.39
C GLN A 321 11.95 -19.53 -24.28
N GLY A 322 12.36 -18.58 -25.12
CA GLY A 322 13.53 -18.76 -25.96
C GLY A 322 13.33 -19.64 -27.18
N CYS A 323 12.12 -20.07 -27.45
CA CYS A 323 11.87 -20.92 -28.61
C CYS A 323 11.90 -20.11 -29.89
N THR A 324 12.46 -20.69 -30.94
CA THR A 324 12.48 -20.07 -32.26
C THR A 324 11.40 -20.64 -33.17
N ILE A 325 11.30 -21.96 -33.24
CA ILE A 325 10.29 -22.65 -34.02
C ILE A 325 9.46 -23.51 -33.08
N PHE A 326 8.15 -23.47 -33.28
CA PHE A 326 7.21 -24.19 -32.42
C PHE A 326 6.52 -25.26 -33.23
N LYS A 327 6.81 -26.52 -32.91
CA LYS A 327 6.17 -27.66 -33.55
C LYS A 327 4.86 -27.95 -32.81
N GLY A 328 3.80 -27.27 -33.21
CA GLY A 328 2.51 -27.47 -32.59
C GLY A 328 1.55 -26.35 -32.96
N ASN A 329 0.53 -26.20 -32.12
CA ASN A 329 -0.50 -25.18 -32.32
C ASN A 329 -0.52 -24.24 -31.12
N LEU A 330 -0.87 -22.99 -31.38
CA LEU A 330 -0.95 -21.96 -30.36
C LEU A 330 -2.42 -21.59 -30.15
N LEU A 331 -2.86 -21.67 -28.90
CA LEU A 331 -4.19 -21.25 -28.49
C LEU A 331 -4.03 -20.27 -27.35
N ILE A 332 -4.28 -18.99 -27.61
CA ILE A 332 -4.08 -17.95 -26.62
C ILE A 332 -5.43 -17.60 -26.02
N ASN A 333 -5.58 -17.86 -24.73
CA ASN A 333 -6.82 -17.58 -24.03
C ASN A 333 -6.47 -16.93 -22.69
N ILE A 334 -6.22 -15.64 -22.70
CA ILE A 334 -5.74 -14.93 -21.51
C ILE A 334 -6.84 -13.98 -21.07
N ARG A 335 -7.57 -14.36 -20.02
CA ARG A 335 -8.62 -13.47 -19.51
C ARG A 335 -8.01 -12.41 -18.61
N ARG A 336 -7.46 -12.84 -17.49
CA ARG A 336 -6.86 -11.92 -16.54
C ARG A 336 -5.35 -11.92 -16.75
N GLY A 337 -4.64 -11.20 -15.89
CA GLY A 337 -3.19 -11.30 -15.86
C GLY A 337 -2.53 -10.07 -15.29
N ASN A 338 -1.20 -10.15 -15.27
CA ASN A 338 -0.30 -9.10 -14.79
C ASN A 338 0.11 -8.19 -15.95
N ASN A 339 1.25 -7.52 -15.84
CA ASN A 339 1.84 -6.83 -16.98
C ASN A 339 2.19 -7.89 -18.03
N ILE A 340 1.35 -8.01 -19.06
CA ILE A 340 1.36 -9.15 -19.95
C ILE A 340 2.18 -8.90 -21.21
N ALA A 341 2.08 -7.69 -21.77
CA ALA A 341 2.74 -7.44 -23.05
C ALA A 341 4.24 -7.62 -22.93
N SER A 342 4.85 -7.14 -21.84
CA SER A 342 6.28 -7.27 -21.66
C SER A 342 6.69 -8.67 -21.23
N GLU A 343 5.76 -9.46 -20.71
CA GLU A 343 6.09 -10.80 -20.22
C GLU A 343 6.02 -11.82 -21.34
N LEU A 344 4.88 -11.86 -22.06
CA LEU A 344 4.79 -12.70 -23.24
C LEU A 344 5.87 -12.36 -24.23
N GLU A 345 6.21 -11.07 -24.33
CA GLU A 345 7.30 -10.67 -25.19
C GLU A 345 8.63 -11.28 -24.76
N ASN A 346 8.81 -11.52 -23.45
CA ASN A 346 10.02 -12.18 -22.99
C ASN A 346 10.00 -13.65 -23.37
N PHE A 347 8.85 -14.31 -23.26
CA PHE A 347 8.83 -15.74 -23.54
C PHE A 347 8.72 -16.03 -25.04
N MET A 348 7.63 -15.61 -25.65
CA MET A 348 7.29 -15.91 -27.04
C MET A 348 7.83 -14.89 -28.03
N GLY A 349 8.55 -13.87 -27.57
CA GLY A 349 9.05 -12.87 -28.49
C GLY A 349 10.05 -13.39 -29.49
N LEU A 350 10.63 -14.55 -29.23
CA LEU A 350 11.61 -15.14 -30.13
C LEU A 350 11.01 -16.16 -31.09
N ILE A 351 9.74 -16.54 -30.91
CA ILE A 351 9.14 -17.50 -31.82
C ILE A 351 9.01 -16.89 -33.20
N GLU A 352 9.46 -17.62 -34.22
CA GLU A 352 9.42 -17.12 -35.59
C GLU A 352 8.52 -17.93 -36.49
N VAL A 353 8.43 -19.24 -36.29
CA VAL A 353 7.68 -20.11 -37.17
C VAL A 353 6.75 -20.98 -36.33
N VAL A 354 5.48 -21.03 -36.72
CA VAL A 354 4.50 -21.90 -36.09
C VAL A 354 4.03 -22.91 -37.13
N THR A 355 4.25 -24.19 -36.83
CA THR A 355 3.92 -25.24 -37.78
C THR A 355 2.42 -25.34 -38.01
N GLY A 356 1.62 -25.17 -36.97
CA GLY A 356 0.18 -25.35 -37.08
C GLY A 356 -0.56 -24.04 -37.17
N TYR A 357 -1.67 -23.93 -36.45
CA TYR A 357 -2.53 -22.76 -36.45
C TYR A 357 -2.37 -21.98 -35.16
N VAL A 358 -2.89 -20.76 -35.17
CA VAL A 358 -2.83 -19.87 -34.02
C VAL A 358 -4.24 -19.36 -33.74
N LYS A 359 -4.71 -19.54 -32.51
CA LYS A 359 -6.05 -19.13 -32.13
C LYS A 359 -6.02 -18.20 -30.93
N ILE A 360 -6.55 -16.99 -31.09
CA ILE A 360 -6.67 -16.03 -30.01
C ILE A 360 -8.13 -15.83 -29.63
N ARG A 361 -8.57 -16.54 -28.59
CA ARG A 361 -9.96 -16.58 -28.17
C ARG A 361 -10.08 -16.05 -26.76
N HIS A 362 -11.08 -15.20 -26.54
CA HIS A 362 -11.40 -14.67 -25.22
C HIS A 362 -10.23 -13.93 -24.58
N SER A 363 -9.19 -13.61 -25.33
CA SER A 363 -7.98 -13.08 -24.72
C SER A 363 -8.20 -11.65 -24.28
N HIS A 364 -8.98 -11.48 -23.23
CA HIS A 364 -9.56 -10.17 -22.95
C HIS A 364 -8.54 -9.15 -22.51
N ALA A 365 -7.34 -9.58 -22.12
CA ALA A 365 -6.34 -8.61 -21.72
C ALA A 365 -5.53 -8.07 -22.89
N LEU A 366 -5.44 -8.83 -23.98
CA LEU A 366 -4.57 -8.44 -25.08
C LEU A 366 -5.16 -7.25 -25.82
N VAL A 367 -4.44 -6.14 -25.84
CA VAL A 367 -4.80 -5.03 -26.71
C VAL A 367 -4.04 -5.06 -28.03
N SER A 368 -2.93 -5.77 -28.09
CA SER A 368 -2.20 -5.96 -29.33
C SER A 368 -1.42 -7.27 -29.26
N LEU A 369 -1.13 -7.83 -30.42
CA LEU A 369 -0.35 -9.05 -30.50
C LEU A 369 1.13 -8.79 -30.67
N SER A 370 1.60 -7.61 -30.27
CA SER A 370 2.98 -7.21 -30.53
C SER A 370 4.00 -8.12 -29.84
N PHE A 371 3.58 -8.88 -28.84
CA PHE A 371 4.53 -9.76 -28.17
C PHE A 371 5.05 -10.86 -29.09
N LEU A 372 4.39 -11.09 -30.23
CA LEU A 372 4.87 -12.04 -31.21
C LEU A 372 5.58 -11.30 -32.36
N LYS A 373 6.76 -10.75 -32.04
CA LYS A 373 7.47 -9.93 -33.02
C LYS A 373 8.12 -10.75 -34.13
N ASN A 374 9.04 -11.63 -33.76
CA ASN A 374 9.82 -12.36 -34.75
C ASN A 374 8.99 -13.39 -35.50
N LEU A 375 7.72 -13.53 -35.15
CA LEU A 375 6.86 -14.48 -35.84
C LEU A 375 6.63 -14.01 -37.27
N ARG A 376 7.27 -14.67 -38.23
CA ARG A 376 7.17 -14.31 -39.63
C ARG A 376 6.60 -15.42 -40.50
N LEU A 377 6.35 -16.61 -39.95
CA LEU A 377 5.89 -17.73 -40.75
C LEU A 377 4.88 -18.54 -39.97
N ILE A 378 3.73 -18.78 -40.58
CA ILE A 378 2.72 -19.67 -40.03
C ILE A 378 2.37 -20.68 -41.11
N LEU A 379 2.64 -21.96 -40.85
CA LEU A 379 2.51 -22.94 -41.90
C LEU A 379 1.09 -23.45 -42.09
N GLY A 380 0.58 -24.19 -41.11
CA GLY A 380 -0.76 -24.74 -41.27
C GLY A 380 -0.84 -26.25 -41.32
N GLU A 381 0.12 -26.96 -40.72
CA GLU A 381 0.10 -28.42 -40.75
C GLU A 381 -1.25 -28.96 -40.29
N GLU A 382 -1.75 -28.45 -39.18
CA GLU A 382 -3.09 -28.76 -38.71
C GLU A 382 -3.90 -27.49 -38.67
N GLN A 383 -5.13 -27.55 -39.17
CA GLN A 383 -5.97 -26.37 -39.26
C GLN A 383 -7.29 -26.64 -38.54
N LEU A 384 -7.83 -25.59 -37.92
CA LEU A 384 -9.11 -25.70 -37.26
C LEU A 384 -10.20 -26.12 -38.26
N GLU A 385 -11.29 -26.63 -37.73
CA GLU A 385 -12.37 -27.11 -38.58
C GLU A 385 -12.85 -25.99 -39.49
N GLY A 386 -12.86 -26.26 -40.79
CA GLY A 386 -13.10 -25.22 -41.76
C GLY A 386 -11.86 -24.66 -42.40
N ASN A 387 -10.70 -25.28 -42.19
CA ASN A 387 -9.44 -24.85 -42.80
C ASN A 387 -9.12 -23.40 -42.42
N TYR A 388 -8.90 -23.22 -41.12
CA TYR A 388 -8.52 -21.94 -40.56
C TYR A 388 -7.16 -22.04 -39.89
N SER A 389 -6.25 -21.14 -40.26
CA SER A 389 -4.95 -21.11 -39.65
C SER A 389 -4.80 -19.97 -38.65
N PHE A 390 -5.56 -18.90 -38.81
CA PHE A 390 -5.53 -17.77 -37.91
C PHE A 390 -6.95 -17.47 -37.47
N TYR A 391 -7.22 -17.64 -36.18
CA TYR A 391 -8.60 -17.65 -35.68
C TYR A 391 -8.65 -16.83 -34.39
N VAL A 392 -9.24 -15.65 -34.46
CA VAL A 392 -9.44 -14.82 -33.30
C VAL A 392 -10.93 -14.65 -33.06
N LEU A 393 -11.30 -14.47 -31.79
CA LEU A 393 -12.70 -14.43 -31.40
C LEU A 393 -12.87 -13.85 -30.02
N ASP A 394 -13.87 -12.97 -29.86
CA ASP A 394 -14.20 -12.38 -28.57
C ASP A 394 -13.02 -11.62 -27.98
N ASN A 395 -12.34 -10.86 -28.84
CA ASN A 395 -11.25 -10.00 -28.39
C ASN A 395 -11.86 -8.67 -27.96
N GLN A 396 -12.31 -8.63 -26.70
CA GLN A 396 -13.08 -7.49 -26.23
C GLN A 396 -12.27 -6.20 -26.25
N ASN A 397 -11.01 -6.24 -25.83
CA ASN A 397 -10.19 -5.04 -25.77
C ASN A 397 -9.01 -5.06 -26.71
N LEU A 398 -9.00 -5.96 -27.69
CA LEU A 398 -7.89 -6.05 -28.64
C LEU A 398 -8.10 -5.03 -29.75
N GLN A 399 -7.33 -3.95 -29.73
CA GLN A 399 -7.57 -2.87 -30.68
C GLN A 399 -6.77 -3.02 -31.96
N GLN A 400 -5.57 -3.58 -31.88
CA GLN A 400 -4.70 -3.75 -33.04
C GLN A 400 -4.03 -5.12 -33.01
N LEU A 401 -3.77 -5.67 -34.18
CA LEU A 401 -2.93 -6.85 -34.27
C LEU A 401 -1.47 -6.44 -34.10
N TRP A 402 -0.57 -7.40 -34.27
CA TRP A 402 0.83 -7.04 -34.43
C TRP A 402 1.17 -6.69 -35.87
N ASP A 403 0.16 -6.53 -36.72
CA ASP A 403 0.37 -6.26 -38.15
C ASP A 403 0.42 -4.75 -38.36
N TRP A 404 1.59 -4.19 -38.15
CA TRP A 404 1.90 -2.85 -38.61
C TRP A 404 2.87 -2.94 -39.78
N ASP A 405 3.06 -1.81 -40.46
CA ASP A 405 3.76 -1.78 -41.74
C ASP A 405 5.23 -2.15 -41.61
N HIS A 406 5.70 -2.43 -40.40
CA HIS A 406 7.09 -2.82 -40.18
C HIS A 406 7.28 -4.33 -40.18
N ARG A 407 6.34 -5.08 -39.64
CA ARG A 407 6.50 -6.51 -39.48
C ARG A 407 6.08 -7.25 -40.74
N ASN A 408 6.69 -8.42 -40.93
CA ASN A 408 6.37 -9.31 -42.04
C ASN A 408 5.65 -10.53 -41.51
N LEU A 409 4.90 -11.17 -42.40
CA LEU A 409 4.14 -12.34 -42.02
C LEU A 409 3.76 -13.10 -43.28
N THR A 410 3.66 -14.41 -43.16
CA THR A 410 3.25 -15.26 -44.27
C THR A 410 2.54 -16.47 -43.71
N ILE A 411 1.26 -16.63 -44.04
CA ILE A 411 0.51 -17.82 -43.70
C ILE A 411 0.49 -18.71 -44.93
N LYS A 412 1.10 -19.89 -44.84
CA LYS A 412 1.25 -20.73 -46.02
C LYS A 412 -0.08 -21.32 -46.44
N ALA A 413 -0.84 -21.86 -45.49
CA ALA A 413 -2.11 -22.48 -45.82
C ALA A 413 -3.11 -22.20 -44.70
N GLY A 414 -4.38 -22.11 -45.07
CA GLY A 414 -5.45 -21.85 -44.13
C GLY A 414 -6.11 -20.51 -44.39
N LYS A 415 -7.22 -20.30 -43.69
CA LYS A 415 -8.00 -19.08 -43.78
C LYS A 415 -7.90 -18.31 -42.46
N MET A 416 -8.52 -17.13 -42.44
CA MET A 416 -8.54 -16.27 -41.27
C MET A 416 -9.98 -15.92 -40.92
N TYR A 417 -10.32 -16.02 -39.63
CA TYR A 417 -11.66 -15.76 -39.15
C TYR A 417 -11.62 -14.72 -38.05
N PHE A 418 -12.45 -13.69 -38.17
CA PHE A 418 -12.51 -12.60 -37.19
C PHE A 418 -13.95 -12.37 -36.80
N ALA A 419 -14.25 -12.37 -35.50
CA ALA A 419 -15.63 -12.22 -35.07
C ALA A 419 -15.71 -11.70 -33.64
N PHE A 420 -16.67 -10.80 -33.42
CA PHE A 420 -16.92 -10.21 -32.10
C PHE A 420 -15.68 -9.50 -31.59
N ASN A 421 -15.08 -8.68 -32.46
CA ASN A 421 -13.81 -8.02 -32.20
C ASN A 421 -14.06 -6.51 -32.21
N PRO A 422 -14.71 -5.99 -31.17
CA PRO A 422 -15.16 -4.59 -31.23
C PRO A 422 -14.05 -3.57 -31.37
N LYS A 423 -13.01 -3.62 -30.55
CA LYS A 423 -12.05 -2.52 -30.54
C LYS A 423 -11.16 -2.51 -31.78
N LEU A 424 -10.91 -3.68 -32.36
CA LEU A 424 -10.05 -3.73 -33.55
C LEU A 424 -10.81 -3.23 -34.78
N CYS A 425 -10.16 -2.37 -35.55
CA CYS A 425 -10.75 -1.81 -36.77
C CYS A 425 -10.63 -2.79 -37.93
N VAL A 426 -11.70 -2.93 -38.72
CA VAL A 426 -11.74 -3.89 -39.81
C VAL A 426 -10.70 -3.60 -40.89
N SER A 427 -10.30 -2.33 -41.03
CA SER A 427 -9.27 -1.99 -42.00
C SER A 427 -7.94 -2.61 -41.63
N GLU A 428 -7.67 -2.80 -40.34
CA GLU A 428 -6.42 -3.40 -39.93
C GLU A 428 -6.31 -4.84 -40.41
N ILE A 429 -7.39 -5.60 -40.31
CA ILE A 429 -7.32 -6.98 -40.75
C ILE A 429 -7.38 -7.08 -42.27
N TYR A 430 -7.95 -6.08 -42.93
CA TYR A 430 -7.80 -6.05 -44.39
C TYR A 430 -6.33 -5.83 -44.76
N ARG A 431 -5.64 -4.96 -44.03
CA ARG A 431 -4.22 -4.75 -44.29
C ARG A 431 -3.39 -5.99 -43.94
N MET A 432 -3.88 -6.82 -43.03
CA MET A 432 -3.12 -8.01 -42.65
C MET A 432 -2.97 -8.98 -43.82
N GLU A 433 -4.08 -9.30 -44.50
CA GLU A 433 -4.03 -10.32 -45.55
C GLU A 433 -3.20 -9.89 -46.75
N GLU A 434 -2.83 -8.61 -46.86
CA GLU A 434 -1.89 -8.21 -47.89
C GLU A 434 -0.53 -8.83 -47.65
N VAL A 435 0.00 -8.67 -46.44
CA VAL A 435 1.28 -9.29 -46.10
C VAL A 435 1.10 -10.79 -45.97
N THR A 436 -0.03 -11.23 -45.41
CA THR A 436 -0.26 -12.65 -45.19
C THR A 436 -0.32 -13.42 -46.51
N GLY A 437 -0.89 -12.80 -47.54
CA GLY A 437 -1.03 -13.47 -48.83
C GLY A 437 -2.29 -14.27 -48.99
N THR A 438 -3.34 -13.95 -48.24
CA THR A 438 -4.61 -14.69 -48.30
C THR A 438 -5.74 -13.70 -48.54
N LYS A 439 -5.57 -12.85 -49.55
CA LYS A 439 -6.56 -11.80 -49.82
C LYS A 439 -7.92 -12.40 -50.18
N GLY A 440 -7.94 -13.28 -51.18
CA GLY A 440 -9.22 -13.80 -51.66
C GLY A 440 -9.51 -15.20 -51.19
N ARG A 441 -8.84 -15.65 -50.14
CA ARG A 441 -9.00 -17.02 -49.67
C ARG A 441 -10.16 -17.20 -48.71
N GLN A 442 -10.46 -16.19 -47.88
CA GLN A 442 -11.51 -16.33 -46.90
C GLN A 442 -12.89 -16.16 -47.55
N SER A 443 -13.92 -16.45 -46.76
CA SER A 443 -15.30 -16.34 -47.21
C SER A 443 -15.84 -14.95 -46.88
N LYS A 444 -17.14 -14.76 -47.11
CA LYS A 444 -17.77 -13.47 -46.82
C LYS A 444 -18.13 -13.32 -45.35
N GLY A 445 -18.30 -14.42 -44.62
CA GLY A 445 -18.66 -14.34 -43.21
C GLY A 445 -17.46 -14.44 -42.30
N ASP A 446 -16.29 -14.78 -42.86
CA ASP A 446 -15.09 -14.89 -42.06
C ASP A 446 -14.66 -13.52 -41.54
N ILE A 447 -14.83 -12.49 -42.34
CA ILE A 447 -14.58 -11.12 -41.93
C ILE A 447 -15.87 -10.35 -42.09
N ASN A 448 -16.53 -10.03 -40.98
CA ASN A 448 -17.77 -9.30 -40.99
C ASN A 448 -17.60 -8.00 -40.21
N THR A 449 -18.26 -6.95 -40.68
CA THR A 449 -18.18 -5.64 -40.07
C THR A 449 -19.22 -5.41 -38.98
N ARG A 450 -20.10 -6.37 -38.74
CA ARG A 450 -21.17 -6.16 -37.76
C ARG A 450 -20.62 -6.19 -36.34
N ASN A 451 -20.07 -7.33 -35.92
CA ASN A 451 -19.55 -7.46 -34.58
C ASN A 451 -18.08 -7.12 -34.47
N ASN A 452 -17.46 -6.71 -35.57
CA ASN A 452 -16.08 -6.26 -35.57
C ASN A 452 -16.04 -4.80 -35.96
N GLY A 453 -15.17 -4.03 -35.30
CA GLY A 453 -15.17 -2.59 -35.46
C GLY A 453 -16.43 -1.91 -35.00
N GLU A 454 -17.27 -2.62 -34.25
CA GLU A 454 -18.60 -2.12 -33.91
C GLU A 454 -18.53 -0.76 -33.22
N ARG A 455 -17.73 -0.66 -32.17
CA ARG A 455 -17.56 0.58 -31.43
C ARG A 455 -16.11 1.02 -31.44
N ALA A 456 -15.42 0.81 -32.55
CA ALA A 456 -14.01 1.13 -32.64
C ALA A 456 -13.80 2.64 -32.68
N SER A 457 -12.75 3.09 -32.00
CA SER A 457 -12.41 4.50 -31.97
C SER A 457 -11.20 4.85 -32.83
N CYS A 458 -10.60 3.86 -33.50
CA CYS A 458 -9.55 4.15 -34.46
C CYS A 458 -10.11 4.98 -35.61
N GLU A 459 -11.34 4.69 -36.04
CA GLU A 459 -11.97 5.44 -37.12
C GLU A 459 -12.35 6.85 -36.69
N SER A 460 -12.30 7.18 -35.41
CA SER A 460 -12.74 8.49 -34.94
C SER A 460 -11.92 9.60 -35.57
N ASP A 461 -12.59 10.68 -35.94
CA ASP A 461 -11.91 11.82 -36.54
C ASP A 461 -10.93 12.44 -35.54
N VAL A 462 -9.75 12.81 -36.04
CA VAL A 462 -8.72 13.33 -35.17
C VAL A 462 -9.04 14.77 -34.79
N LEU A 463 -8.86 15.09 -33.51
CA LEU A 463 -8.94 16.47 -33.04
C LEU A 463 -7.58 17.13 -33.26
N HIS A 464 -7.29 17.39 -34.54
CA HIS A 464 -5.97 17.86 -34.95
C HIS A 464 -5.55 19.08 -34.15
N PHE A 465 -4.39 18.98 -33.53
CA PHE A 465 -3.84 20.12 -32.82
C PHE A 465 -3.42 21.21 -33.80
N THR A 466 -3.45 22.45 -33.34
CA THR A 466 -3.18 23.59 -34.21
C THR A 466 -1.92 24.35 -33.83
N SER A 467 -1.68 24.57 -32.53
CA SER A 467 -0.51 25.32 -32.11
C SER A 467 -0.17 24.97 -30.67
N THR A 468 1.11 25.06 -30.32
CA THR A 468 1.59 24.84 -28.97
C THR A 468 2.59 25.93 -28.60
N THR A 469 2.44 26.47 -27.39
CA THR A 469 3.35 27.48 -26.87
C THR A 469 3.81 27.04 -25.49
N THR A 470 5.13 27.06 -25.28
CA THR A 470 5.73 26.47 -24.10
C THR A 470 6.53 27.52 -23.34
N SER A 471 6.38 27.51 -22.01
CA SER A 471 7.14 28.35 -21.10
C SER A 471 7.79 27.46 -20.06
N LYS A 472 8.32 28.04 -18.99
CA LYS A 472 8.93 27.23 -17.94
C LYS A 472 7.89 26.41 -17.17
N ASN A 473 6.68 26.93 -17.00
CA ASN A 473 5.66 26.23 -16.23
C ASN A 473 4.27 26.28 -16.86
N ARG A 474 4.09 26.95 -18.00
CA ARG A 474 2.81 27.05 -18.64
C ARG A 474 2.89 26.54 -20.07
N ILE A 475 1.81 25.93 -20.53
CA ILE A 475 1.70 25.42 -21.88
C ILE A 475 0.36 25.85 -22.45
N ILE A 476 0.38 26.54 -23.59
CA ILE A 476 -0.82 26.90 -24.31
C ILE A 476 -0.90 26.01 -25.55
N ILE A 477 -1.99 25.28 -25.68
CA ILE A 477 -2.17 24.34 -26.79
C ILE A 477 -3.61 24.46 -27.29
N THR A 478 -3.79 24.52 -28.60
CA THR A 478 -5.09 24.67 -29.21
C THR A 478 -5.27 23.61 -30.31
N TRP A 479 -6.50 23.15 -30.47
CA TRP A 479 -6.86 22.19 -31.50
C TRP A 479 -7.96 22.79 -32.38
N HIS A 480 -8.13 22.19 -33.55
CA HIS A 480 -9.10 22.69 -34.52
C HIS A 480 -10.52 22.51 -34.02
N ARG A 481 -11.40 23.43 -34.42
CA ARG A 481 -12.81 23.30 -34.09
C ARG A 481 -13.39 22.04 -34.72
N TYR A 482 -14.27 21.37 -33.98
CA TYR A 482 -14.82 20.08 -34.38
C TYR A 482 -16.32 20.20 -34.55
N ARG A 483 -16.78 20.06 -35.78
CA ARG A 483 -18.21 19.99 -36.06
C ARG A 483 -18.68 18.56 -35.89
N PRO A 484 -19.67 18.30 -35.03
CA PRO A 484 -20.11 16.92 -34.79
C PRO A 484 -20.75 16.34 -36.04
N PRO A 485 -20.77 15.00 -36.17
CA PRO A 485 -21.38 14.39 -37.36
C PRO A 485 -22.85 14.74 -37.53
N ASP A 486 -23.60 14.90 -36.44
CA ASP A 486 -24.97 15.36 -36.50
C ASP A 486 -25.04 16.84 -36.12
N TYR A 487 -26.04 17.52 -36.68
CA TYR A 487 -26.22 18.94 -36.39
C TYR A 487 -26.62 19.17 -34.93
N ARG A 488 -27.38 18.25 -34.35
CA ARG A 488 -27.96 18.45 -33.04
C ARG A 488 -27.02 18.12 -31.88
N ASP A 489 -25.91 17.44 -32.14
CA ASP A 489 -25.05 16.97 -31.06
C ASP A 489 -24.42 18.12 -30.31
N LEU A 490 -24.51 18.09 -28.98
CA LEU A 490 -23.82 19.06 -28.14
C LEU A 490 -22.37 18.61 -27.98
N ILE A 491 -21.44 19.53 -28.23
CA ILE A 491 -20.02 19.21 -28.30
C ILE A 491 -19.29 19.87 -27.16
N SER A 492 -18.42 19.11 -26.50
CA SER A 492 -17.52 19.63 -25.48
C SER A 492 -16.20 18.86 -25.60
N PHE A 493 -15.18 19.37 -24.92
CA PHE A 493 -13.84 18.81 -25.01
C PHE A 493 -13.32 18.42 -23.64
N THR A 494 -12.34 17.51 -23.64
CA THR A 494 -11.66 17.07 -22.43
C THR A 494 -10.19 16.91 -22.73
N VAL A 495 -9.34 17.54 -21.93
CA VAL A 495 -7.90 17.54 -22.13
C VAL A 495 -7.26 16.55 -21.17
N TYR A 496 -6.56 15.57 -21.72
CA TYR A 496 -5.82 14.60 -20.92
C TYR A 496 -4.34 14.93 -21.01
N TYR A 497 -3.73 15.24 -19.87
CA TYR A 497 -2.31 15.53 -19.83
C TYR A 497 -1.69 14.91 -18.59
N LYS A 498 -0.47 14.42 -18.73
CA LYS A 498 0.27 13.87 -17.60
C LYS A 498 1.76 13.92 -17.92
N GLU A 499 2.56 13.92 -16.86
CA GLU A 499 4.01 13.91 -17.00
C GLU A 499 4.47 12.52 -17.45
N ALA A 500 5.09 12.44 -18.62
CA ALA A 500 5.58 11.18 -19.16
C ALA A 500 7.09 11.24 -19.30
N PRO A 501 7.85 10.43 -18.58
CA PRO A 501 9.31 10.45 -18.75
C PRO A 501 9.75 10.12 -20.16
N PHE A 502 9.11 9.12 -20.78
CA PHE A 502 9.39 8.79 -22.16
C PHE A 502 8.06 8.50 -22.85
N LYS A 503 8.13 8.07 -24.10
CA LYS A 503 6.98 8.09 -25.00
C LYS A 503 6.09 6.87 -24.89
N ASN A 504 6.55 5.77 -24.31
CA ASN A 504 5.72 4.58 -24.31
C ASN A 504 4.56 4.76 -23.35
N VAL A 505 3.54 5.49 -23.81
CA VAL A 505 2.40 5.89 -23.01
C VAL A 505 1.14 5.42 -23.69
N THR A 506 0.29 4.72 -22.94
CA THR A 506 -1.01 4.27 -23.42
C THR A 506 -2.11 5.17 -22.85
N GLU A 507 -3.22 5.25 -23.58
CA GLU A 507 -4.34 6.06 -23.11
C GLU A 507 -5.05 5.44 -21.93
N TYR A 508 -4.96 4.13 -21.76
CA TYR A 508 -5.59 3.43 -20.65
C TYR A 508 -4.54 3.19 -19.56
N ASP A 509 -4.68 3.90 -18.44
CA ASP A 509 -3.78 3.74 -17.30
C ASP A 509 -4.53 3.90 -15.99
N SER A 518 -3.34 8.63 -13.39
CA SER A 518 -2.26 9.19 -14.19
C SER A 518 -2.69 10.47 -14.90
N TRP A 519 -3.66 10.34 -15.81
CA TRP A 519 -4.06 11.45 -16.65
C TRP A 519 -4.79 12.51 -15.83
N ASN A 520 -4.34 13.75 -15.95
CA ASN A 520 -5.07 14.89 -15.41
C ASN A 520 -6.02 15.40 -16.48
N MET A 521 -7.28 15.59 -16.11
CA MET A 521 -8.35 15.87 -17.05
C MET A 521 -8.98 17.22 -16.75
N VAL A 522 -9.11 18.05 -17.79
CA VAL A 522 -9.72 19.36 -17.69
C VAL A 522 -10.73 19.49 -18.82
N ASP A 523 -11.96 19.85 -18.48
CA ASP A 523 -13.04 20.00 -19.45
C ASP A 523 -13.13 21.46 -19.87
N VAL A 524 -12.76 21.74 -21.12
CA VAL A 524 -12.87 23.07 -21.71
C VAL A 524 -13.98 23.04 -22.75
N ASP A 525 -14.81 24.07 -22.72
CA ASP A 525 -15.95 24.14 -23.64
C ASP A 525 -15.54 24.78 -24.96
N LEU A 526 -16.33 24.51 -25.98
CA LEU A 526 -16.13 25.16 -27.27
C LEU A 526 -16.36 26.66 -27.12
N PRO A 527 -15.45 27.50 -27.61
CA PRO A 527 -15.63 28.95 -27.42
C PRO A 527 -16.84 29.43 -28.19
N PRO A 528 -17.50 30.49 -27.70
CA PRO A 528 -18.71 30.98 -28.37
C PRO A 528 -18.43 31.53 -29.76
N ASN A 529 -17.43 32.40 -29.88
CA ASN A 529 -17.06 32.92 -31.18
C ASN A 529 -16.48 31.82 -32.05
N LYS A 530 -16.98 31.71 -33.28
CA LYS A 530 -16.55 30.66 -34.19
C LYS A 530 -15.18 30.96 -34.82
N ASP A 531 -14.68 32.18 -34.68
CA ASP A 531 -13.37 32.51 -35.24
C ASP A 531 -12.22 32.02 -34.37
N VAL A 532 -12.44 31.94 -33.06
CA VAL A 532 -11.41 31.44 -32.15
C VAL A 532 -11.57 29.93 -32.00
N GLU A 533 -10.47 29.22 -31.98
CA GLU A 533 -10.51 27.78 -31.85
C GLU A 533 -10.32 27.37 -30.39
N PRO A 534 -10.87 26.22 -29.99
CA PRO A 534 -10.74 25.81 -28.58
C PRO A 534 -9.30 25.56 -28.19
N GLY A 535 -8.96 25.97 -26.98
CA GLY A 535 -7.63 25.78 -26.44
C GLY A 535 -7.70 25.63 -24.94
N ILE A 536 -6.54 25.45 -24.33
CA ILE A 536 -6.45 25.30 -22.88
C ILE A 536 -5.09 25.82 -22.44
N LEU A 537 -5.06 26.43 -21.25
CA LEU A 537 -3.83 26.90 -20.64
C LEU A 537 -3.51 26.02 -19.44
N LEU A 538 -2.34 25.41 -19.45
CA LEU A 538 -1.87 24.58 -18.34
C LEU A 538 -0.98 25.42 -17.45
N HIS A 539 -1.22 25.37 -16.14
CA HIS A 539 -0.48 26.17 -15.18
C HIS A 539 0.10 25.27 -14.11
N GLY A 540 1.31 25.60 -13.66
CA GLY A 540 1.97 24.83 -12.62
C GLY A 540 2.60 23.56 -13.13
N LEU A 541 3.57 23.68 -14.02
CA LEU A 541 4.26 22.53 -14.60
C LEU A 541 5.75 22.61 -14.28
N LYS A 542 6.37 21.44 -14.20
CA LYS A 542 7.79 21.37 -13.88
C LYS A 542 8.62 21.82 -15.09
N PRO A 543 9.59 22.71 -14.90
CA PRO A 543 10.43 23.13 -16.03
C PRO A 543 11.22 21.96 -16.60
N TRP A 544 11.40 22.00 -17.93
CA TRP A 544 12.04 20.91 -18.67
C TRP A 544 11.43 19.56 -18.29
N THR A 545 10.17 19.35 -18.67
CA THR A 545 9.51 18.10 -18.39
C THR A 545 8.61 17.75 -19.56
N GLN A 546 8.73 16.52 -20.06
CA GLN A 546 7.95 16.09 -21.22
C GLN A 546 6.57 15.65 -20.78
N TYR A 547 5.54 16.29 -21.31
CA TYR A 547 4.16 16.02 -20.97
C TYR A 547 3.44 15.38 -22.16
N ALA A 548 2.67 14.35 -21.87
CA ALA A 548 1.85 13.69 -22.88
C ALA A 548 0.44 14.28 -22.86
N VAL A 549 0.04 14.88 -23.97
CA VAL A 549 -1.23 15.60 -24.05
C VAL A 549 -2.05 15.06 -25.20
N TYR A 550 -3.33 14.83 -24.96
CA TYR A 550 -4.27 14.49 -26.02
C TYR A 550 -5.66 14.93 -25.59
N VAL A 551 -6.46 15.32 -26.58
CA VAL A 551 -7.79 15.87 -26.35
C VAL A 551 -8.82 14.90 -26.86
N LYS A 552 -9.89 14.71 -26.08
CA LYS A 552 -11.03 13.90 -26.46
C LYS A 552 -12.27 14.77 -26.49
N ALA A 553 -13.14 14.50 -27.46
CA ALA A 553 -14.36 15.28 -27.64
C ALA A 553 -15.52 14.63 -26.90
N VAL A 554 -16.40 15.45 -26.33
CA VAL A 554 -17.58 14.97 -25.64
C VAL A 554 -18.80 15.26 -26.50
N THR A 555 -19.20 14.27 -27.31
CA THR A 555 -20.32 14.42 -28.23
C THR A 555 -21.55 13.79 -27.59
N LEU A 556 -22.43 14.64 -27.05
CA LEU A 556 -23.67 14.19 -26.44
C LEU A 556 -24.74 14.16 -27.53
N THR A 557 -24.99 12.98 -28.08
CA THR A 557 -25.90 12.85 -29.22
C THR A 557 -27.35 12.83 -28.74
N MET A 558 -28.16 13.76 -29.25
CA MET A 558 -29.58 13.76 -28.94
C MET A 558 -30.27 12.56 -29.55
N VAL A 559 -29.90 12.20 -30.78
CA VAL A 559 -30.41 11.01 -31.43
C VAL A 559 -29.41 9.90 -31.16
N GLU A 560 -29.79 8.97 -30.28
CA GLU A 560 -28.87 7.91 -29.83
C GLU A 560 -28.70 6.90 -30.96
N ASN A 561 -27.90 7.28 -31.94
CA ASN A 561 -27.54 6.38 -33.03
C ASN A 561 -26.42 5.46 -32.54
N ASP A 562 -26.65 4.16 -32.62
CA ASP A 562 -25.62 3.21 -32.20
C ASP A 562 -24.42 3.17 -33.15
N HIS A 563 -24.39 4.04 -34.16
CA HIS A 563 -23.20 4.24 -34.99
C HIS A 563 -22.33 5.34 -34.40
N ILE A 564 -21.91 5.14 -33.15
CA ILE A 564 -21.15 6.14 -32.41
C ILE A 564 -19.68 5.75 -32.41
N ARG A 565 -18.83 6.70 -32.80
CA ARG A 565 -17.40 6.54 -32.71
C ARG A 565 -16.73 7.59 -31.85
N GLY A 566 -17.35 8.76 -31.67
CA GLY A 566 -16.72 9.82 -30.93
C GLY A 566 -15.60 10.47 -31.73
N ALA A 567 -14.77 11.23 -31.01
CA ALA A 567 -13.59 11.85 -31.61
C ALA A 567 -12.46 11.88 -30.58
N LYS A 568 -11.23 11.88 -31.08
CA LYS A 568 -10.06 11.86 -30.21
C LYS A 568 -8.89 12.44 -30.98
N SER A 569 -7.79 12.66 -30.27
CA SER A 569 -6.60 13.28 -30.83
C SER A 569 -5.38 12.39 -30.61
N GLU A 570 -4.30 12.71 -31.32
CA GLU A 570 -3.05 11.98 -31.19
C GLU A 570 -2.33 12.36 -29.90
N ILE A 571 -1.55 11.43 -29.38
CA ILE A 571 -0.75 11.70 -28.18
C ILE A 571 0.37 12.66 -28.54
N LEU A 572 0.30 13.88 -28.04
CA LEU A 572 1.30 14.90 -28.31
C LEU A 572 2.23 15.03 -27.11
N TYR A 573 3.53 14.93 -27.36
CA TYR A 573 4.53 15.06 -26.32
C TYR A 573 5.12 16.47 -26.36
N ILE A 574 4.94 17.19 -25.26
CA ILE A 574 5.38 18.58 -25.17
C ILE A 574 6.25 18.71 -23.93
N ARG A 575 7.45 19.27 -24.11
CA ARG A 575 8.35 19.56 -23.02
C ARG A 575 8.43 21.07 -22.85
N THR A 576 8.22 21.54 -21.61
CA THR A 576 8.23 23.00 -21.32
C THR A 576 9.54 23.61 -21.83
N ASN A 577 9.50 24.88 -22.24
CA ASN A 577 10.73 25.57 -22.73
C ASN A 577 11.85 25.35 -21.71
N ALA A 578 13.04 24.98 -22.18
CA ALA A 578 14.19 24.75 -21.27
C ALA A 578 14.29 25.94 -20.32
N SER A 579 14.13 25.70 -19.01
CA SER A 579 14.17 26.80 -18.02
C SER A 579 15.52 26.80 -17.30
N VAL A 580 15.86 27.90 -16.61
CA VAL A 580 17.13 27.96 -15.84
C VAL A 580 17.33 26.61 -15.14
N PRO A 581 18.48 25.91 -15.37
CA PRO A 581 18.73 24.61 -14.77
C PRO A 581 18.67 24.65 -13.26
N SER A 582 18.74 23.47 -12.65
CA SER A 582 18.77 23.36 -11.20
C SER A 582 20.18 23.62 -10.67
N ILE A 583 20.27 23.80 -9.36
CA ILE A 583 21.55 24.03 -8.69
C ILE A 583 22.36 22.73 -8.70
N PRO A 584 23.68 22.79 -8.75
CA PRO A 584 24.48 21.57 -8.62
C PRO A 584 24.26 20.90 -7.27
N LEU A 585 24.37 19.58 -7.27
CA LEU A 585 24.04 18.77 -6.10
C LEU A 585 25.29 18.33 -5.38
N ASP A 586 25.29 18.46 -4.05
CA ASP A 586 26.31 17.88 -3.17
C ASP A 586 27.70 18.41 -3.51
N VAL A 587 27.88 19.70 -3.28
CA VAL A 587 29.16 20.36 -3.50
C VAL A 587 30.09 20.04 -2.33
N LEU A 588 31.16 19.31 -2.60
CA LEU A 588 32.16 18.97 -1.60
C LEU A 588 33.52 19.52 -2.02
N SER A 589 34.29 19.99 -1.04
CA SER A 589 35.58 20.61 -1.31
C SER A 589 36.61 20.16 -0.28
N ALA A 590 37.86 20.08 -0.71
CA ALA A 590 38.97 19.72 0.16
C ALA A 590 40.22 20.42 -0.34
N SER A 591 41.27 20.36 0.47
CA SER A 591 42.54 21.02 0.18
C SER A 591 43.67 20.01 0.35
N ASN A 592 44.23 19.54 -0.77
CA ASN A 592 45.37 18.63 -0.73
C ASN A 592 46.69 19.37 -0.56
N SER A 593 46.72 20.67 -0.79
CA SER A 593 47.95 21.45 -0.68
C SER A 593 47.58 22.91 -0.49
N SER A 594 48.55 23.69 -0.01
CA SER A 594 48.36 25.13 0.11
C SER A 594 48.21 25.76 -1.28
N SER A 595 47.43 26.84 -1.33
CA SER A 595 47.13 27.55 -2.57
C SER A 595 46.39 26.69 -3.58
N GLN A 596 45.75 25.61 -3.13
CA GLN A 596 44.99 24.73 -4.01
C GLN A 596 43.73 24.26 -3.29
N LEU A 597 42.64 24.18 -4.05
CA LEU A 597 41.36 23.69 -3.52
C LEU A 597 40.72 22.81 -4.58
N ILE A 598 40.45 21.56 -4.21
CA ILE A 598 39.77 20.61 -5.09
C ILE A 598 38.30 20.58 -4.72
N VAL A 599 37.43 20.66 -5.72
CA VAL A 599 35.99 20.69 -5.52
C VAL A 599 35.35 19.69 -6.47
N LYS A 600 34.39 18.93 -5.95
CA LYS A 600 33.60 18.00 -6.76
C LYS A 600 32.12 18.19 -6.44
N TRP A 601 31.27 17.86 -7.41
CA TRP A 601 29.83 18.02 -7.25
C TRP A 601 29.13 17.03 -8.17
N ASN A 602 27.80 17.02 -8.09
CA ASN A 602 26.95 16.18 -8.92
C ASN A 602 26.15 17.03 -9.90
N PRO A 603 25.71 16.46 -11.00
CA PRO A 603 24.84 17.19 -11.94
C PRO A 603 23.55 17.61 -11.27
N PRO A 604 22.92 18.69 -11.74
CA PRO A 604 21.71 19.19 -11.08
C PRO A 604 20.56 18.20 -11.19
N SER A 605 19.58 18.38 -10.29
CA SER A 605 18.43 17.49 -10.25
C SER A 605 17.60 17.62 -11.52
N LEU A 606 17.33 18.85 -11.96
CA LEU A 606 16.55 19.12 -13.17
C LEU A 606 17.44 19.92 -14.12
N PRO A 607 18.19 19.23 -14.99
CA PRO A 607 19.10 19.96 -15.89
C PRO A 607 18.40 20.95 -16.80
N ASN A 608 17.16 20.67 -17.19
CA ASN A 608 16.38 21.56 -18.05
C ASN A 608 17.13 21.89 -19.33
N GLY A 609 17.61 20.85 -20.01
CA GLY A 609 18.34 21.00 -21.25
C GLY A 609 19.63 20.23 -21.22
N ASN A 610 20.34 20.26 -22.35
CA ASN A 610 21.61 19.57 -22.46
C ASN A 610 22.69 20.33 -21.68
N LEU A 611 23.38 19.64 -20.79
CA LEU A 611 24.43 20.27 -20.00
C LEU A 611 25.61 20.64 -20.89
N SER A 612 26.05 21.89 -20.79
CA SER A 612 27.18 22.39 -21.56
C SER A 612 28.45 22.53 -20.75
N TYR A 613 28.39 23.27 -19.63
CA TYR A 613 29.55 23.48 -18.78
C TYR A 613 29.06 23.97 -17.42
N TYR A 614 29.99 24.04 -16.47
CA TYR A 614 29.73 24.57 -15.15
C TYR A 614 30.57 25.81 -14.91
N ILE A 615 30.00 26.76 -14.18
CA ILE A 615 30.69 28.02 -13.86
C ILE A 615 30.92 28.04 -12.36
N VAL A 616 32.18 27.97 -11.95
CA VAL A 616 32.55 27.99 -10.54
C VAL A 616 33.17 29.34 -10.21
N ARG A 617 32.90 29.81 -8.99
CA ARG A 617 33.45 31.06 -8.50
C ARG A 617 33.99 30.87 -7.09
N TRP A 618 35.14 31.49 -6.82
CA TRP A 618 35.74 31.46 -5.49
C TRP A 618 36.07 32.87 -5.06
N GLN A 619 35.66 33.23 -3.84
CA GLN A 619 35.89 34.55 -3.28
C GLN A 619 36.67 34.42 -1.98
N ARG A 620 37.66 35.30 -1.80
CA ARG A 620 38.42 35.31 -0.56
C ARG A 620 37.54 35.75 0.61
N GLN A 621 37.60 35.02 1.72
CA GLN A 621 36.85 35.46 2.88
C GLN A 621 37.77 36.16 3.86
N PRO A 622 37.34 37.27 4.45
CA PRO A 622 38.19 37.99 5.39
C PRO A 622 38.38 37.21 6.67
N GLN A 623 39.55 37.38 7.28
CA GLN A 623 39.80 36.80 8.59
C GLN A 623 38.90 37.46 9.64
N ASP A 624 38.55 36.69 10.66
CA ASP A 624 37.65 37.17 11.71
C ASP A 624 38.22 38.38 12.44
N GLU A 684 -3.08 14.69 18.03
CA GLU A 684 -4.54 14.76 17.91
C GLU A 684 -5.05 16.18 18.16
N GLU A 685 -4.41 16.92 19.06
CA GLU A 685 -4.89 18.25 19.42
C GLU A 685 -4.90 19.17 18.21
N ALA A 686 -3.72 19.41 17.64
CA ALA A 686 -3.63 20.16 16.39
C ALA A 686 -4.51 19.53 15.32
N GLU A 687 -4.56 18.20 15.30
CA GLU A 687 -5.48 17.52 14.38
C GLU A 687 -6.92 17.85 14.72
N TYR A 688 -7.29 17.79 16.01
CA TYR A 688 -8.66 18.07 16.40
C TYR A 688 -9.05 19.50 16.06
N ARG A 689 -8.13 20.45 16.26
CA ARG A 689 -8.40 21.83 15.88
C ARG A 689 -8.68 21.94 14.39
N LYS A 690 -7.99 21.14 13.58
CA LYS A 690 -8.19 21.17 12.14
C LYS A 690 -9.66 20.95 11.77
N VAL A 691 -10.23 19.83 12.19
CA VAL A 691 -11.59 19.51 11.78
C VAL A 691 -12.58 20.53 12.32
N PHE A 692 -12.43 20.91 13.60
CA PHE A 692 -13.34 21.91 14.16
C PHE A 692 -13.25 23.22 13.39
N GLU A 693 -12.03 23.60 12.98
CA GLU A 693 -11.86 24.83 12.21
C GLU A 693 -12.71 24.82 10.96
N ASN A 694 -12.59 23.77 10.16
CA ASN A 694 -13.28 23.72 8.87
C ASN A 694 -14.78 23.87 9.02
N PHE A 695 -15.33 23.38 10.14
CA PHE A 695 -16.75 23.55 10.35
C PHE A 695 -17.13 25.01 10.45
N LEU A 696 -16.28 25.82 11.08
CA LEU A 696 -16.57 27.24 11.23
C LEU A 696 -16.72 27.91 9.87
N HIS A 697 -15.69 27.80 9.03
CA HIS A 697 -15.76 28.38 7.69
C HIS A 697 -16.87 27.74 6.88
N ASN A 698 -17.11 26.45 7.06
CA ASN A 698 -18.13 25.75 6.30
C ASN A 698 -19.54 26.17 6.69
N SER A 699 -19.69 26.97 7.75
CA SER A 699 -21.01 27.39 8.19
C SER A 699 -21.17 28.90 8.29
N ILE A 700 -20.11 29.67 8.18
CA ILE A 700 -20.23 31.12 8.28
C ILE A 700 -20.51 31.71 6.91
N PHE A 701 -19.54 31.59 6.01
CA PHE A 701 -19.61 32.30 4.74
C PHE A 701 -20.68 31.70 3.84
N VAL A 702 -21.23 32.54 2.98
CA VAL A 702 -22.31 32.13 2.08
C VAL A 702 -22.23 32.93 0.79
N PRO A 703 -22.28 32.29 -0.37
CA PRO A 703 -22.16 33.02 -1.64
C PRO A 703 -23.47 33.67 -2.04
N ARG A 704 -23.36 34.78 -2.78
CA ARG A 704 -24.56 35.38 -3.36
C ARG A 704 -25.20 34.41 -4.34
N PRO A 705 -26.53 34.31 -4.35
CA PRO A 705 -27.21 33.55 -5.40
C PRO A 705 -27.22 34.30 -6.74
N TYR A 745 35.99 41.43 -1.01
CA TYR A 745 36.92 40.71 -1.88
C TYR A 745 36.26 40.38 -3.23
N PRO A 746 37.06 40.43 -4.30
CA PRO A 746 36.53 40.16 -5.63
C PRO A 746 36.26 38.68 -5.87
N PHE A 747 35.38 38.42 -6.83
CA PHE A 747 35.06 37.06 -7.25
C PHE A 747 35.91 36.68 -8.46
N PHE A 748 36.48 35.47 -8.43
CA PHE A 748 37.18 34.90 -9.57
C PHE A 748 36.32 33.82 -10.18
N GLU A 749 36.23 33.82 -11.50
CA GLU A 749 35.25 33.01 -12.22
C GLU A 749 35.95 32.15 -13.27
N SER A 750 35.64 30.86 -13.29
CA SER A 750 36.18 29.93 -14.28
C SER A 750 35.09 28.96 -14.70
N ARG A 751 35.24 28.41 -15.90
CA ARG A 751 34.24 27.52 -16.48
C ARG A 751 34.83 26.12 -16.61
N VAL A 752 34.15 25.13 -16.06
CA VAL A 752 34.54 23.73 -16.17
C VAL A 752 33.81 23.13 -17.36
N ASP A 753 34.57 22.64 -18.34
CA ASP A 753 33.99 22.31 -19.64
C ASP A 753 33.17 21.02 -19.59
N ASN A 754 33.77 19.93 -19.10
CA ASN A 754 33.13 18.62 -19.18
C ASN A 754 32.85 17.99 -17.83
N LYS A 755 33.84 17.84 -16.97
CA LYS A 755 33.69 17.06 -15.76
C LYS A 755 32.98 17.86 -14.67
N GLU A 756 32.64 17.17 -13.59
CA GLU A 756 32.07 17.78 -12.40
C GLU A 756 33.12 17.96 -11.30
N ARG A 757 34.39 18.12 -11.68
CA ARG A 757 35.47 18.30 -10.73
C ARG A 757 36.46 19.31 -11.28
N THR A 758 37.07 20.08 -10.38
CA THR A 758 38.02 21.10 -10.77
C THR A 758 38.92 21.41 -9.59
N VAL A 759 40.09 21.99 -9.90
CA VAL A 759 41.08 22.36 -8.88
C VAL A 759 41.41 23.84 -9.06
N ILE A 760 41.27 24.61 -8.00
CA ILE A 760 41.59 26.03 -7.99
C ILE A 760 43.04 26.20 -7.57
N SER A 761 43.75 27.09 -8.24
CA SER A 761 45.17 27.34 -7.98
C SER A 761 45.37 28.77 -7.52
N ASN A 762 46.58 29.05 -7.02
CA ASN A 762 46.99 30.39 -6.63
C ASN A 762 46.10 31.00 -5.55
N LEU A 763 46.15 30.46 -4.34
CA LEU A 763 45.32 30.92 -3.24
C LEU A 763 46.19 31.27 -2.04
N ARG A 764 45.65 32.14 -1.18
CA ARG A 764 46.34 32.48 0.06
C ARG A 764 46.29 31.30 1.01
N PRO A 765 47.43 30.86 1.55
CA PRO A 765 47.42 29.67 2.41
C PRO A 765 46.69 29.93 3.72
N PHE A 766 45.90 28.93 4.13
CA PHE A 766 45.09 28.99 5.35
C PHE A 766 44.19 30.22 5.35
N THR A 767 43.41 30.34 4.28
CA THR A 767 42.43 31.41 4.14
C THR A 767 41.11 30.80 3.69
N LEU A 768 40.02 31.26 4.30
CA LEU A 768 38.70 30.73 3.97
C LEU A 768 38.26 31.22 2.60
N TYR A 769 37.55 30.36 1.86
CA TYR A 769 37.08 30.69 0.53
C TYR A 769 35.63 30.26 0.36
N ARG A 770 34.83 31.14 -0.24
CA ARG A 770 33.47 30.82 -0.64
C ARG A 770 33.49 30.26 -2.06
N ILE A 771 32.88 29.09 -2.24
CA ILE A 771 32.93 28.38 -3.52
C ILE A 771 31.52 28.35 -4.09
N ASP A 772 31.21 29.28 -4.99
CA ASP A 772 29.94 29.28 -5.70
C ASP A 772 30.08 28.44 -6.97
N ILE A 773 29.09 27.58 -7.22
CA ILE A 773 29.09 26.71 -8.39
C ILE A 773 27.75 26.84 -9.10
N HIS A 774 27.79 27.14 -10.39
CA HIS A 774 26.61 27.26 -11.22
C HIS A 774 26.58 26.15 -12.27
N SER A 775 25.41 25.94 -12.85
CA SER A 775 25.20 24.89 -13.86
C SER A 775 24.42 25.49 -15.02
N CYS A 776 25.07 25.65 -16.17
CA CYS A 776 24.43 26.19 -17.36
C CYS A 776 24.07 25.04 -18.31
N ASN A 777 23.35 25.39 -19.36
CA ASN A 777 22.94 24.42 -20.38
C ASN A 777 23.07 25.10 -21.74
N HIS A 778 22.49 24.46 -22.77
CA HIS A 778 22.63 24.97 -24.13
C HIS A 778 21.86 26.26 -24.34
N GLU A 779 20.77 26.47 -23.59
CA GLU A 779 19.95 27.67 -23.71
C GLU A 779 20.24 28.67 -22.58
N ALA A 780 21.35 28.50 -21.87
CA ALA A 780 21.73 29.44 -20.83
C ALA A 780 22.29 30.74 -21.37
N GLU A 781 22.55 30.82 -22.69
CA GLU A 781 23.00 32.08 -23.27
C GLU A 781 21.89 33.11 -23.31
N LYS A 782 20.64 32.67 -23.47
CA LYS A 782 19.49 33.57 -23.45
C LYS A 782 18.75 33.57 -22.12
N LEU A 783 18.50 32.40 -21.54
CA LEU A 783 17.76 32.33 -20.28
C LEU A 783 18.64 32.43 -19.05
N GLY A 784 19.95 32.42 -19.21
CA GLY A 784 20.83 32.64 -18.07
C GLY A 784 21.19 31.36 -17.35
N CYS A 785 22.41 31.33 -16.81
CA CYS A 785 22.88 30.16 -16.08
C CYS A 785 22.12 30.03 -14.75
N SER A 786 22.26 28.86 -14.13
CA SER A 786 21.46 28.54 -12.96
C SER A 786 21.97 29.29 -11.73
N ALA A 787 21.32 29.01 -10.60
CA ALA A 787 21.72 29.59 -9.32
C ALA A 787 22.97 28.90 -8.79
N SER A 788 23.37 29.26 -7.59
CA SER A 788 24.62 28.79 -7.00
C SER A 788 24.34 27.95 -5.76
N ASN A 789 24.92 26.74 -5.73
CA ASN A 789 24.99 25.93 -4.52
C ASN A 789 26.41 26.08 -3.98
N PHE A 790 26.55 26.84 -2.89
CA PHE A 790 27.85 27.30 -2.44
C PHE A 790 28.31 26.53 -1.21
N VAL A 791 29.63 26.50 -1.01
CA VAL A 791 30.25 25.84 0.12
C VAL A 791 31.48 26.66 0.51
N PHE A 792 31.95 26.45 1.74
CA PHE A 792 33.11 27.15 2.28
C PHE A 792 34.21 26.16 2.61
N ALA A 793 35.44 26.50 2.21
CA ALA A 793 36.59 25.64 2.45
C ALA A 793 37.82 26.51 2.72
N ARG A 794 38.71 26.00 3.56
CA ARG A 794 39.95 26.67 3.90
C ARG A 794 41.13 25.87 3.37
N THR A 795 42.13 26.58 2.84
CA THR A 795 43.29 25.94 2.24
C THR A 795 44.22 25.38 3.30
N MET A 796 45.25 24.68 2.84
CA MET A 796 46.23 24.10 3.75
C MET A 796 47.15 25.19 4.31
N PRO A 797 47.61 25.03 5.55
CA PRO A 797 48.52 26.02 6.12
C PRO A 797 49.89 25.96 5.46
N ALA A 798 50.49 27.13 5.26
CA ALA A 798 51.83 27.22 4.69
C ALA A 798 52.87 26.76 5.70
N GLU B 1 -38.39 44.64 23.27
CA GLU B 1 -38.10 44.47 21.85
C GLU B 1 -37.32 43.18 21.61
N ILE B 2 -38.01 42.19 21.05
CA ILE B 2 -37.39 40.91 20.71
C ILE B 2 -36.96 40.95 19.25
N CYS B 3 -35.74 40.50 18.99
CA CYS B 3 -35.20 40.47 17.64
C CYS B 3 -34.74 39.06 17.34
N GLY B 4 -35.08 38.57 16.15
CA GLY B 4 -34.70 37.24 15.75
C GLY B 4 -35.38 36.84 14.45
N PRO B 5 -35.46 35.53 14.20
CA PRO B 5 -34.87 34.43 14.98
C PRO B 5 -33.39 34.20 14.69
N GLY B 6 -32.74 35.16 14.06
CA GLY B 6 -31.30 35.09 13.89
C GLY B 6 -30.73 36.34 13.26
N ILE B 7 -29.67 36.88 13.86
CA ILE B 7 -29.05 38.10 13.40
C ILE B 7 -27.67 37.77 12.86
N ASP B 8 -27.41 38.17 11.62
CA ASP B 8 -26.15 37.90 10.94
C ASP B 8 -25.66 39.21 10.31
N ILE B 9 -24.80 39.92 11.02
CA ILE B 9 -24.22 41.17 10.55
C ILE B 9 -22.79 40.89 10.10
N ARG B 10 -22.44 41.37 8.91
CA ARG B 10 -21.08 41.17 8.41
C ARG B 10 -20.72 42.29 7.45
N ASN B 11 -19.44 42.31 7.06
CA ASN B 11 -18.85 43.25 6.11
C ASN B 11 -19.01 44.70 6.55
N ASP B 12 -20.14 45.34 6.23
CA ASP B 12 -20.34 46.75 6.52
C ASP B 12 -20.29 46.98 8.03
N TYR B 13 -19.50 47.97 8.44
CA TYR B 13 -19.47 48.37 9.84
C TYR B 13 -20.82 48.93 10.26
N GLN B 14 -21.46 49.70 9.38
CA GLN B 14 -22.68 50.40 9.73
C GLN B 14 -23.90 49.51 9.79
N GLN B 15 -23.82 48.28 9.26
CA GLN B 15 -24.94 47.36 9.37
C GLN B 15 -25.21 46.94 10.80
N LEU B 16 -24.24 47.12 11.69
CA LEU B 16 -24.45 46.84 13.10
C LEU B 16 -25.57 47.65 13.72
N LYS B 17 -26.07 48.67 13.01
CA LYS B 17 -27.13 49.51 13.51
C LYS B 17 -28.45 48.76 13.71
N ARG B 18 -28.58 47.55 13.19
CA ARG B 18 -29.79 46.78 13.37
C ARG B 18 -30.07 46.41 14.82
N LEU B 19 -29.13 46.67 15.73
CA LEU B 19 -29.27 46.36 17.14
C LEU B 19 -29.64 47.57 17.98
N GLU B 20 -30.13 48.64 17.35
CA GLU B 20 -30.39 49.87 18.08
C GLU B 20 -31.54 49.74 19.06
N ASN B 21 -32.52 48.90 18.76
CA ASN B 21 -33.70 48.75 19.61
C ASN B 21 -33.77 47.43 20.34
N CYS B 22 -32.98 46.44 19.94
CA CYS B 22 -33.11 45.09 20.48
C CYS B 22 -32.60 45.04 21.91
N THR B 23 -33.43 44.56 22.83
CA THR B 23 -33.00 44.25 24.18
C THR B 23 -32.78 42.76 24.38
N VAL B 24 -33.49 41.92 23.63
CA VAL B 24 -33.30 40.47 23.64
C VAL B 24 -33.14 40.00 22.21
N ILE B 25 -32.16 39.15 21.97
CA ILE B 25 -31.91 38.59 20.65
C ILE B 25 -32.38 37.13 20.68
N GLU B 26 -33.49 36.88 19.99
CA GLU B 26 -34.02 35.53 19.87
C GLU B 26 -33.24 34.82 18.77
N GLY B 27 -32.41 33.86 19.16
CA GLY B 27 -31.55 33.15 18.24
C GLY B 27 -30.10 33.55 18.39
N TYR B 28 -29.32 33.22 17.36
CA TYR B 28 -27.90 33.47 17.38
C TYR B 28 -27.60 34.91 16.98
N LEU B 29 -26.34 35.29 17.09
CA LEU B 29 -25.87 36.62 16.69
C LEU B 29 -24.50 36.48 16.04
N HIS B 30 -24.37 37.01 14.83
CA HIS B 30 -23.16 36.89 14.04
C HIS B 30 -22.63 38.27 13.70
N ILE B 31 -21.40 38.54 14.09
CA ILE B 31 -20.69 39.77 13.74
C ILE B 31 -19.36 39.33 13.14
N LEU B 32 -19.30 39.18 11.81
CA LEU B 32 -18.13 38.67 11.14
C LEU B 32 -17.59 39.67 10.13
N LEU B 33 -16.29 39.61 9.90
CA LEU B 33 -15.65 40.30 8.79
C LEU B 33 -16.00 41.78 8.76
N ILE B 34 -16.01 42.39 9.94
CA ILE B 34 -16.37 43.80 10.06
C ILE B 34 -15.09 44.63 10.03
N SER B 35 -15.11 45.68 9.22
CA SER B 35 -13.96 46.56 9.10
C SER B 35 -14.31 47.99 9.50
N ARG B 41 -15.73 53.09 14.03
CA ARG B 41 -16.31 54.14 14.85
C ARG B 41 -16.91 53.58 16.13
N SER B 42 -17.72 54.39 16.82
CA SER B 42 -18.25 54.05 18.13
C SER B 42 -19.74 53.75 18.00
N TYR B 43 -20.12 52.51 18.31
CA TYR B 43 -21.50 52.08 18.39
C TYR B 43 -21.74 51.44 19.75
N ARG B 44 -22.71 51.94 20.49
CA ARG B 44 -23.03 51.43 21.82
C ARG B 44 -24.46 50.90 21.82
N PHE B 45 -24.65 49.72 22.41
CA PHE B 45 -25.97 49.08 22.51
C PHE B 45 -26.20 48.65 23.95
N PRO B 46 -26.54 49.58 24.84
CA PRO B 46 -26.89 49.19 26.21
C PRO B 46 -28.25 48.51 26.32
N LYS B 47 -29.05 48.52 25.24
CA LYS B 47 -30.36 47.87 25.28
C LYS B 47 -30.22 46.37 25.45
N LEU B 48 -29.30 45.76 24.72
CA LEU B 48 -29.20 44.30 24.68
C LEU B 48 -28.72 43.76 26.02
N THR B 49 -29.40 42.71 26.51
CA THR B 49 -29.02 42.08 27.76
C THR B 49 -28.97 40.56 27.67
N VAL B 50 -29.81 39.97 26.82
CA VAL B 50 -29.97 38.52 26.75
C VAL B 50 -29.81 38.05 25.31
N ILE B 51 -29.12 36.92 25.14
CA ILE B 51 -29.05 36.24 23.86
C ILE B 51 -29.42 34.78 24.10
N THR B 52 -30.46 34.31 23.40
CA THR B 52 -30.98 32.97 23.66
C THR B 52 -30.00 31.90 23.20
N GLU B 53 -29.53 31.99 21.96
CA GLU B 53 -28.56 31.08 21.39
C GLU B 53 -27.15 31.59 21.61
N TYR B 54 -26.21 31.13 20.79
CA TYR B 54 -24.79 31.47 20.91
C TYR B 54 -24.50 32.83 20.30
N LEU B 55 -23.29 33.32 20.59
CA LEU B 55 -22.79 34.59 20.08
C LEU B 55 -21.46 34.33 19.38
N LEU B 56 -21.33 34.82 18.15
CA LEU B 56 -20.17 34.54 17.33
C LEU B 56 -19.53 35.85 16.87
N LEU B 57 -18.21 35.95 17.03
CA LEU B 57 -17.43 37.09 16.59
C LEU B 57 -16.22 36.58 15.82
N PHE B 58 -15.94 37.19 14.67
CA PHE B 58 -14.89 36.68 13.79
C PHE B 58 -14.37 37.78 12.88
N ARG B 59 -13.10 38.14 13.05
CA ARG B 59 -12.39 39.08 12.18
C ARG B 59 -13.12 40.41 12.10
N VAL B 60 -13.25 41.06 13.26
CA VAL B 60 -13.81 42.40 13.34
C VAL B 60 -12.66 43.35 13.64
N ALA B 61 -12.31 44.16 12.64
CA ALA B 61 -11.21 45.10 12.76
C ALA B 61 -11.72 46.42 13.35
N GLY B 62 -10.92 47.01 14.24
CA GLY B 62 -11.22 48.26 14.87
C GLY B 62 -11.82 48.12 16.25
N LEU B 63 -12.49 47.02 16.52
CA LEU B 63 -13.08 46.80 17.85
C LEU B 63 -11.98 46.44 18.84
N GLU B 64 -11.94 47.16 19.96
CA GLU B 64 -10.94 46.92 20.98
C GLU B 64 -11.47 46.17 22.19
N SER B 65 -12.77 46.27 22.47
CA SER B 65 -13.36 45.59 23.62
C SER B 65 -14.84 45.35 23.36
N LEU B 66 -15.36 44.28 23.96
CA LEU B 66 -16.76 43.94 23.78
C LEU B 66 -17.70 44.88 24.55
N GLY B 67 -17.20 45.55 25.58
CA GLY B 67 -18.01 46.49 26.31
C GLY B 67 -18.38 47.72 25.51
N ASP B 68 -17.66 47.99 24.42
CA ASP B 68 -18.00 49.12 23.56
C ASP B 68 -19.35 48.93 22.90
N LEU B 69 -19.71 47.68 22.60
CA LEU B 69 -20.96 47.37 21.90
C LEU B 69 -22.07 46.97 22.86
N PHE B 70 -21.84 45.92 23.66
CA PHE B 70 -22.86 45.35 24.54
C PHE B 70 -22.35 45.43 25.97
N PRO B 71 -22.56 46.54 26.64
CA PRO B 71 -22.12 46.67 28.03
C PRO B 71 -23.06 45.96 29.00
N ASN B 72 -24.34 45.87 28.61
CA ASN B 72 -25.38 45.32 29.47
C ASN B 72 -25.70 43.86 29.18
N LEU B 73 -24.92 43.21 28.33
CA LEU B 73 -25.15 41.80 28.04
C LEU B 73 -24.88 40.97 29.28
N THR B 74 -25.91 40.28 29.77
CA THR B 74 -25.85 39.58 31.04
C THR B 74 -25.91 38.07 30.90
N VAL B 75 -26.83 37.56 30.08
CA VAL B 75 -27.07 36.12 29.98
C VAL B 75 -27.02 35.70 28.52
N ILE B 76 -26.19 34.71 28.23
CA ILE B 76 -26.21 34.01 26.95
C ILE B 76 -26.75 32.61 27.24
N ARG B 77 -28.03 32.42 26.95
CA ARG B 77 -28.66 31.15 27.30
C ARG B 77 -28.10 29.99 26.51
N GLY B 78 -27.68 30.23 25.28
CA GLY B 78 -27.12 29.16 24.46
C GLY B 78 -28.11 28.03 24.24
N TRP B 79 -29.35 28.34 23.91
CA TRP B 79 -30.34 27.31 23.70
C TRP B 79 -29.94 26.38 22.57
N LYS B 80 -29.38 26.93 21.50
CA LYS B 80 -28.74 26.17 20.43
C LYS B 80 -27.31 26.64 20.29
N LEU B 81 -26.38 25.70 20.19
CA LEU B 81 -24.96 25.98 20.26
C LEU B 81 -24.31 25.92 18.88
N PHE B 82 -23.22 26.67 18.74
CA PHE B 82 -22.40 26.62 17.54
C PHE B 82 -21.25 25.66 17.82
N TYR B 83 -21.42 24.40 17.42
CA TYR B 83 -20.43 23.35 17.63
C TYR B 83 -20.12 23.20 19.12
N ASN B 84 -21.18 23.13 19.93
CA ASN B 84 -21.10 22.97 21.38
C ASN B 84 -20.45 24.16 22.06
N TYR B 85 -20.46 25.32 21.42
CA TYR B 85 -19.93 26.55 21.98
C TYR B 85 -21.03 27.59 22.05
N ALA B 86 -21.09 28.30 23.18
CA ALA B 86 -22.06 29.37 23.36
C ALA B 86 -21.48 30.74 23.06
N LEU B 87 -20.16 30.86 22.95
CA LEU B 87 -19.52 32.13 22.63
C LEU B 87 -18.20 31.83 21.95
N VAL B 88 -18.03 32.36 20.74
CA VAL B 88 -16.84 32.12 19.94
C VAL B 88 -16.23 33.48 19.60
N ILE B 89 -15.01 33.69 20.06
CA ILE B 89 -14.24 34.88 19.75
C ILE B 89 -12.99 34.41 19.02
N PHE B 90 -12.99 34.49 17.70
CA PHE B 90 -11.96 33.88 16.88
C PHE B 90 -11.42 34.88 15.87
N GLU B 91 -10.09 35.00 15.82
CA GLU B 91 -9.40 35.86 14.86
C GLU B 91 -9.88 37.30 14.95
N MET B 92 -10.11 37.76 16.18
CA MET B 92 -10.53 39.13 16.42
C MET B 92 -9.29 40.01 16.56
N THR B 93 -9.02 40.82 15.53
CA THR B 93 -7.89 41.73 15.58
C THR B 93 -8.27 43.01 16.31
N ASN B 94 -7.25 43.64 16.91
CA ASN B 94 -7.39 44.91 17.62
C ASN B 94 -8.19 44.74 18.90
N LEU B 95 -8.69 43.55 19.15
CA LEU B 95 -9.48 43.29 20.35
C LEU B 95 -8.55 43.09 21.53
N LYS B 96 -8.82 43.82 22.61
CA LYS B 96 -7.93 43.84 23.77
C LYS B 96 -8.47 43.08 24.97
N ASP B 97 -9.78 43.09 25.18
CA ASP B 97 -10.35 42.43 26.35
C ASP B 97 -11.82 42.13 26.07
N ILE B 98 -12.34 41.16 26.82
CA ILE B 98 -13.77 40.84 26.80
C ILE B 98 -14.45 41.83 27.75
N GLY B 99 -14.98 42.91 27.20
CA GLY B 99 -15.53 43.97 28.02
C GLY B 99 -16.95 43.71 28.52
N LEU B 100 -17.37 42.44 28.51
CA LEU B 100 -18.69 42.07 28.99
C LEU B 100 -18.68 41.98 30.51
N TYR B 101 -18.59 43.15 31.14
CA TYR B 101 -18.50 43.20 32.60
C TYR B 101 -19.85 42.98 33.29
N ASN B 102 -20.94 42.90 32.54
CA ASN B 102 -22.24 42.57 33.10
C ASN B 102 -22.65 41.13 32.84
N LEU B 103 -21.82 40.35 32.14
CA LEU B 103 -22.13 38.96 31.89
C LEU B 103 -22.13 38.19 33.20
N ARG B 104 -23.21 37.47 33.46
CA ARG B 104 -23.37 36.75 34.73
C ARG B 104 -23.51 35.26 34.55
N ASN B 105 -24.37 34.80 33.64
CA ASN B 105 -24.66 33.39 33.50
C ASN B 105 -24.66 33.00 32.04
N ILE B 106 -23.94 31.93 31.71
CA ILE B 106 -24.04 31.27 30.42
C ILE B 106 -24.63 29.89 30.68
N THR B 107 -25.82 29.64 30.12
CA THR B 107 -26.62 28.52 30.61
C THR B 107 -26.12 27.18 30.13
N ARG B 108 -25.78 27.03 28.85
CA ARG B 108 -25.55 25.69 28.33
C ARG B 108 -24.13 25.42 27.82
N GLY B 109 -23.70 26.17 26.81
CA GLY B 109 -22.53 25.79 26.05
C GLY B 109 -21.22 26.17 26.71
N ALA B 110 -20.13 25.85 26.01
CA ALA B 110 -18.79 26.22 26.42
C ALA B 110 -18.33 27.43 25.61
N ILE B 111 -17.08 27.83 25.81
CA ILE B 111 -16.53 29.02 25.18
C ILE B 111 -15.30 28.61 24.39
N ARG B 112 -15.09 29.25 23.24
CA ARG B 112 -13.88 29.05 22.45
C ARG B 112 -13.34 30.42 22.05
N ILE B 113 -12.25 30.82 22.70
CA ILE B 113 -11.58 32.08 22.41
C ILE B 113 -10.22 31.72 21.82
N GLU B 114 -10.00 32.11 20.57
CA GLU B 114 -8.84 31.63 19.85
C GLU B 114 -8.32 32.70 18.89
N LYS B 115 -6.99 32.75 18.76
CA LYS B 115 -6.31 33.57 17.75
C LYS B 115 -6.66 35.05 17.90
N ASN B 116 -6.41 35.58 19.10
CA ASN B 116 -6.58 37.00 19.39
C ASN B 116 -5.26 37.49 19.98
N ALA B 117 -4.37 37.96 19.10
CA ALA B 117 -3.00 38.29 19.49
C ALA B 117 -2.90 39.49 20.43
N ASP B 118 -3.98 40.24 20.61
CA ASP B 118 -3.96 41.42 21.47
C ASP B 118 -4.93 41.31 22.63
N LEU B 119 -5.50 40.13 22.87
CA LEU B 119 -6.55 39.97 23.87
C LEU B 119 -5.93 39.72 25.23
N CYS B 120 -6.34 40.52 26.22
CA CYS B 120 -5.89 40.44 27.58
C CYS B 120 -7.02 39.96 28.48
N TYR B 121 -6.76 39.94 29.79
CA TYR B 121 -7.78 39.70 30.81
C TYR B 121 -8.50 38.37 30.59
N LEU B 122 -7.75 37.35 30.20
CA LEU B 122 -8.31 36.02 30.03
C LEU B 122 -8.35 35.26 31.34
N SER B 123 -7.21 35.25 32.06
CA SER B 123 -7.15 34.60 33.37
C SER B 123 -7.77 35.44 34.48
N THR B 124 -8.05 36.72 34.22
CA THR B 124 -8.67 37.58 35.22
C THR B 124 -10.16 37.34 35.36
N VAL B 125 -10.74 36.47 34.54
CA VAL B 125 -12.17 36.19 34.55
C VAL B 125 -12.37 34.79 35.10
N ASP B 126 -13.17 34.68 36.16
CA ASP B 126 -13.49 33.39 36.76
C ASP B 126 -14.70 32.83 36.03
N TRP B 127 -14.43 32.02 35.01
CA TRP B 127 -15.50 31.42 34.21
C TRP B 127 -16.24 30.32 34.95
N SER B 128 -15.78 29.92 36.13
CA SER B 128 -16.46 28.88 36.89
C SER B 128 -17.76 29.37 37.53
N LEU B 129 -17.91 30.68 37.70
CA LEU B 129 -19.14 31.24 38.25
C LEU B 129 -20.04 31.85 37.20
N ILE B 130 -19.61 31.85 35.94
CA ILE B 130 -20.41 32.39 34.84
C ILE B 130 -21.04 31.26 34.03
N LEU B 131 -20.34 30.15 33.87
CA LEU B 131 -20.83 28.98 33.17
C LEU B 131 -20.56 27.74 34.01
N ASP B 132 -20.99 26.59 33.51
CA ASP B 132 -20.88 25.33 34.23
C ASP B 132 -19.81 24.41 33.69
N ALA B 133 -19.83 24.16 32.38
CA ALA B 133 -18.87 23.24 31.74
C ALA B 133 -17.57 23.98 31.44
N VAL B 134 -16.86 24.34 32.52
CA VAL B 134 -15.58 25.02 32.38
C VAL B 134 -14.50 24.08 31.86
N SER B 135 -14.69 22.77 32.03
CA SER B 135 -13.68 21.81 31.58
C SER B 135 -13.59 21.75 30.06
N ASN B 136 -14.70 21.96 29.37
CA ASN B 136 -14.75 21.85 27.92
C ASN B 136 -14.51 23.19 27.22
N ASN B 137 -13.96 24.17 27.93
CA ASN B 137 -13.63 25.44 27.31
C ASN B 137 -12.36 25.30 26.46
N TYR B 138 -12.11 26.32 25.64
CA TYR B 138 -10.98 26.28 24.71
C TYR B 138 -10.46 27.71 24.55
N ILE B 139 -9.41 28.04 25.29
CA ILE B 139 -8.78 29.36 25.22
C ILE B 139 -7.33 29.13 24.84
N VAL B 140 -7.06 29.14 23.54
CA VAL B 140 -5.73 28.88 23.01
C VAL B 140 -5.43 29.89 21.90
N GLY B 141 -4.17 30.29 21.80
CA GLY B 141 -3.75 31.13 20.70
C GLY B 141 -3.96 32.62 20.88
N ASN B 142 -4.32 33.07 22.08
CA ASN B 142 -4.52 34.49 22.32
C ASN B 142 -3.20 35.14 22.70
N LYS B 143 -3.26 36.41 23.13
CA LYS B 143 -2.08 37.09 23.60
C LYS B 143 -1.59 36.41 24.86
N PRO B 144 -0.30 36.48 25.17
CA PRO B 144 0.18 35.83 26.37
C PRO B 144 -0.03 36.73 27.57
N PRO B 145 -0.51 36.17 28.68
CA PRO B 145 -0.66 36.98 29.90
C PRO B 145 0.66 37.50 30.42
N LYS B 146 1.76 36.82 30.11
CA LYS B 146 3.08 37.31 30.50
C LYS B 146 3.45 38.60 29.77
N GLU B 147 2.83 38.88 28.62
CA GLU B 147 3.14 40.06 27.82
C GLU B 147 1.94 40.98 27.71
N CYS B 148 1.11 41.02 28.75
CA CYS B 148 -0.06 41.90 28.68
C CYS B 148 -0.08 43.02 29.71
N GLY B 149 -0.11 42.68 30.99
CA GLY B 149 -0.37 43.69 32.00
C GLY B 149 -1.77 43.67 32.62
N ASP B 150 -2.27 42.49 32.99
CA ASP B 150 -3.61 42.37 33.58
C ASP B 150 -3.66 43.08 34.92
N LEU B 151 -4.22 44.29 34.94
CA LEU B 151 -4.30 45.10 36.14
C LEU B 151 -5.76 45.45 36.45
N CYS B 152 -6.12 45.37 37.72
CA CYS B 152 -7.40 45.82 38.25
C CYS B 152 -7.29 47.27 38.68
N PRO B 153 -8.42 47.98 38.79
CA PRO B 153 -8.39 49.37 39.27
C PRO B 153 -7.80 49.52 40.66
N CYS B 162 -11.15 44.93 44.42
CA CYS B 162 -12.40 44.20 44.61
C CYS B 162 -12.13 42.78 45.11
N GLU B 163 -13.04 41.85 44.78
CA GLU B 163 -12.97 40.52 45.34
C GLU B 163 -11.99 39.65 44.55
N LYS B 164 -11.81 38.42 45.04
CA LYS B 164 -10.91 37.46 44.42
C LYS B 164 -11.26 36.07 44.95
N THR B 165 -10.78 35.05 44.23
CA THR B 165 -10.98 33.67 44.64
C THR B 165 -9.88 32.82 44.01
N THR B 166 -10.03 31.50 44.10
CA THR B 166 -9.04 30.57 43.58
C THR B 166 -9.31 30.30 42.11
N ILE B 167 -8.34 30.61 41.26
CA ILE B 167 -8.39 30.29 39.85
C ILE B 167 -7.31 29.25 39.58
N ASN B 168 -7.72 28.06 39.16
CA ASN B 168 -6.84 26.91 38.97
C ASN B 168 -6.18 26.62 40.31
N ASN B 169 -4.86 26.74 40.45
CA ASN B 169 -4.20 26.59 41.73
C ASN B 169 -3.80 27.94 42.34
N GLU B 170 -4.11 29.03 41.67
CA GLU B 170 -3.73 30.36 42.11
C GLU B 170 -4.92 31.11 42.69
N TYR B 171 -4.63 32.12 43.51
CA TYR B 171 -5.64 33.03 44.04
C TYR B 171 -5.23 34.45 43.67
N ASN B 172 -6.09 35.13 42.90
CA ASN B 172 -5.77 36.46 42.42
C ASN B 172 -7.07 37.20 42.13
N TYR B 173 -6.95 38.50 41.95
CA TYR B 173 -8.11 39.36 41.74
C TYR B 173 -8.83 39.01 40.44
N ARG B 174 -10.08 39.45 40.35
CA ARG B 174 -10.95 39.14 39.22
C ARG B 174 -11.58 40.42 38.71
N CYS B 175 -11.23 40.81 37.49
CA CYS B 175 -11.78 42.02 36.88
C CYS B 175 -12.04 41.76 35.41
N TRP B 176 -13.11 42.37 34.90
CA TRP B 176 -13.43 42.27 33.48
C TRP B 176 -12.57 43.24 32.66
N THR B 177 -12.57 44.51 33.04
CA THR B 177 -11.80 45.53 32.35
C THR B 177 -10.99 46.34 33.35
N THR B 178 -10.40 47.44 32.89
CA THR B 178 -9.57 48.28 33.74
C THR B 178 -10.39 49.24 34.59
N ASN B 179 -11.72 49.22 34.47
CA ASN B 179 -12.55 50.14 35.25
C ASN B 179 -13.62 49.36 36.03
N ARG B 180 -14.04 48.22 35.50
CA ARG B 180 -15.07 47.40 36.11
C ARG B 180 -14.50 46.07 36.58
N CYS B 181 -14.92 45.64 37.76
CA CYS B 181 -14.52 44.36 38.31
C CYS B 181 -15.48 43.26 37.85
N GLN B 182 -15.21 42.03 38.27
CA GLN B 182 -16.10 40.92 38.02
C GLN B 182 -17.06 40.79 39.19
N LYS B 183 -18.35 41.03 38.94
CA LYS B 183 -19.33 41.09 40.01
C LYS B 183 -19.72 39.68 40.44
N MET B 184 -19.89 39.50 41.74
CA MET B 184 -20.18 38.19 42.31
C MET B 184 -21.23 38.34 43.42
N CYS B 185 -21.99 37.24 43.65
CA CYS B 185 -23.01 37.18 44.69
C CYS B 185 -22.43 36.62 45.98
N PRO B 186 -22.99 37.00 47.13
CA PRO B 186 -22.48 36.49 48.41
C PRO B 186 -22.78 35.02 48.58
N SER B 187 -22.11 34.41 49.56
CA SER B 187 -22.27 32.99 49.86
C SER B 187 -23.62 32.67 50.48
N THR B 188 -24.39 33.68 50.91
CA THR B 188 -25.68 33.41 51.53
C THR B 188 -26.73 33.00 50.51
N CYS B 189 -26.64 33.51 49.28
CA CYS B 189 -27.63 33.19 48.26
C CYS B 189 -27.45 31.77 47.73
N ALA B 193 -27.55 34.34 42.44
CA ALA B 193 -28.73 35.15 42.14
C ALA B 193 -28.90 36.27 43.15
N CYS B 194 -28.32 37.43 42.84
CA CYS B 194 -28.36 38.58 43.74
C CYS B 194 -28.55 39.85 42.93
N THR B 195 -28.87 40.93 43.64
CA THR B 195 -29.02 42.24 43.04
C THR B 195 -27.67 42.93 42.90
N GLU B 196 -27.69 44.24 42.65
CA GLU B 196 -26.44 44.99 42.49
C GLU B 196 -25.57 44.91 43.73
N ASN B 197 -26.17 45.01 44.93
CA ASN B 197 -25.38 45.02 46.17
C ASN B 197 -26.10 44.19 47.24
N ASN B 198 -25.74 42.91 47.33
CA ASN B 198 -25.97 42.07 48.50
C ASN B 198 -27.46 42.00 48.86
N GLU B 199 -28.23 41.41 47.95
CA GLU B 199 -29.60 41.00 48.25
C GLU B 199 -29.98 39.92 47.26
N CYS B 200 -30.29 38.73 47.76
CA CYS B 200 -30.48 37.58 46.90
C CYS B 200 -31.72 37.74 46.03
N CYS B 201 -31.62 37.27 44.78
CA CYS B 201 -32.71 37.33 43.83
C CYS B 201 -33.76 36.26 44.14
N HIS B 202 -34.76 36.18 43.27
CA HIS B 202 -35.73 35.11 43.33
C HIS B 202 -35.07 33.80 42.87
N PRO B 203 -35.53 32.66 43.39
CA PRO B 203 -34.99 31.37 42.90
C PRO B 203 -35.18 31.16 41.41
N GLU B 204 -36.31 31.60 40.85
CA GLU B 204 -36.55 31.48 39.41
C GLU B 204 -35.88 32.57 38.61
N CYS B 205 -35.11 33.45 39.26
CA CYS B 205 -34.43 34.55 38.59
C CYS B 205 -33.06 34.10 38.11
N LEU B 206 -32.39 35.00 37.38
CA LEU B 206 -31.07 34.68 36.84
C LEU B 206 -30.37 35.98 36.49
N GLY B 207 -29.13 36.12 36.93
CA GLY B 207 -28.32 37.29 36.60
C GLY B 207 -28.44 38.38 37.67
N SER B 208 -29.04 39.51 37.30
CA SER B 208 -29.23 40.64 38.18
C SER B 208 -30.71 40.76 38.57
N CYS B 209 -31.02 41.80 39.33
CA CYS B 209 -32.39 42.03 39.77
C CYS B 209 -32.67 43.52 39.84
N SER B 210 -33.72 43.95 39.15
CA SER B 210 -34.22 45.31 39.33
C SER B 210 -34.79 45.51 40.73
N ALA B 211 -35.38 44.46 41.30
CA ALA B 211 -35.83 44.44 42.68
C ALA B 211 -35.56 43.05 43.24
N PRO B 212 -35.26 42.94 44.53
CA PRO B 212 -34.90 41.63 45.09
C PRO B 212 -36.08 40.68 45.14
N ASP B 213 -35.82 39.42 44.85
CA ASP B 213 -36.76 38.30 44.94
C ASP B 213 -38.16 38.67 44.47
N ASN B 214 -38.22 39.13 43.22
CA ASN B 214 -39.50 39.40 42.57
C ASN B 214 -39.50 38.80 41.18
N ASP B 215 -40.63 38.22 40.78
CA ASP B 215 -40.72 37.59 39.47
C ASP B 215 -40.74 38.62 38.35
N THR B 216 -41.41 39.74 38.56
CA THR B 216 -41.54 40.79 37.54
C THR B 216 -40.38 41.76 37.55
N ALA B 217 -39.31 41.47 38.29
CA ALA B 217 -38.16 42.37 38.41
C ALA B 217 -36.88 41.59 38.15
N CYS B 218 -36.87 40.81 37.08
CA CYS B 218 -35.73 39.97 36.74
C CYS B 218 -35.20 40.33 35.36
N VAL B 219 -33.88 40.52 35.29
CA VAL B 219 -33.24 40.81 34.01
C VAL B 219 -33.37 39.62 33.07
N ALA B 220 -33.24 38.41 33.59
CA ALA B 220 -33.38 37.21 32.79
C ALA B 220 -33.96 36.10 33.66
N CYS B 221 -34.90 35.36 33.10
CA CYS B 221 -35.54 34.26 33.81
C CYS B 221 -34.82 32.96 33.55
N ARG B 222 -34.55 32.21 34.62
CA ARG B 222 -34.16 30.83 34.43
C ARG B 222 -35.40 30.00 34.12
N HIS B 223 -35.16 28.81 33.58
CA HIS B 223 -36.25 27.96 33.06
C HIS B 223 -37.02 28.70 31.98
N TYR B 224 -38.22 29.17 32.30
CA TYR B 224 -39.08 29.79 31.30
C TYR B 224 -39.65 31.10 31.81
N TYR B 225 -40.25 31.83 30.88
CA TYR B 225 -40.71 33.19 31.11
C TYR B 225 -42.04 33.40 30.40
N TYR B 226 -42.96 34.08 31.06
CA TYR B 226 -44.29 34.31 30.51
C TYR B 226 -44.95 35.47 31.21
N ALA B 227 -45.40 36.45 30.43
CA ALA B 227 -46.16 37.60 30.94
C ALA B 227 -45.40 38.33 32.05
N GLY B 228 -44.10 38.49 31.87
CA GLY B 228 -43.29 39.18 32.85
C GLY B 228 -42.98 38.38 34.10
N VAL B 229 -43.20 37.06 34.08
CA VAL B 229 -43.01 36.21 35.25
C VAL B 229 -42.04 35.10 34.90
N CYS B 230 -41.09 34.85 35.80
CA CYS B 230 -40.17 33.72 35.66
C CYS B 230 -40.87 32.48 36.20
N VAL B 231 -41.47 31.71 35.30
CA VAL B 231 -42.25 30.53 35.70
C VAL B 231 -41.37 29.29 35.49
N PRO B 232 -41.42 28.31 36.39
CA PRO B 232 -40.67 27.07 36.15
C PRO B 232 -41.15 26.32 34.93
N ALA B 233 -42.45 26.00 34.90
CA ALA B 233 -43.08 25.34 33.77
C ALA B 233 -44.15 26.24 33.17
N CYS B 234 -44.39 26.08 31.87
CA CYS B 234 -45.32 26.94 31.18
C CYS B 234 -46.73 26.78 31.75
N PRO B 235 -47.50 27.86 31.78
CA PRO B 235 -48.92 27.76 32.15
C PRO B 235 -49.64 26.72 31.32
N PRO B 236 -50.79 26.22 31.79
CA PRO B 236 -51.43 25.07 31.12
C PRO B 236 -51.74 25.29 29.65
N ASN B 237 -52.20 26.47 29.27
CA ASN B 237 -52.56 26.74 27.88
C ASN B 237 -51.43 27.40 27.09
N THR B 238 -50.20 27.28 27.58
CA THR B 238 -49.03 27.80 26.89
C THR B 238 -48.04 26.67 26.67
N TYR B 239 -47.17 26.85 25.70
CA TYR B 239 -46.25 25.79 25.28
C TYR B 239 -44.85 26.35 25.16
N ARG B 240 -43.87 25.45 25.21
CA ARG B 240 -42.47 25.84 25.12
C ARG B 240 -42.15 26.30 23.71
N PHE B 241 -41.70 27.54 23.58
CA PHE B 241 -41.18 28.06 22.31
C PHE B 241 -39.74 28.47 22.53
N GLU B 242 -38.87 28.01 21.63
CA GLU B 242 -37.43 28.17 21.75
C GLU B 242 -37.03 27.51 23.07
N GLY B 243 -36.35 28.19 23.98
CA GLY B 243 -35.97 27.56 25.22
C GLY B 243 -36.01 28.47 26.42
N TRP B 244 -36.71 29.60 26.30
CA TRP B 244 -36.75 30.56 27.39
C TRP B 244 -38.14 31.09 27.70
N ARG B 245 -39.08 31.05 26.76
CA ARG B 245 -40.39 31.63 26.98
C ARG B 245 -41.47 30.63 26.60
N CYS B 246 -42.70 30.99 26.91
CA CYS B 246 -43.88 30.19 26.60
C CYS B 246 -44.82 31.01 25.74
N VAL B 247 -45.40 30.37 24.73
CA VAL B 247 -46.36 31.02 23.86
C VAL B 247 -47.65 30.22 23.87
N ASP B 248 -48.72 30.87 23.44
CA ASP B 248 -50.04 30.25 23.45
C ASP B 248 -50.25 29.44 22.18
N ARG B 249 -51.45 28.88 22.06
CA ARG B 249 -51.75 28.01 20.92
C ARG B 249 -51.87 28.81 19.62
N ASP B 250 -52.38 30.04 19.69
CA ASP B 250 -52.58 30.82 18.48
C ASP B 250 -51.28 31.37 17.92
N PHE B 251 -50.24 31.49 18.75
CA PHE B 251 -48.99 32.04 18.26
C PHE B 251 -48.30 31.08 17.30
N CYS B 252 -48.18 29.81 17.70
CA CYS B 252 -47.55 28.82 16.84
C CYS B 252 -48.43 28.42 15.66
N ALA B 253 -49.70 28.79 15.67
CA ALA B 253 -50.55 28.65 14.50
C ALA B 253 -50.27 29.74 13.47
N ASN B 254 -49.45 30.73 13.80
CA ASN B 254 -49.07 31.79 12.88
C ASN B 254 -47.62 31.70 12.45
N ILE B 255 -46.83 30.83 13.05
CA ILE B 255 -45.45 30.62 12.62
C ILE B 255 -45.48 29.68 11.43
N LEU B 256 -44.62 29.96 10.45
CA LEU B 256 -44.65 29.18 9.21
C LEU B 256 -43.29 28.61 8.87
N GLY B 265 -46.71 24.80 8.85
CA GLY B 265 -46.58 25.50 10.11
C GLY B 265 -45.88 24.68 11.19
N PHE B 266 -45.85 25.22 12.40
CA PHE B 266 -45.21 24.55 13.51
C PHE B 266 -46.21 23.64 14.22
N VAL B 267 -45.67 22.67 14.94
CA VAL B 267 -46.45 21.66 15.63
C VAL B 267 -46.37 21.89 17.12
N ILE B 268 -47.39 21.44 17.84
CA ILE B 268 -47.43 21.45 19.29
C ILE B 268 -47.34 20.01 19.76
N HIS B 269 -46.30 19.69 20.52
CA HIS B 269 -46.05 18.32 20.93
C HIS B 269 -45.29 18.31 22.24
N ASP B 270 -45.75 17.48 23.18
CA ASP B 270 -45.13 17.36 24.50
C ASP B 270 -45.05 18.70 25.21
N GLY B 271 -46.10 19.50 25.08
CA GLY B 271 -46.08 20.84 25.64
C GLY B 271 -45.05 21.75 25.04
N GLU B 272 -44.52 21.40 23.86
CA GLU B 272 -43.52 22.19 23.18
C GLU B 272 -44.00 22.54 21.79
N CYS B 273 -43.53 23.67 21.29
CA CYS B 273 -43.87 24.16 19.95
C CYS B 273 -42.59 24.14 19.12
N MET B 274 -42.42 23.07 18.36
CA MET B 274 -41.26 22.90 17.49
C MET B 274 -41.68 23.15 16.04
N GLN B 275 -40.70 23.15 15.15
CA GLN B 275 -41.00 23.34 13.73
C GLN B 275 -41.63 22.10 13.13
N GLU B 276 -41.07 20.94 13.42
CA GLU B 276 -41.54 19.68 12.85
C GLU B 276 -41.65 18.63 13.94
N CYS B 277 -42.52 17.66 13.71
CA CYS B 277 -42.71 16.58 14.66
C CYS B 277 -41.39 15.83 14.85
N PRO B 278 -41.09 15.37 16.06
CA PRO B 278 -39.81 14.68 16.28
C PRO B 278 -39.78 13.32 15.58
N SER B 279 -38.65 12.63 15.69
CA SER B 279 -38.52 11.32 15.08
C SER B 279 -39.51 10.35 15.69
N GLY B 280 -40.17 9.56 14.84
CA GLY B 280 -41.20 8.65 15.29
C GLY B 280 -42.56 9.26 15.44
N PHE B 281 -42.79 10.45 14.87
CA PHE B 281 -44.08 11.12 14.95
C PHE B 281 -44.42 11.73 13.60
N ILE B 282 -45.72 11.83 13.33
CA ILE B 282 -46.22 12.43 12.10
C ILE B 282 -47.40 13.34 12.44
N ARG B 283 -47.65 14.29 11.55
CA ARG B 283 -48.72 15.25 11.77
C ARG B 283 -50.08 14.59 11.61
N ASN B 284 -51.00 14.92 12.53
CA ASN B 284 -52.35 14.39 12.46
C ASN B 284 -53.13 15.07 11.34
N GLY B 285 -54.02 14.31 10.71
CA GLY B 285 -54.86 14.86 9.67
C GLY B 285 -55.84 15.89 10.23
N SER B 286 -56.23 16.83 9.36
CA SER B 286 -57.12 17.93 9.74
C SER B 286 -56.52 18.74 10.88
N GLN B 287 -56.49 18.16 12.08
CA GLN B 287 -55.86 18.80 13.22
C GLN B 287 -54.35 18.74 13.07
N SER B 288 -53.81 19.55 12.16
CA SER B 288 -52.41 19.50 11.77
C SER B 288 -51.48 20.26 12.72
N MET B 289 -51.96 20.63 13.91
CA MET B 289 -51.12 21.28 14.90
C MET B 289 -50.51 20.32 15.91
N TYR B 290 -50.88 19.05 15.87
CA TYR B 290 -50.39 18.07 16.82
C TYR B 290 -49.85 16.86 16.07
N CYS B 291 -48.93 16.16 16.72
CA CYS B 291 -48.25 15.01 16.14
C CYS B 291 -48.87 13.73 16.68
N ILE B 292 -49.21 12.82 15.77
CA ILE B 292 -49.77 11.53 16.17
C ILE B 292 -48.66 10.50 16.07
N PRO B 293 -48.54 9.58 17.03
CA PRO B 293 -47.44 8.61 17.01
C PRO B 293 -47.66 7.54 15.95
N CYS B 294 -46.85 7.59 14.90
CA CYS B 294 -46.82 6.51 13.93
C CYS B 294 -45.91 5.40 14.45
N GLU B 295 -46.40 4.16 14.38
CA GLU B 295 -45.69 3.06 15.04
C GLU B 295 -44.57 2.51 14.15
N GLY B 296 -44.86 2.27 12.87
CA GLY B 296 -43.85 1.79 11.97
C GLY B 296 -42.91 2.89 11.54
N PRO B 297 -42.12 2.64 10.50
CA PRO B 297 -41.34 3.74 9.91
C PRO B 297 -42.25 4.73 9.24
N CYS B 298 -42.33 5.93 9.78
CA CYS B 298 -43.28 6.91 9.28
C CYS B 298 -42.92 7.26 7.83
N PRO B 299 -43.91 7.54 6.99
CA PRO B 299 -43.62 7.63 5.54
C PRO B 299 -42.75 8.83 5.21
N LYS B 300 -41.45 8.65 5.42
CA LYS B 300 -40.47 9.72 5.23
C LYS B 300 -40.25 9.91 3.74
N VAL B 301 -41.20 10.59 3.12
CA VAL B 301 -41.07 10.95 1.72
C VAL B 301 -40.03 12.05 1.58
N CYS B 302 -39.08 11.87 0.67
CA CYS B 302 -38.14 12.91 0.29
C CYS B 302 -38.46 13.34 -1.12
N GLU B 303 -38.82 14.61 -1.28
CA GLU B 303 -39.23 15.16 -2.56
C GLU B 303 -38.22 16.22 -2.96
N GLU B 304 -37.59 16.03 -4.11
CA GLU B 304 -36.61 16.97 -4.64
C GLU B 304 -37.14 17.58 -5.92
N GLU B 305 -36.82 18.87 -6.12
CA GLU B 305 -37.35 19.58 -7.28
C GLU B 305 -36.76 19.06 -8.58
N LYS B 306 -35.50 18.66 -8.57
CA LYS B 306 -34.88 18.12 -9.77
C LYS B 306 -35.47 16.75 -10.09
N LYS B 307 -35.72 16.52 -11.38
CA LYS B 307 -36.45 15.33 -11.80
C LYS B 307 -35.68 14.05 -11.49
N THR B 308 -34.40 14.01 -11.82
CA THR B 308 -33.56 12.84 -11.61
C THR B 308 -32.39 13.22 -10.73
N LYS B 309 -32.39 12.72 -9.50
CA LYS B 309 -31.31 12.99 -8.56
C LYS B 309 -30.09 12.18 -8.97
N THR B 310 -29.01 12.86 -9.33
CA THR B 310 -27.78 12.20 -9.76
C THR B 310 -26.85 12.07 -8.56
N ILE B 311 -26.46 10.84 -8.25
CA ILE B 311 -25.53 10.59 -7.16
C ILE B 311 -24.15 10.37 -7.76
N ASP B 312 -23.38 11.43 -7.92
CA ASP B 312 -22.05 11.36 -8.48
C ASP B 312 -20.96 11.42 -7.42
N SER B 313 -21.34 11.46 -6.14
CA SER B 313 -20.39 11.53 -5.05
C SER B 313 -21.11 11.17 -3.77
N VAL B 314 -20.32 10.89 -2.73
CA VAL B 314 -20.88 10.64 -1.41
C VAL B 314 -21.54 11.90 -0.86
N THR B 315 -21.02 13.07 -1.23
CA THR B 315 -21.62 14.33 -0.79
C THR B 315 -22.99 14.54 -1.41
N SER B 316 -23.19 14.10 -2.66
CA SER B 316 -24.47 14.28 -3.32
C SER B 316 -25.54 13.39 -2.71
N ALA B 317 -25.16 12.19 -2.26
CA ALA B 317 -26.12 11.28 -1.64
C ALA B 317 -26.53 11.71 -0.24
N GLN B 318 -25.88 12.73 0.32
CA GLN B 318 -26.20 13.15 1.68
C GLN B 318 -27.65 13.61 1.81
N MET B 319 -28.18 14.26 0.77
CA MET B 319 -29.55 14.76 0.82
C MET B 319 -30.58 13.63 0.92
N LEU B 320 -30.19 12.39 0.64
CA LEU B 320 -31.10 11.25 0.75
C LEU B 320 -31.00 10.57 2.09
N GLN B 321 -30.50 11.26 3.11
CA GLN B 321 -30.30 10.63 4.41
C GLN B 321 -31.64 10.45 5.12
N GLY B 322 -31.90 9.21 5.56
CA GLY B 322 -33.10 8.92 6.31
C GLY B 322 -34.37 8.82 5.49
N CYS B 323 -34.28 8.91 4.17
CA CYS B 323 -35.46 8.84 3.33
C CYS B 323 -35.98 7.41 3.27
N THR B 324 -37.31 7.28 3.31
CA THR B 324 -37.96 5.98 3.15
C THR B 324 -38.52 5.80 1.75
N ILE B 325 -39.22 6.80 1.24
CA ILE B 325 -39.76 6.80 -0.11
C ILE B 325 -39.17 7.98 -0.85
N PHE B 326 -38.75 7.75 -2.08
CA PHE B 326 -38.12 8.77 -2.92
C PHE B 326 -39.03 9.05 -4.10
N LYS B 327 -39.60 10.26 -4.14
CA LYS B 327 -40.43 10.70 -5.25
C LYS B 327 -39.53 11.27 -6.33
N GLY B 328 -39.04 10.40 -7.21
CA GLY B 328 -38.16 10.86 -8.27
C GLY B 328 -37.40 9.69 -8.88
N ASN B 329 -36.29 10.03 -9.51
CA ASN B 329 -35.43 9.07 -10.20
C ASN B 329 -34.03 9.09 -9.60
N LEU B 330 -33.38 7.94 -9.63
CA LEU B 330 -32.04 7.77 -9.08
C LEU B 330 -31.07 7.49 -10.21
N LEU B 331 -30.02 8.31 -10.28
CA LEU B 331 -28.97 8.16 -11.27
C LEU B 331 -27.65 8.05 -10.52
N ILE B 332 -27.10 6.84 -10.47
CA ILE B 332 -25.88 6.58 -9.72
C ILE B 332 -24.71 6.59 -10.70
N ASN B 333 -23.82 7.56 -10.53
CA ASN B 333 -22.62 7.67 -11.34
C ASN B 333 -21.44 7.99 -10.42
N ILE B 334 -20.88 6.98 -9.79
CA ILE B 334 -19.83 7.16 -8.80
C ILE B 334 -18.55 6.56 -9.37
N ARG B 335 -17.68 7.41 -9.91
CA ARG B 335 -16.40 6.94 -10.41
C ARG B 335 -15.41 6.75 -9.25
N ARG B 336 -15.06 7.84 -8.58
CA ARG B 336 -14.15 7.82 -7.46
C ARG B 336 -14.92 7.88 -6.16
N GLY B 337 -14.22 7.83 -5.04
CA GLY B 337 -14.85 8.02 -3.75
C GLY B 337 -14.02 7.47 -2.61
N ASN B 338 -14.60 7.62 -1.42
CA ASN B 338 -14.06 7.16 -0.15
C ASN B 338 -14.56 5.74 0.15
N ASN B 339 -14.56 5.35 1.42
CA ASN B 339 -15.27 4.14 1.84
C ASN B 339 -16.75 4.36 1.55
N ILE B 340 -17.23 3.76 0.45
CA ILE B 340 -18.53 4.11 -0.11
C ILE B 340 -19.63 3.17 0.34
N ALA B 341 -19.33 1.87 0.41
CA ALA B 341 -20.37 0.89 0.71
C ALA B 341 -21.00 1.16 2.07
N SER B 342 -20.19 1.53 3.06
CA SER B 342 -20.71 1.89 4.37
C SER B 342 -21.30 3.29 4.41
N GLU B 343 -20.96 4.14 3.45
CA GLU B 343 -21.42 5.53 3.49
C GLU B 343 -22.79 5.69 2.87
N LEU B 344 -22.96 5.24 1.61
CA LEU B 344 -24.27 5.30 0.98
C LEU B 344 -25.30 4.52 1.78
N GLU B 345 -24.87 3.39 2.35
CA GLU B 345 -25.74 2.59 3.20
C GLU B 345 -26.24 3.38 4.40
N ASN B 346 -25.49 4.40 4.83
CA ASN B 346 -25.99 5.29 5.87
C ASN B 346 -27.10 6.19 5.35
N PHE B 347 -26.92 6.74 4.15
CA PHE B 347 -27.94 7.62 3.59
C PHE B 347 -29.06 6.84 2.94
N MET B 348 -28.73 6.03 1.94
CA MET B 348 -29.73 5.40 1.09
C MET B 348 -30.18 4.04 1.59
N GLY B 349 -29.63 3.55 2.71
CA GLY B 349 -30.01 2.24 3.20
C GLY B 349 -31.44 2.15 3.66
N LEU B 350 -32.07 3.28 3.97
CA LEU B 350 -33.45 3.29 4.43
C LEU B 350 -34.45 3.50 3.31
N ILE B 351 -33.99 3.83 2.09
CA ILE B 351 -34.91 4.00 0.98
C ILE B 351 -35.55 2.66 0.65
N GLU B 352 -36.87 2.65 0.57
CA GLU B 352 -37.61 1.43 0.29
C GLU B 352 -38.35 1.45 -1.03
N VAL B 353 -38.88 2.60 -1.44
CA VAL B 353 -39.68 2.72 -2.64
C VAL B 353 -39.14 3.84 -3.51
N VAL B 354 -38.92 3.54 -4.78
CA VAL B 354 -38.51 4.54 -5.77
C VAL B 354 -39.63 4.70 -6.77
N THR B 355 -40.18 5.92 -6.86
CA THR B 355 -41.30 6.17 -7.74
C THR B 355 -40.91 6.02 -9.21
N GLY B 356 -39.70 6.47 -9.57
CA GLY B 356 -39.29 6.44 -10.95
C GLY B 356 -38.37 5.30 -11.28
N TYR B 357 -37.32 5.58 -12.06
CA TYR B 357 -36.36 4.57 -12.48
C TYR B 357 -35.04 4.77 -11.75
N VAL B 358 -34.19 3.74 -11.82
CA VAL B 358 -32.88 3.74 -11.18
C VAL B 358 -31.86 3.41 -12.25
N LYS B 359 -30.85 4.26 -12.40
CA LYS B 359 -29.80 4.07 -13.40
C LYS B 359 -28.44 4.08 -12.73
N ILE B 360 -27.69 3.00 -12.89
CA ILE B 360 -26.33 2.90 -12.38
C ILE B 360 -25.36 2.92 -13.55
N ARG B 361 -24.83 4.09 -13.86
CA ARG B 361 -23.98 4.29 -15.02
C ARG B 361 -22.60 4.75 -14.56
N HIS B 362 -21.57 4.12 -15.12
CA HIS B 362 -20.18 4.51 -14.88
C HIS B 362 -19.77 4.41 -13.42
N SER B 363 -20.55 3.68 -12.62
CA SER B 363 -20.26 3.57 -11.19
C SER B 363 -19.19 2.49 -11.01
N HIS B 364 -17.95 2.89 -11.26
CA HIS B 364 -16.85 1.93 -11.20
C HIS B 364 -16.45 1.58 -9.78
N ALA B 365 -16.74 2.45 -8.82
CA ALA B 365 -16.39 2.17 -7.44
C ALA B 365 -17.29 1.13 -6.81
N LEU B 366 -18.50 0.93 -7.34
CA LEU B 366 -19.45 0.01 -6.75
C LEU B 366 -19.11 -1.43 -7.15
N VAL B 367 -18.85 -2.27 -6.15
CA VAL B 367 -18.78 -3.71 -6.39
C VAL B 367 -20.11 -4.40 -6.12
N SER B 368 -20.99 -3.78 -5.33
CA SER B 368 -22.31 -4.33 -5.06
C SER B 368 -23.25 -3.19 -4.73
N LEU B 369 -24.53 -3.40 -5.02
CA LEU B 369 -25.56 -2.43 -4.71
C LEU B 369 -26.16 -2.65 -3.34
N SER B 370 -25.44 -3.34 -2.45
CA SER B 370 -26.00 -3.74 -1.18
C SER B 370 -26.37 -2.56 -0.28
N PHE B 371 -25.85 -1.37 -0.58
CA PHE B 371 -26.21 -0.21 0.21
C PHE B 371 -27.69 0.15 0.07
N LEU B 372 -28.36 -0.39 -0.94
CA LEU B 372 -29.81 -0.23 -1.09
C LEU B 372 -30.51 -1.46 -0.52
N LYS B 373 -30.50 -1.57 0.81
CA LYS B 373 -31.06 -2.77 1.44
C LYS B 373 -32.57 -2.76 1.44
N ASN B 374 -33.17 -1.78 2.10
CA ASN B 374 -34.61 -1.77 2.30
C ASN B 374 -35.38 -1.46 1.03
N LEU B 375 -34.68 -1.19 -0.08
CA LEU B 375 -35.35 -0.92 -1.33
C LEU B 375 -36.07 -2.17 -1.82
N ARG B 376 -37.39 -2.18 -1.69
CA ARG B 376 -38.19 -3.33 -2.07
C ARG B 376 -39.22 -3.03 -3.15
N LEU B 377 -39.32 -1.78 -3.61
CA LEU B 377 -40.31 -1.42 -4.62
C LEU B 377 -39.75 -0.36 -5.55
N ILE B 378 -39.82 -0.63 -6.85
CA ILE B 378 -39.47 0.34 -7.88
C ILE B 378 -40.66 0.43 -8.82
N LEU B 379 -41.28 1.60 -8.89
CA LEU B 379 -42.53 1.70 -9.64
C LEU B 379 -42.31 1.91 -11.13
N GLY B 380 -41.79 3.06 -11.52
CA GLY B 380 -41.63 3.31 -12.94
C GLY B 380 -42.46 4.47 -13.47
N GLU B 381 -42.83 5.42 -12.62
CA GLU B 381 -43.64 6.56 -13.07
C GLU B 381 -43.03 7.21 -14.30
N GLU B 382 -41.71 7.41 -14.28
CA GLU B 382 -40.98 7.86 -15.44
C GLU B 382 -39.93 6.80 -15.77
N GLN B 383 -39.81 6.45 -17.04
CA GLN B 383 -38.90 5.42 -17.48
C GLN B 383 -37.99 5.97 -18.56
N LEU B 384 -36.76 5.47 -18.59
CA LEU B 384 -35.81 5.89 -19.62
C LEU B 384 -36.34 5.52 -21.01
N GLU B 385 -35.77 6.17 -22.03
CA GLU B 385 -36.24 5.97 -23.39
C GLU B 385 -36.14 4.50 -23.76
N GLY B 386 -37.24 3.95 -24.25
CA GLY B 386 -37.36 2.52 -24.44
C GLY B 386 -38.05 1.80 -23.30
N ASN B 387 -38.65 2.52 -22.36
CA ASN B 387 -39.39 1.95 -21.23
C ASN B 387 -38.48 1.04 -20.38
N TYR B 388 -37.49 1.69 -19.77
CA TYR B 388 -36.53 1.02 -18.90
C TYR B 388 -36.64 1.57 -17.50
N SER B 389 -36.80 0.68 -16.52
CA SER B 389 -36.86 1.07 -15.12
C SER B 389 -35.56 0.80 -14.37
N PHE B 390 -34.78 -0.18 -14.83
CA PHE B 390 -33.50 -0.52 -14.22
C PHE B 390 -32.46 -0.59 -15.31
N TYR B 391 -31.47 0.29 -15.25
CA TYR B 391 -30.56 0.51 -16.37
C TYR B 391 -29.15 0.62 -15.82
N VAL B 392 -28.34 -0.41 -16.01
CA VAL B 392 -26.95 -0.37 -15.60
C VAL B 392 -26.08 -0.42 -16.84
N LEU B 393 -24.93 0.24 -16.77
CA LEU B 393 -24.09 0.41 -17.95
C LEU B 393 -22.70 0.82 -17.52
N ASP B 394 -21.70 0.11 -18.04
CA ASP B 394 -20.29 0.47 -17.89
C ASP B 394 -19.90 0.56 -16.40
N ASN B 395 -20.01 -0.59 -15.74
CA ASN B 395 -19.60 -0.73 -14.36
C ASN B 395 -18.49 -1.76 -14.34
N GLN B 396 -17.24 -1.30 -14.36
CA GLN B 396 -16.12 -2.21 -14.52
C GLN B 396 -15.90 -3.11 -13.31
N ASN B 397 -16.40 -2.73 -12.13
CA ASN B 397 -16.10 -3.47 -10.91
C ASN B 397 -17.34 -4.01 -10.22
N LEU B 398 -18.50 -3.94 -10.87
CA LEU B 398 -19.74 -4.39 -10.25
C LEU B 398 -19.77 -5.92 -10.28
N GLN B 399 -19.32 -6.53 -9.18
CA GLN B 399 -19.29 -7.98 -9.13
C GLN B 399 -20.70 -8.56 -8.96
N GLN B 400 -21.49 -7.99 -8.06
CA GLN B 400 -22.80 -8.54 -7.76
C GLN B 400 -23.77 -7.41 -7.48
N LEU B 401 -25.04 -7.65 -7.82
CA LEU B 401 -26.08 -6.72 -7.43
C LEU B 401 -26.38 -6.87 -5.94
N TRP B 402 -27.38 -6.15 -5.47
CA TRP B 402 -27.88 -6.42 -4.13
C TRP B 402 -28.93 -7.53 -4.14
N ASP B 403 -29.06 -8.25 -5.25
CA ASP B 403 -30.05 -9.32 -5.40
C ASP B 403 -29.40 -10.63 -4.97
N TRP B 404 -29.42 -10.88 -3.67
CA TRP B 404 -29.15 -12.19 -3.12
C TRP B 404 -30.44 -12.78 -2.60
N ASP B 405 -30.42 -14.08 -2.29
CA ASP B 405 -31.63 -14.82 -2.00
C ASP B 405 -32.33 -14.37 -0.71
N HIS B 406 -31.79 -13.35 -0.06
CA HIS B 406 -32.40 -12.81 1.15
C HIS B 406 -33.29 -11.60 0.89
N ARG B 407 -32.89 -10.73 -0.03
CA ARG B 407 -33.62 -9.49 -0.27
C ARG B 407 -34.79 -9.72 -1.21
N ASN B 408 -35.81 -8.87 -1.07
CA ASN B 408 -36.96 -8.87 -1.95
C ASN B 408 -36.95 -7.63 -2.81
N LEU B 409 -37.61 -7.71 -3.96
CA LEU B 409 -37.64 -6.60 -4.90
C LEU B 409 -38.83 -6.78 -5.82
N THR B 410 -39.38 -5.66 -6.28
CA THR B 410 -40.50 -5.69 -7.21
C THR B 410 -40.45 -4.45 -8.08
N ILE B 411 -40.27 -4.65 -9.39
CA ILE B 411 -40.36 -3.58 -10.37
C ILE B 411 -41.74 -3.66 -10.99
N LYS B 412 -42.55 -2.63 -10.77
CA LYS B 412 -43.93 -2.67 -11.21
C LYS B 412 -44.03 -2.55 -12.73
N ALA B 413 -43.31 -1.60 -13.32
CA ALA B 413 -43.37 -1.38 -14.76
C ALA B 413 -41.98 -1.00 -15.26
N GLY B 414 -41.69 -1.40 -16.49
CA GLY B 414 -40.42 -1.12 -17.12
C GLY B 414 -39.61 -2.38 -17.37
N LYS B 415 -38.56 -2.21 -18.16
CA LYS B 415 -37.64 -3.28 -18.52
C LYS B 415 -36.28 -3.04 -17.87
N MET B 416 -35.38 -4.01 -18.06
CA MET B 416 -34.04 -3.97 -17.48
C MET B 416 -33.01 -4.10 -18.59
N TYR B 417 -31.99 -3.25 -18.55
CA TYR B 417 -30.93 -3.23 -19.53
C TYR B 417 -29.58 -3.39 -18.83
N PHE B 418 -28.80 -4.38 -19.27
CA PHE B 418 -27.50 -4.69 -18.68
C PHE B 418 -26.47 -4.73 -19.80
N ALA B 419 -25.40 -3.95 -19.66
CA ALA B 419 -24.41 -3.88 -20.71
C ALA B 419 -23.08 -3.42 -20.14
N PHE B 420 -22.00 -3.95 -20.73
CA PHE B 420 -20.64 -3.53 -20.40
C PHE B 420 -20.38 -3.65 -18.90
N ASN B 421 -20.83 -4.75 -18.32
CA ASN B 421 -20.57 -5.03 -16.92
C ASN B 421 -19.75 -6.31 -16.87
N PRO B 422 -18.42 -6.22 -16.87
CA PRO B 422 -17.60 -7.42 -17.05
C PRO B 422 -17.52 -8.30 -15.82
N LYS B 423 -17.50 -7.71 -14.62
CA LYS B 423 -17.39 -8.51 -13.40
C LYS B 423 -18.73 -9.03 -12.92
N LEU B 424 -19.82 -8.71 -13.60
CA LEU B 424 -21.14 -9.18 -13.22
C LEU B 424 -21.44 -10.50 -13.94
N CYS B 425 -21.61 -11.56 -13.17
CA CYS B 425 -22.02 -12.83 -13.75
C CYS B 425 -23.42 -12.69 -14.33
N VAL B 426 -23.60 -13.19 -15.55
CA VAL B 426 -24.89 -13.03 -16.22
C VAL B 426 -25.97 -13.83 -15.50
N SER B 427 -25.60 -14.94 -14.86
CA SER B 427 -26.57 -15.71 -14.11
C SER B 427 -27.18 -14.91 -12.97
N GLU B 428 -26.43 -13.95 -12.42
CA GLU B 428 -26.93 -13.18 -11.31
C GLU B 428 -28.13 -12.32 -11.72
N ILE B 429 -28.10 -11.80 -12.94
CA ILE B 429 -29.20 -10.94 -13.37
C ILE B 429 -30.39 -11.77 -13.84
N TYR B 430 -30.18 -13.02 -14.23
CA TYR B 430 -31.31 -13.91 -14.49
C TYR B 430 -32.05 -14.23 -13.20
N ARG B 431 -31.32 -14.38 -12.10
CA ARG B 431 -31.94 -14.55 -10.81
C ARG B 431 -32.68 -13.30 -10.36
N MET B 432 -32.29 -12.14 -10.88
CA MET B 432 -32.92 -10.89 -10.46
C MET B 432 -34.36 -10.82 -10.95
N GLU B 433 -34.59 -11.09 -12.23
CA GLU B 433 -35.93 -10.95 -12.79
C GLU B 433 -36.91 -11.96 -12.23
N GLU B 434 -36.44 -12.99 -11.53
CA GLU B 434 -37.36 -13.89 -10.85
C GLU B 434 -38.07 -13.18 -9.71
N VAL B 435 -37.30 -12.53 -8.84
CA VAL B 435 -37.91 -11.73 -7.78
C VAL B 435 -38.50 -10.46 -8.35
N THR B 436 -37.83 -9.88 -9.34
CA THR B 436 -38.34 -8.66 -9.98
C THR B 436 -39.69 -8.91 -10.64
N GLY B 437 -39.87 -10.08 -11.24
CA GLY B 437 -41.11 -10.39 -11.92
C GLY B 437 -41.17 -9.91 -13.35
N THR B 438 -40.03 -9.73 -14.01
CA THR B 438 -39.96 -9.25 -15.39
C THR B 438 -39.14 -10.23 -16.21
N LYS B 439 -39.47 -11.52 -16.08
CA LYS B 439 -38.69 -12.56 -16.73
C LYS B 439 -38.71 -12.42 -18.25
N GLY B 440 -39.90 -12.34 -18.83
CA GLY B 440 -40.02 -12.27 -20.28
C GLY B 440 -40.35 -10.89 -20.80
N ARG B 441 -40.05 -9.85 -20.03
CA ARG B 441 -40.40 -8.48 -20.42
C ARG B 441 -39.33 -7.82 -21.27
N GLN B 442 -38.06 -8.10 -21.03
CA GLN B 442 -37.01 -7.44 -21.78
C GLN B 442 -36.85 -8.05 -23.16
N SER B 443 -35.99 -7.43 -23.96
CA SER B 443 -35.71 -7.90 -25.31
C SER B 443 -34.51 -8.83 -25.30
N LYS B 444 -34.04 -9.22 -26.49
CA LYS B 444 -32.89 -10.10 -26.59
C LYS B 444 -31.57 -9.37 -26.45
N GLY B 445 -31.54 -8.06 -26.72
CA GLY B 445 -30.32 -7.31 -26.63
C GLY B 445 -30.16 -6.60 -25.29
N ASP B 446 -31.22 -6.61 -24.49
CA ASP B 446 -31.14 -5.96 -23.18
C ASP B 446 -30.14 -6.67 -22.28
N ILE B 447 -29.99 -7.98 -22.43
CA ILE B 447 -29.00 -8.76 -21.70
C ILE B 447 -28.08 -9.40 -22.72
N ASN B 448 -26.79 -9.08 -22.64
CA ASN B 448 -25.82 -9.56 -23.61
C ASN B 448 -24.60 -10.09 -22.88
N THR B 449 -24.31 -11.38 -23.06
CA THR B 449 -23.17 -12.00 -22.39
C THR B 449 -21.85 -11.49 -22.95
N ARG B 450 -21.86 -10.82 -24.09
CA ARG B 450 -20.62 -10.39 -24.72
C ARG B 450 -19.91 -9.36 -23.86
N ASN B 451 -20.63 -8.34 -23.41
CA ASN B 451 -20.07 -7.29 -22.59
C ASN B 451 -20.39 -7.44 -21.12
N ASN B 452 -21.18 -8.44 -20.75
CA ASN B 452 -21.55 -8.71 -19.38
C ASN B 452 -21.00 -10.06 -18.96
N GLY B 453 -20.30 -10.10 -17.83
CA GLY B 453 -19.55 -11.29 -17.47
C GLY B 453 -18.33 -11.51 -18.34
N GLU B 454 -17.80 -10.44 -18.93
CA GLU B 454 -16.75 -10.59 -19.94
C GLU B 454 -15.55 -11.33 -19.37
N ARG B 455 -15.04 -10.85 -18.25
CA ARG B 455 -13.86 -11.44 -17.63
C ARG B 455 -14.22 -12.27 -16.42
N ALA B 456 -15.45 -12.78 -16.39
CA ALA B 456 -15.97 -13.43 -15.20
C ALA B 456 -15.11 -14.61 -14.78
N SER B 457 -14.96 -14.77 -13.47
CA SER B 457 -14.30 -15.93 -12.89
C SER B 457 -15.27 -16.79 -12.09
N CYS B 458 -16.57 -16.56 -12.27
CA CYS B 458 -17.64 -17.30 -11.61
C CYS B 458 -18.14 -18.47 -12.43
N GLU B 459 -19.35 -18.93 -12.13
CA GLU B 459 -20.02 -20.02 -12.85
C GLU B 459 -19.40 -21.36 -12.47
N SER B 460 -19.25 -21.58 -11.17
CA SER B 460 -18.54 -22.72 -10.65
C SER B 460 -19.41 -23.48 -9.65
N ASP B 461 -19.01 -24.71 -9.38
CA ASP B 461 -19.68 -25.55 -8.39
C ASP B 461 -19.27 -25.08 -7.00
N VAL B 462 -19.65 -25.85 -5.98
CA VAL B 462 -19.44 -25.46 -4.59
C VAL B 462 -18.60 -26.50 -3.89
N LEU B 463 -17.41 -26.10 -3.47
CA LEU B 463 -16.58 -26.95 -2.63
C LEU B 463 -17.00 -26.77 -1.17
N HIS B 464 -17.22 -27.88 -0.49
CA HIS B 464 -17.72 -27.85 0.88
C HIS B 464 -16.59 -28.23 1.84
N PHE B 465 -16.37 -27.39 2.84
CA PHE B 465 -15.42 -27.72 3.88
C PHE B 465 -15.96 -28.84 4.74
N THR B 466 -15.05 -29.60 5.34
CA THR B 466 -15.43 -30.77 6.13
C THR B 466 -15.12 -30.63 7.61
N SER B 467 -13.96 -30.09 7.97
CA SER B 467 -13.61 -29.97 9.38
C SER B 467 -12.53 -28.92 9.53
N THR B 468 -12.51 -28.28 10.70
CA THR B 468 -11.52 -27.27 11.03
C THR B 468 -10.99 -27.51 12.43
N THR B 469 -9.67 -27.41 12.59
CA THR B 469 -9.04 -27.55 13.90
C THR B 469 -8.09 -26.39 14.08
N THR B 470 -8.18 -25.72 15.23
CA THR B 470 -7.46 -24.48 15.47
C THR B 470 -6.56 -24.61 16.69
N SER B 471 -5.36 -24.06 16.57
CA SER B 471 -4.42 -23.94 17.67
C SER B 471 -4.04 -22.47 17.80
N LYS B 472 -3.02 -22.18 18.59
CA LYS B 472 -2.60 -20.80 18.72
C LYS B 472 -1.95 -20.26 17.46
N ASN B 473 -1.34 -21.12 16.66
CA ASN B 473 -0.72 -20.64 15.43
C ASN B 473 -0.93 -21.55 14.24
N ARG B 474 -1.61 -22.68 14.41
CA ARG B 474 -1.80 -23.63 13.31
C ARG B 474 -3.29 -23.83 13.06
N ILE B 475 -3.63 -24.09 11.81
CA ILE B 475 -5.00 -24.35 11.40
C ILE B 475 -5.00 -25.59 10.52
N ILE B 476 -5.82 -26.57 10.88
CA ILE B 476 -6.04 -27.73 10.04
C ILE B 476 -7.45 -27.64 9.49
N ILE B 477 -7.57 -27.65 8.17
CA ILE B 477 -8.86 -27.51 7.50
C ILE B 477 -8.90 -28.45 6.32
N THR B 478 -10.01 -29.18 6.17
CA THR B 478 -10.17 -30.15 5.10
C THR B 478 -11.51 -29.94 4.41
N TRP B 479 -11.53 -30.19 3.11
CA TRP B 479 -12.73 -30.08 2.31
C TRP B 479 -13.03 -31.41 1.64
N HIS B 480 -14.27 -31.55 1.19
CA HIS B 480 -14.70 -32.79 0.58
C HIS B 480 -13.96 -33.04 -0.72
N ARG B 481 -13.77 -34.32 -1.04
CA ARG B 481 -13.18 -34.69 -2.32
C ARG B 481 -14.09 -34.25 -3.46
N TYR B 482 -13.48 -33.79 -4.53
CA TYR B 482 -14.22 -33.22 -5.66
C TYR B 482 -13.95 -34.06 -6.91
N ARG B 483 -14.98 -34.72 -7.40
CA ARG B 483 -14.89 -35.41 -8.69
C ARG B 483 -15.18 -34.42 -9.80
N PRO B 484 -14.28 -34.24 -10.76
CA PRO B 484 -14.51 -33.26 -11.83
C PRO B 484 -15.69 -33.68 -12.69
N PRO B 485 -16.33 -32.72 -13.37
CA PRO B 485 -17.48 -33.08 -14.23
C PRO B 485 -17.12 -34.09 -15.31
N ASP B 486 -15.92 -34.01 -15.87
CA ASP B 486 -15.44 -34.99 -16.83
C ASP B 486 -14.52 -35.99 -16.13
N TYR B 487 -14.51 -37.22 -16.66
CA TYR B 487 -13.66 -38.26 -16.10
C TYR B 487 -12.19 -37.95 -16.31
N ARG B 488 -11.84 -37.33 -17.43
CA ARG B 488 -10.44 -37.13 -17.82
C ARG B 488 -9.79 -35.94 -17.15
N ASP B 489 -10.56 -35.04 -16.54
CA ASP B 489 -10.00 -33.80 -16.02
C ASP B 489 -9.02 -34.09 -14.88
N LEU B 490 -7.84 -33.51 -14.97
CA LEU B 490 -6.88 -33.56 -13.88
C LEU B 490 -7.26 -32.49 -12.86
N ILE B 491 -7.34 -32.90 -11.59
CA ILE B 491 -7.90 -32.04 -10.55
C ILE B 491 -6.79 -31.69 -9.57
N SER B 492 -6.73 -30.41 -9.19
CA SER B 492 -5.86 -29.95 -8.13
C SER B 492 -6.59 -28.83 -7.38
N PHE B 493 -6.04 -28.46 -6.23
CA PHE B 493 -6.67 -27.48 -5.37
C PHE B 493 -5.72 -26.33 -5.09
N THR B 494 -6.30 -25.22 -4.66
CA THR B 494 -5.55 -24.04 -4.26
C THR B 494 -6.23 -23.41 -3.06
N VAL B 495 -5.47 -23.16 -2.01
CA VAL B 495 -5.99 -22.63 -0.77
C VAL B 495 -5.66 -21.15 -0.70
N TYR B 496 -6.69 -20.31 -0.57
CA TYR B 496 -6.53 -18.87 -0.42
C TYR B 496 -6.84 -18.50 1.02
N TYR B 497 -5.87 -17.94 1.71
CA TYR B 497 -6.07 -17.52 3.08
C TYR B 497 -5.37 -16.20 3.32
N LYS B 498 -6.01 -15.35 4.12
CA LYS B 498 -5.41 -14.09 4.52
C LYS B 498 -6.03 -13.63 5.82
N GLU B 499 -5.29 -12.81 6.56
CA GLU B 499 -5.77 -12.26 7.81
C GLU B 499 -6.81 -11.18 7.52
N ALA B 500 -8.02 -11.38 8.02
CA ALA B 500 -9.12 -10.44 7.80
C ALA B 500 -9.58 -9.88 9.13
N PRO B 501 -9.43 -8.58 9.38
CA PRO B 501 -9.94 -8.02 10.64
C PRO B 501 -11.43 -8.20 10.81
N PHE B 502 -12.21 -8.02 9.75
CA PHE B 502 -13.63 -8.27 9.80
C PHE B 502 -14.05 -8.96 8.50
N LYS B 503 -15.35 -9.16 8.35
CA LYS B 503 -15.88 -10.08 7.35
C LYS B 503 -16.05 -9.48 5.97
N ASN B 504 -16.01 -8.15 5.83
CA ASN B 504 -16.23 -7.58 4.51
C ASN B 504 -15.01 -7.82 3.64
N VAL B 505 -14.93 -9.04 3.09
CA VAL B 505 -13.78 -9.49 2.30
C VAL B 505 -14.29 -9.96 0.95
N THR B 506 -13.68 -9.47 -0.11
CA THR B 506 -13.99 -9.92 -1.46
C THR B 506 -12.87 -10.83 -1.97
N GLU B 507 -13.22 -11.67 -2.93
CA GLU B 507 -12.24 -12.61 -3.46
C GLU B 507 -11.26 -11.95 -4.42
N TYR B 508 -11.59 -10.77 -4.96
CA TYR B 508 -10.69 -10.04 -5.84
C TYR B 508 -10.10 -8.89 -5.04
N ASP B 509 -8.78 -8.89 -4.87
CA ASP B 509 -8.10 -7.82 -4.17
C ASP B 509 -6.70 -7.62 -4.74
N SER B 518 -2.83 -9.61 -1.18
CA SER B 518 -3.55 -9.98 0.03
C SER B 518 -3.54 -11.48 0.25
N TRP B 519 -4.18 -12.21 -0.68
CA TRP B 519 -4.40 -13.64 -0.47
C TRP B 519 -3.09 -14.42 -0.56
N ASN B 520 -2.84 -15.23 0.47
CA ASN B 520 -1.75 -16.20 0.43
C ASN B 520 -2.28 -17.48 -0.18
N MET B 521 -1.55 -18.03 -1.14
CA MET B 521 -2.01 -19.16 -1.92
C MET B 521 -1.04 -20.32 -1.78
N VAL B 522 -1.58 -21.50 -1.50
CA VAL B 522 -0.81 -22.73 -1.40
C VAL B 522 -1.53 -23.79 -2.22
N ASP B 523 -0.79 -24.48 -3.05
CA ASP B 523 -1.35 -25.52 -3.91
C ASP B 523 -1.13 -26.87 -3.25
N VAL B 524 -2.22 -27.54 -2.89
CA VAL B 524 -2.18 -28.88 -2.34
C VAL B 524 -2.85 -29.82 -3.34
N ASP B 525 -2.25 -30.99 -3.53
CA ASP B 525 -2.77 -31.97 -4.47
C ASP B 525 -3.78 -32.90 -3.81
N LEU B 526 -4.60 -33.52 -4.64
CA LEU B 526 -5.56 -34.50 -4.16
C LEU B 526 -4.78 -35.70 -3.62
N PRO B 527 -5.11 -36.18 -2.41
CA PRO B 527 -4.35 -37.30 -1.86
C PRO B 527 -4.55 -38.54 -2.70
N PRO B 528 -3.56 -39.43 -2.75
CA PRO B 528 -3.68 -40.64 -3.57
C PRO B 528 -4.78 -41.57 -3.06
N ASN B 529 -4.79 -41.86 -1.77
CA ASN B 529 -5.83 -42.69 -1.20
C ASN B 529 -7.17 -41.97 -1.26
N LYS B 530 -8.18 -42.66 -1.78
CA LYS B 530 -9.50 -42.05 -1.92
C LYS B 530 -10.26 -41.98 -0.60
N ASP B 531 -9.79 -42.65 0.46
CA ASP B 531 -10.48 -42.59 1.73
C ASP B 531 -10.17 -41.30 2.49
N VAL B 532 -8.98 -40.74 2.31
CA VAL B 532 -8.62 -39.49 2.97
C VAL B 532 -9.03 -38.33 2.08
N GLU B 533 -9.58 -37.30 2.70
CA GLU B 533 -10.01 -36.14 1.95
C GLU B 533 -8.94 -35.05 1.94
N PRO B 534 -8.90 -34.22 0.90
CA PRO B 534 -7.84 -33.22 0.82
C PRO B 534 -7.90 -32.22 1.96
N GLY B 535 -6.73 -31.84 2.45
CA GLY B 535 -6.62 -30.85 3.49
C GLY B 535 -5.31 -30.10 3.36
N ILE B 536 -5.13 -29.12 4.25
CA ILE B 536 -3.93 -28.31 4.27
C ILE B 536 -3.67 -27.91 5.72
N LEU B 537 -2.39 -27.85 6.09
CA LEU B 537 -2.01 -27.35 7.40
C LEU B 537 -1.33 -26.00 7.21
N LEU B 538 -1.83 -25.00 7.90
CA LEU B 538 -1.22 -23.68 7.87
C LEU B 538 -0.35 -23.52 9.11
N HIS B 539 0.83 -22.96 8.92
CA HIS B 539 1.77 -22.78 10.02
C HIS B 539 2.23 -21.34 10.08
N GLY B 540 2.44 -20.85 11.30
CA GLY B 540 2.90 -19.49 11.53
C GLY B 540 1.79 -18.47 11.45
N LEU B 541 0.81 -18.58 12.34
CA LEU B 541 -0.32 -17.67 12.36
C LEU B 541 -0.37 -16.95 13.69
N LYS B 542 -0.92 -15.74 13.67
CA LYS B 542 -1.00 -14.94 14.88
C LYS B 542 -2.09 -15.48 15.80
N PRO B 543 -1.81 -15.67 17.08
CA PRO B 543 -2.84 -16.17 17.99
C PRO B 543 -4.02 -15.23 18.06
N TRP B 544 -5.21 -15.81 18.19
CA TRP B 544 -6.46 -15.06 18.29
C TRP B 544 -6.60 -14.06 17.15
N THR B 545 -6.54 -14.55 15.92
CA THR B 545 -6.72 -13.71 14.75
C THR B 545 -7.66 -14.40 13.78
N GLN B 546 -8.60 -13.62 13.23
CA GLN B 546 -9.60 -14.16 12.33
C GLN B 546 -9.02 -14.23 10.92
N TYR B 547 -9.02 -15.42 10.34
CA TYR B 547 -8.47 -15.64 9.02
C TYR B 547 -9.58 -15.98 8.04
N ALA B 548 -9.49 -15.43 6.84
CA ALA B 548 -10.41 -15.74 5.76
C ALA B 548 -9.80 -16.81 4.87
N VAL B 549 -10.48 -17.95 4.74
CA VAL B 549 -9.97 -19.09 4.01
C VAL B 549 -11.01 -19.55 3.01
N TYR B 550 -10.58 -19.82 1.78
CA TYR B 550 -11.44 -20.46 0.80
C TYR B 550 -10.59 -21.21 -0.21
N VAL B 551 -11.14 -22.31 -0.72
CA VAL B 551 -10.41 -23.22 -1.58
C VAL B 551 -10.99 -23.15 -2.98
N LYS B 552 -10.11 -23.12 -3.98
CA LYS B 552 -10.49 -23.15 -5.38
C LYS B 552 -9.87 -24.38 -6.03
N ALA B 553 -10.62 -25.03 -6.91
CA ALA B 553 -10.17 -26.25 -7.57
C ALA B 553 -9.52 -25.91 -8.89
N VAL B 554 -8.47 -26.68 -9.23
CA VAL B 554 -7.76 -26.50 -10.50
C VAL B 554 -8.13 -27.64 -11.44
N THR B 555 -9.13 -27.42 -12.29
CA THR B 555 -9.63 -28.44 -13.20
C THR B 555 -8.99 -28.21 -14.57
N LEU B 556 -7.98 -29.03 -14.89
CA LEU B 556 -7.34 -28.98 -16.20
C LEU B 556 -8.09 -29.91 -17.12
N THR B 557 -8.98 -29.34 -17.94
CA THR B 557 -9.84 -30.14 -18.81
C THR B 557 -9.07 -30.53 -20.06
N MET B 558 -8.96 -31.85 -20.29
CA MET B 558 -8.31 -32.33 -21.51
C MET B 558 -9.14 -31.98 -22.74
N VAL B 559 -10.46 -32.11 -22.64
CA VAL B 559 -11.37 -31.72 -23.71
C VAL B 559 -11.80 -30.29 -23.40
N GLU B 560 -11.29 -29.34 -24.18
CA GLU B 560 -11.51 -27.92 -23.89
C GLU B 560 -12.95 -27.57 -24.29
N ASN B 561 -13.88 -27.96 -23.42
CA ASN B 561 -15.27 -27.60 -23.56
C ASN B 561 -15.46 -26.18 -23.04
N ASP B 562 -15.96 -25.30 -23.90
CA ASP B 562 -16.19 -23.94 -23.47
C ASP B 562 -17.33 -23.81 -22.46
N HIS B 563 -17.92 -24.93 -22.05
CA HIS B 563 -18.86 -24.94 -20.92
C HIS B 563 -18.10 -25.09 -19.61
N ILE B 564 -17.22 -24.11 -19.35
CA ILE B 564 -16.31 -24.19 -18.22
C ILE B 564 -17.11 -24.21 -16.92
N ARG B 565 -16.74 -25.09 -16.00
CA ARG B 565 -17.46 -25.15 -14.74
C ARG B 565 -16.60 -24.69 -13.56
N GLY B 566 -15.54 -25.40 -13.24
CA GLY B 566 -14.72 -25.07 -12.10
C GLY B 566 -15.45 -25.29 -10.78
N ALA B 567 -14.70 -25.16 -9.69
CA ALA B 567 -15.23 -25.33 -8.35
C ALA B 567 -14.66 -24.27 -7.42
N LYS B 568 -15.51 -23.71 -6.57
CA LYS B 568 -15.10 -22.66 -5.65
C LYS B 568 -15.85 -22.82 -4.33
N SER B 569 -15.17 -22.50 -3.23
CA SER B 569 -15.71 -22.70 -1.89
C SER B 569 -16.17 -21.38 -1.28
N GLU B 570 -16.93 -21.50 -0.20
CA GLU B 570 -17.40 -20.34 0.54
C GLU B 570 -16.26 -19.72 1.34
N ILE B 571 -16.37 -18.41 1.58
CA ILE B 571 -15.39 -17.73 2.41
C ILE B 571 -15.63 -18.13 3.86
N LEU B 572 -14.68 -18.85 4.44
CA LEU B 572 -14.79 -19.35 5.81
C LEU B 572 -13.90 -18.52 6.72
N TYR B 573 -14.47 -18.01 7.80
CA TYR B 573 -13.76 -17.19 8.76
C TYR B 573 -13.37 -18.04 9.96
N ILE B 574 -12.07 -18.14 10.22
CA ILE B 574 -11.55 -18.96 11.30
C ILE B 574 -10.59 -18.11 12.12
N ARG B 575 -10.75 -18.15 13.43
CA ARG B 575 -9.90 -17.43 14.36
C ARG B 575 -9.05 -18.44 15.14
N THR B 576 -7.77 -18.12 15.32
CA THR B 576 -6.89 -18.99 16.08
C THR B 576 -7.45 -19.21 17.48
N ASN B 577 -7.19 -20.40 18.03
CA ASN B 577 -7.49 -20.62 19.43
C ASN B 577 -6.62 -19.68 20.25
N ALA B 578 -7.23 -19.08 21.27
CA ALA B 578 -6.52 -18.08 22.05
C ALA B 578 -5.30 -18.71 22.71
N SER B 579 -4.18 -17.99 22.67
CA SER B 579 -2.97 -18.44 23.33
C SER B 579 -2.88 -17.77 24.70
N VAL B 580 -1.78 -18.02 25.39
CA VAL B 580 -1.52 -17.29 26.63
C VAL B 580 -1.11 -15.87 26.27
N PRO B 581 -1.71 -14.85 26.88
CA PRO B 581 -1.41 -13.48 26.48
C PRO B 581 0.04 -13.10 26.79
N SER B 582 0.43 -11.94 26.27
CA SER B 582 1.77 -11.44 26.53
C SER B 582 1.84 -10.82 27.92
N ILE B 583 3.06 -10.55 28.37
CA ILE B 583 3.28 -9.91 29.65
C ILE B 583 2.85 -8.44 29.53
N PRO B 584 2.39 -7.83 30.61
CA PRO B 584 2.07 -6.40 30.57
C PRO B 584 3.32 -5.57 30.27
N LEU B 585 3.11 -4.43 29.62
CA LEU B 585 4.19 -3.59 29.12
C LEU B 585 4.39 -2.39 30.02
N ASP B 586 5.65 -2.10 30.34
CA ASP B 586 6.07 -0.86 31.00
C ASP B 586 5.37 -0.68 32.35
N VAL B 587 5.72 -1.58 33.27
CA VAL B 587 5.20 -1.55 34.63
C VAL B 587 5.95 -0.46 35.40
N LEU B 588 5.23 0.58 35.79
CA LEU B 588 5.79 1.67 36.58
C LEU B 588 5.04 1.79 37.90
N SER B 589 5.79 2.07 38.97
CA SER B 589 5.21 2.09 40.32
C SER B 589 5.78 3.27 41.10
N ALA B 590 4.93 3.83 41.97
CA ALA B 590 5.33 4.94 42.82
C ALA B 590 4.56 4.85 44.13
N SER B 591 4.96 5.69 45.09
CA SER B 591 4.35 5.72 46.42
C SER B 591 4.01 7.15 46.77
N ASN B 592 2.73 7.50 46.71
CA ASN B 592 2.28 8.83 47.10
C ASN B 592 2.11 8.97 48.61
N SER B 593 2.06 7.85 49.34
CA SER B 593 1.86 7.88 50.78
C SER B 593 2.38 6.56 51.35
N SER B 594 2.64 6.59 52.65
CA SER B 594 3.01 5.36 53.34
C SER B 594 1.84 4.39 53.32
N SER B 595 2.16 3.10 53.31
CA SER B 595 1.18 2.01 53.23
C SER B 595 0.37 2.06 51.94
N GLN B 596 0.88 2.75 50.92
CA GLN B 596 0.19 2.84 49.65
C GLN B 596 1.21 2.80 48.51
N LEU B 597 0.86 2.09 47.45
CA LEU B 597 1.69 1.99 46.26
C LEU B 597 0.80 2.07 45.03
N ILE B 598 1.05 3.05 44.18
CA ILE B 598 0.33 3.20 42.92
C ILE B 598 1.15 2.59 41.80
N VAL B 599 0.49 1.79 40.96
CA VAL B 599 1.16 1.10 39.87
C VAL B 599 0.34 1.28 38.59
N LYS B 600 1.04 1.57 37.49
CA LYS B 600 0.41 1.70 36.19
C LYS B 600 1.22 0.90 35.17
N TRP B 601 0.54 0.47 34.11
CA TRP B 601 1.17 -0.36 33.09
C TRP B 601 0.41 -0.18 31.77
N ASN B 602 0.90 -0.84 30.74
CA ASN B 602 0.30 -0.84 29.42
C ASN B 602 -0.22 -2.22 29.07
N PRO B 603 -1.20 -2.31 28.17
CA PRO B 603 -1.69 -3.62 27.72
C PRO B 603 -0.58 -4.40 27.05
N PRO B 604 -0.65 -5.73 27.09
CA PRO B 604 0.42 -6.55 26.52
C PRO B 604 0.53 -6.39 25.02
N SER B 605 1.69 -6.76 24.49
CA SER B 605 1.96 -6.59 23.06
C SER B 605 1.03 -7.45 22.22
N LEU B 606 0.87 -8.72 22.59
CA LEU B 606 0.03 -9.67 21.86
C LEU B 606 -1.06 -10.16 22.80
N PRO B 607 -2.21 -9.50 22.81
CA PRO B 607 -3.27 -9.91 23.75
C PRO B 607 -3.68 -11.36 23.57
N ASN B 608 -3.73 -11.86 22.33
CA ASN B 608 -4.10 -13.23 22.02
C ASN B 608 -5.47 -13.59 22.57
N GLY B 609 -6.27 -12.60 22.96
CA GLY B 609 -7.62 -12.83 23.42
C GLY B 609 -8.21 -11.53 23.90
N ASN B 610 -9.54 -11.51 23.95
CA ASN B 610 -10.25 -10.37 24.52
C ASN B 610 -9.79 -10.15 25.96
N LEU B 611 -9.21 -8.99 26.23
CA LEU B 611 -8.72 -8.69 27.56
C LEU B 611 -9.87 -8.64 28.55
N SER B 612 -9.73 -9.39 29.65
CA SER B 612 -10.76 -9.45 30.68
C SER B 612 -10.38 -8.69 31.93
N TYR B 613 -9.23 -8.98 32.50
CA TYR B 613 -8.79 -8.31 33.72
C TYR B 613 -7.30 -8.55 33.89
N TYR B 614 -6.71 -7.85 34.85
CA TYR B 614 -5.31 -8.01 35.21
C TYR B 614 -5.22 -8.54 36.64
N ILE B 615 -4.24 -9.40 36.87
CA ILE B 615 -4.00 -10.00 38.18
C ILE B 615 -2.66 -9.48 38.68
N VAL B 616 -2.69 -8.68 39.73
CA VAL B 616 -1.49 -8.09 40.30
C VAL B 616 -1.19 -8.77 41.62
N ARG B 617 0.10 -8.94 41.90
CA ARG B 617 0.56 -9.55 43.14
C ARG B 617 1.69 -8.73 43.74
N TRP B 618 1.65 -8.57 45.06
CA TRP B 618 2.69 -7.85 45.78
C TRP B 618 3.17 -8.68 46.95
N GLN B 619 4.49 -8.82 47.06
CA GLN B 619 5.11 -9.60 48.11
C GLN B 619 6.06 -8.72 48.90
N ARG B 620 6.04 -8.87 50.23
CA ARG B 620 6.95 -8.13 51.07
C ARG B 620 8.39 -8.58 50.83
N GLN B 621 9.29 -7.60 50.70
CA GLN B 621 10.69 -7.98 50.56
C GLN B 621 11.42 -7.78 51.88
N PRO B 622 12.24 -8.74 52.29
CA PRO B 622 12.94 -8.62 53.56
C PRO B 622 14.00 -7.54 53.50
N GLN B 623 14.23 -6.91 54.66
CA GLN B 623 15.32 -5.96 54.78
C GLN B 623 16.66 -6.68 54.68
N ASP B 624 17.64 -5.97 54.15
CA ASP B 624 18.96 -6.54 53.91
C ASP B 624 19.61 -7.04 55.20
N LYS B 683 19.10 -10.37 13.51
CA LYS B 683 18.00 -10.87 12.68
C LYS B 683 18.51 -11.52 11.41
N GLU B 684 19.35 -10.80 10.65
CA GLU B 684 19.82 -11.29 9.37
C GLU B 684 20.54 -12.62 9.50
N GLU B 685 21.26 -12.82 10.61
CA GLU B 685 22.08 -14.01 10.76
C GLU B 685 21.22 -15.27 10.73
N ALA B 686 20.31 -15.40 11.70
CA ALA B 686 19.37 -16.50 11.68
C ALA B 686 18.58 -16.51 10.38
N GLU B 687 18.26 -15.32 9.86
CA GLU B 687 17.64 -15.23 8.54
C GLU B 687 18.57 -15.77 7.48
N TYR B 688 19.85 -15.36 7.50
CA TYR B 688 20.78 -15.83 6.50
C TYR B 688 20.97 -17.33 6.58
N ARG B 689 21.00 -17.87 7.81
CA ARG B 689 21.07 -19.32 7.96
C ARG B 689 19.87 -19.99 7.30
N LYS B 690 18.70 -19.36 7.41
CA LYS B 690 17.48 -19.92 6.83
C LYS B 690 17.68 -20.24 5.35
N VAL B 691 18.02 -19.23 4.55
CA VAL B 691 18.11 -19.43 3.11
C VAL B 691 19.20 -20.44 2.78
N PHE B 692 20.36 -20.34 3.42
CA PHE B 692 21.42 -21.30 3.14
C PHE B 692 20.97 -22.71 3.46
N GLU B 693 20.26 -22.88 4.58
CA GLU B 693 19.78 -24.20 4.95
C GLU B 693 18.98 -24.82 3.81
N ASN B 694 17.99 -24.08 3.31
CA ASN B 694 17.09 -24.64 2.31
C ASN B 694 17.82 -25.13 1.08
N PHE B 695 18.90 -24.46 0.70
CA PHE B 695 19.65 -24.94 -0.45
C PHE B 695 20.22 -26.32 -0.20
N LEU B 696 20.61 -26.60 1.04
CA LEU B 696 21.19 -27.89 1.36
C LEU B 696 20.20 -29.00 1.05
N HIS B 697 19.06 -28.99 1.72
CA HIS B 697 18.05 -30.02 1.47
C HIS B 697 17.58 -29.96 0.02
N ASN B 698 17.46 -28.77 -0.54
CA ASN B 698 16.98 -28.67 -1.91
C ASN B 698 17.95 -29.29 -2.91
N SER B 699 19.12 -29.74 -2.46
CA SER B 699 20.12 -30.29 -3.37
C SER B 699 20.61 -31.67 -2.99
N ILE B 700 20.35 -32.13 -1.78
CA ILE B 700 20.89 -33.42 -1.37
C ILE B 700 19.91 -34.51 -1.77
N PHE B 701 18.71 -34.44 -1.24
CA PHE B 701 17.75 -35.51 -1.40
C PHE B 701 17.20 -35.52 -2.82
N VAL B 702 16.78 -36.70 -3.26
CA VAL B 702 16.27 -36.88 -4.62
C VAL B 702 15.27 -38.02 -4.62
N PRO B 703 14.09 -37.84 -5.20
CA PRO B 703 13.10 -38.90 -5.19
C PRO B 703 13.38 -39.94 -6.26
N ARG B 704 13.05 -41.19 -5.94
CA ARG B 704 13.15 -42.24 -6.93
C ARG B 704 12.18 -41.96 -8.08
N PRO B 705 12.59 -42.16 -9.33
CA PRO B 705 11.70 -42.02 -10.48
C PRO B 705 10.71 -43.16 -10.62
N TYR B 745 8.11 -14.44 52.56
CA TYR B 745 6.91 -13.63 52.69
C TYR B 745 5.81 -14.08 51.74
N PRO B 746 4.57 -14.00 52.19
CA PRO B 746 3.45 -14.43 51.35
C PRO B 746 3.13 -13.41 50.26
N PHE B 747 2.50 -13.92 49.20
CA PHE B 747 2.04 -13.08 48.10
C PHE B 747 0.58 -12.71 48.33
N PHE B 748 0.27 -11.44 48.09
CA PHE B 748 -1.10 -10.96 48.11
C PHE B 748 -1.53 -10.67 46.68
N GLU B 749 -2.75 -11.11 46.35
CA GLU B 749 -3.20 -11.16 44.97
C GLU B 749 -4.53 -10.43 44.83
N SER B 750 -4.63 -9.56 43.82
CA SER B 750 -5.85 -8.85 43.53
C SER B 750 -6.04 -8.76 42.02
N ARG B 751 -7.29 -8.60 41.60
CA ARG B 751 -7.66 -8.53 40.19
C ARG B 751 -8.14 -7.14 39.85
N VAL B 752 -7.54 -6.52 38.85
CA VAL B 752 -7.98 -5.22 38.35
C VAL B 752 -8.93 -5.47 37.20
N ASP B 753 -10.17 -4.99 37.33
CA ASP B 753 -11.22 -5.40 36.41
C ASP B 753 -11.06 -4.73 35.05
N ASN B 754 -10.94 -3.41 35.01
CA ASN B 754 -10.97 -2.68 33.74
C ASN B 754 -9.67 -1.92 33.44
N LYS B 755 -9.22 -1.06 34.34
CA LYS B 755 -8.15 -0.14 34.01
C LYS B 755 -6.79 -0.82 34.10
N GLU B 756 -5.76 -0.11 33.62
CA GLU B 756 -4.37 -0.54 33.74
C GLU B 756 -3.66 0.15 34.89
N ARG B 757 -4.40 0.55 35.91
CA ARG B 757 -3.83 1.22 37.07
C ARG B 757 -4.54 0.74 38.33
N THR B 758 -3.81 0.72 39.42
CA THR B 758 -4.37 0.28 40.70
C THR B 758 -3.50 0.81 41.83
N VAL B 759 -4.08 0.86 43.02
CA VAL B 759 -3.40 1.34 44.22
C VAL B 759 -3.49 0.26 45.29
N ILE B 760 -2.35 -0.11 45.84
CA ILE B 760 -2.28 -1.09 46.92
C ILE B 760 -2.35 -0.35 48.25
N SER B 761 -3.08 -0.91 49.20
CA SER B 761 -3.25 -0.33 50.52
C SER B 761 -2.68 -1.25 51.58
N ASN B 762 -2.55 -0.71 52.80
CA ASN B 762 -2.15 -1.50 53.97
C ASN B 762 -0.77 -2.13 53.80
N LEU B 763 0.28 -1.32 53.78
CA LEU B 763 1.63 -1.81 53.60
C LEU B 763 2.52 -1.31 54.74
N ARG B 764 3.60 -2.05 54.98
CA ARG B 764 4.60 -1.62 55.95
C ARG B 764 5.35 -0.41 55.40
N PRO B 765 5.39 0.71 56.14
CA PRO B 765 6.04 1.90 55.61
C PRO B 765 7.54 1.70 55.41
N PHE B 766 8.05 2.23 54.31
CA PHE B 766 9.46 2.15 53.94
C PHE B 766 9.94 0.69 53.92
N THR B 767 9.23 -0.12 53.15
CA THR B 767 9.55 -1.53 52.96
C THR B 767 9.48 -1.85 51.48
N LEU B 768 10.46 -2.61 50.99
CA LEU B 768 10.51 -2.96 49.58
C LEU B 768 9.44 -3.99 49.25
N TYR B 769 8.86 -3.87 48.05
CA TYR B 769 7.81 -4.77 47.60
C TYR B 769 8.06 -5.21 46.17
N ARG B 770 7.89 -6.49 45.92
CA ARG B 770 7.91 -7.04 44.57
C ARG B 770 6.50 -7.00 43.99
N ILE B 771 6.37 -6.43 42.79
CA ILE B 771 5.07 -6.18 42.19
C ILE B 771 4.97 -7.03 40.93
N ASP B 772 4.32 -8.19 41.04
CA ASP B 772 4.07 -9.05 39.90
C ASP B 772 2.72 -8.70 39.28
N ILE B 773 2.70 -8.54 37.96
CA ILE B 773 1.49 -8.19 37.23
C ILE B 773 1.29 -9.19 36.10
N HIS B 774 0.10 -9.78 36.04
CA HIS B 774 -0.28 -10.71 34.99
C HIS B 774 -1.41 -10.14 34.15
N SER B 775 -1.59 -10.71 32.97
CA SER B 775 -2.59 -10.24 32.02
C SER B 775 -3.36 -11.45 31.48
N CYS B 776 -4.63 -11.54 31.81
CA CYS B 776 -5.45 -12.66 31.37
C CYS B 776 -6.40 -12.20 30.27
N ASN B 777 -7.18 -13.15 29.76
CA ASN B 777 -8.16 -12.87 28.72
C ASN B 777 -9.39 -13.72 29.00
N HIS B 778 -10.31 -13.78 28.02
CA HIS B 778 -11.55 -14.50 28.20
C HIS B 778 -11.30 -15.99 28.41
N GLU B 779 -10.35 -16.56 27.68
CA GLU B 779 -10.10 -17.99 27.74
C GLU B 779 -8.99 -18.35 28.72
N ALA B 780 -8.52 -17.40 29.53
CA ALA B 780 -7.47 -17.66 30.49
C ALA B 780 -7.94 -18.62 31.58
N GLU B 781 -9.23 -18.93 31.59
CA GLU B 781 -9.74 -19.92 32.55
C GLU B 781 -9.23 -21.31 32.25
N LYS B 782 -9.03 -21.64 30.98
CA LYS B 782 -8.49 -22.93 30.56
C LYS B 782 -7.02 -22.86 30.21
N LEU B 783 -6.64 -21.88 29.39
CA LEU B 783 -5.24 -21.73 29.01
C LEU B 783 -4.39 -21.35 30.23
N GLY B 784 -4.90 -20.50 31.08
CA GLY B 784 -4.12 -19.94 32.16
C GLY B 784 -3.66 -18.54 31.84
N CYS B 785 -3.55 -17.71 32.89
CA CYS B 785 -3.18 -16.32 32.71
C CYS B 785 -1.72 -16.20 32.28
N SER B 786 -1.35 -15.01 31.83
CA SER B 786 -0.04 -14.81 31.24
C SER B 786 1.04 -14.82 32.31
N ALA B 787 2.27 -14.58 31.87
CA ALA B 787 3.41 -14.48 32.78
C ALA B 787 3.38 -13.13 33.47
N SER B 788 4.42 -12.86 34.26
CA SER B 788 4.48 -11.66 35.10
C SER B 788 5.62 -10.76 34.64
N ASN B 789 5.30 -9.50 34.42
CA ASN B 789 6.30 -8.45 34.25
C ASN B 789 6.36 -7.69 35.56
N PHE B 790 7.42 -7.91 36.33
CA PHE B 790 7.49 -7.49 37.71
C PHE B 790 8.41 -6.28 37.88
N VAL B 791 8.16 -5.55 38.97
CA VAL B 791 8.94 -4.36 39.32
C VAL B 791 9.04 -4.31 40.85
N PHE B 792 9.99 -3.53 41.34
CA PHE B 792 10.20 -3.35 42.77
C PHE B 792 10.01 -1.89 43.15
N ALA B 793 9.27 -1.66 44.24
CA ALA B 793 9.03 -0.31 44.71
C ALA B 793 9.02 -0.31 46.23
N ARG B 794 9.47 0.80 46.81
CA ARG B 794 9.49 0.98 48.25
C ARG B 794 8.48 2.07 48.64
N THR B 795 7.79 1.85 49.75
CA THR B 795 6.77 2.77 50.20
C THR B 795 7.40 4.01 50.83
N MET B 796 6.54 4.96 51.17
CA MET B 796 7.00 6.18 51.82
C MET B 796 7.39 5.90 53.27
N PRO B 797 8.41 6.59 53.78
CA PRO B 797 8.78 6.41 55.19
C PRO B 797 7.71 6.94 56.12
N ALA B 798 7.50 6.24 57.23
CA ALA B 798 6.54 6.68 58.24
C ALA B 798 7.07 7.91 58.98
N ILE C 1 -1.10 -37.86 5.02
CA ILE C 1 -1.89 -37.26 6.08
C ILE C 1 -1.16 -36.03 6.62
N THR C 2 -1.79 -35.34 7.57
CA THR C 2 -1.19 -34.16 8.16
C THR C 2 0.07 -34.53 8.93
N ALA C 3 1.14 -33.78 8.69
CA ALA C 3 2.39 -33.98 9.41
C ALA C 3 2.94 -32.63 9.82
N GLU C 4 3.62 -32.61 10.97
CA GLU C 4 4.18 -31.36 11.47
C GLU C 4 5.18 -30.80 10.49
N ILE C 5 5.17 -29.47 10.33
CA ILE C 5 6.22 -28.82 9.58
C ILE C 5 7.55 -29.15 10.24
N LEU C 6 8.47 -29.69 9.45
CA LEU C 6 9.74 -30.18 9.96
C LEU C 6 10.89 -29.51 9.23
N CYS C 7 11.78 -28.89 9.97
CA CYS C 7 12.88 -28.14 9.39
C CYS C 7 14.10 -28.29 10.30
N SER C 8 15.25 -27.85 9.79
CA SER C 8 16.51 -27.82 10.55
C SER C 8 16.89 -29.25 10.93
N ALA C 9 17.53 -29.40 12.09
CA ALA C 9 18.09 -30.69 12.48
C ALA C 9 17.02 -31.77 12.59
N HIS C 10 15.86 -31.42 13.15
CA HIS C 10 14.80 -32.41 13.33
C HIS C 10 14.40 -33.02 12.00
N LEU C 11 14.39 -32.20 10.94
CA LEU C 11 13.98 -32.69 9.63
C LEU C 11 14.91 -33.81 9.18
N VAL C 12 16.21 -33.65 9.37
CA VAL C 12 17.15 -34.69 8.97
C VAL C 12 16.88 -35.97 9.74
N ALA C 13 16.71 -35.86 11.05
CA ALA C 13 16.49 -37.03 11.87
C ALA C 13 15.20 -37.74 11.47
N ALA C 14 14.14 -36.96 11.20
CA ALA C 14 12.88 -37.57 10.82
C ALA C 14 13.03 -38.40 9.56
N LEU C 15 13.78 -37.88 8.60
CA LEU C 15 14.00 -38.63 7.36
C LEU C 15 14.74 -39.93 7.63
N GLN C 16 15.78 -39.88 8.46
CA GLN C 16 16.52 -41.10 8.75
C GLN C 16 15.62 -42.16 9.35
N ARG C 17 14.75 -41.74 10.27
CA ARG C 17 13.83 -42.69 10.89
C ARG C 17 12.92 -43.32 9.85
N VAL C 18 12.38 -42.51 8.95
CA VAL C 18 11.47 -43.05 7.93
C VAL C 18 12.21 -43.96 6.99
N CYS C 19 13.37 -43.53 6.50
CA CYS C 19 14.09 -44.35 5.52
C CYS C 19 14.56 -45.67 6.12
N GLY C 20 15.08 -45.63 7.34
CA GLY C 20 15.54 -46.84 8.00
C GLY C 20 16.56 -47.60 7.18
N ASN C 21 16.24 -48.87 6.89
CA ASN C 21 17.15 -49.69 6.10
C ASN C 21 17.31 -49.14 4.69
N ARG C 22 16.24 -48.59 4.11
CA ARG C 22 16.30 -48.08 2.75
C ARG C 22 17.37 -47.02 2.60
N GLY C 23 17.37 -46.05 3.50
CA GLY C 23 18.26 -44.93 3.36
C GLY C 23 17.85 -44.04 2.19
N VAL C 24 18.73 -43.11 1.88
CA VAL C 24 18.60 -42.22 0.73
C VAL C 24 19.86 -42.35 -0.08
N TYR C 25 19.74 -42.42 -1.40
CA TYR C 25 20.92 -42.38 -2.23
C TYR C 25 20.56 -42.04 -3.66
N ARG C 26 21.53 -41.49 -4.38
CA ARG C 26 21.34 -41.11 -5.76
C ARG C 26 21.19 -42.34 -6.65
N PRO C 27 20.12 -42.45 -7.42
CA PRO C 27 19.96 -43.61 -8.29
C PRO C 27 21.07 -43.71 -9.33
N PRO C 28 21.39 -42.66 -10.08
CA PRO C 28 22.58 -42.71 -10.93
C PRO C 28 23.81 -42.21 -10.19
N PRO C 29 24.83 -43.04 -10.00
CA PRO C 29 26.09 -42.54 -9.47
C PRO C 29 26.95 -41.92 -10.56
N THR C 30 27.67 -40.86 -10.19
CA THR C 30 28.68 -40.25 -11.05
C THR C 30 28.13 -39.87 -12.42
N ARG C 31 26.94 -39.27 -12.44
CA ARG C 31 26.39 -38.80 -13.70
C ARG C 31 27.25 -37.68 -14.27
N ARG C 32 27.39 -37.68 -15.60
CA ARG C 32 28.31 -36.73 -16.23
C ARG C 32 27.90 -35.29 -15.97
N ARG C 33 26.60 -35.01 -16.00
CA ARG C 33 26.08 -33.67 -15.83
C ARG C 33 25.24 -33.60 -14.56
N SER C 34 25.30 -32.46 -13.88
CA SER C 34 24.45 -32.23 -12.72
C SER C 34 22.99 -32.20 -13.14
N THR C 35 22.13 -32.82 -12.32
CA THR C 35 20.69 -32.82 -12.57
C THR C 35 20.03 -31.48 -12.26
N ARG C 36 20.73 -30.59 -11.55
CA ARG C 36 20.31 -29.25 -11.17
C ARG C 36 19.44 -29.27 -9.91
N ASN C 37 19.08 -28.09 -9.42
CA ASN C 37 18.38 -27.94 -8.16
C ASN C 37 17.76 -26.55 -8.08
N GLY C 38 17.35 -26.14 -6.88
CA GLY C 38 16.71 -24.85 -6.68
C GLY C 38 15.22 -24.93 -6.51
N THR C 39 14.62 -26.11 -6.66
CA THR C 39 13.18 -26.32 -6.47
C THR C 39 12.97 -27.75 -6.03
N THR C 40 11.77 -28.00 -5.48
CA THR C 40 11.33 -29.34 -5.13
C THR C 40 12.33 -30.05 -4.23
N GLY C 41 12.80 -29.32 -3.22
CA GLY C 41 13.64 -29.88 -2.18
C GLY C 41 12.83 -30.03 -0.91
N ILE C 42 13.08 -31.10 -0.17
CA ILE C 42 12.32 -31.36 1.03
C ILE C 42 12.44 -30.21 2.03
N ALA C 43 13.39 -29.29 1.83
CA ALA C 43 13.40 -28.07 2.63
C ALA C 43 12.15 -27.24 2.37
N THR C 44 11.83 -27.00 1.11
CA THR C 44 10.59 -26.31 0.79
C THR C 44 9.39 -27.17 1.16
N LYS C 45 9.50 -28.48 0.97
CA LYS C 45 8.35 -29.36 1.13
C LYS C 45 7.82 -29.32 2.56
N CYS C 46 8.70 -29.27 3.55
CA CYS C 46 8.23 -29.32 4.93
C CYS C 46 8.30 -28.00 5.66
N CYS C 47 9.11 -27.04 5.22
CA CYS C 47 9.08 -25.73 5.89
C CYS C 47 7.82 -24.97 5.52
N THR C 48 7.40 -24.98 4.26
CA THR C 48 6.06 -24.57 3.87
C THR C 48 5.34 -25.77 3.28
N THR C 49 4.34 -26.26 3.99
CA THR C 49 3.90 -27.65 3.84
C THR C 49 2.68 -27.74 2.93
N THR C 50 2.76 -28.65 1.96
CA THR C 50 1.59 -29.14 1.26
C THR C 50 1.13 -30.47 1.84
N GLY C 51 1.70 -30.86 2.96
CA GLY C 51 1.48 -32.16 3.55
C GLY C 51 2.76 -32.99 3.45
N CYS C 52 3.53 -33.05 4.54
CA CYS C 52 4.74 -33.87 4.55
C CYS C 52 4.36 -35.30 4.90
N THR C 53 3.67 -35.93 3.96
CA THR C 53 3.14 -37.27 4.17
C THR C 53 4.28 -38.27 4.29
N THR C 54 4.00 -39.36 5.00
CA THR C 54 4.99 -40.42 5.15
C THR C 54 5.41 -40.97 3.80
N ASP C 55 4.45 -41.13 2.88
CA ASP C 55 4.77 -41.61 1.54
C ASP C 55 5.70 -40.64 0.84
N ASP C 56 5.50 -39.33 1.02
CA ASP C 56 6.38 -38.35 0.40
C ASP C 56 7.81 -38.52 0.87
N LEU C 57 7.99 -38.75 2.17
CA LEU C 57 9.32 -39.05 2.68
C LEU C 57 9.85 -40.35 2.08
N GLU C 58 8.97 -41.33 1.90
CA GLU C 58 9.39 -42.61 1.33
C GLU C 58 9.91 -42.44 -0.09
N LYS C 59 9.29 -41.57 -0.88
CA LYS C 59 9.78 -41.30 -2.22
C LYS C 59 11.19 -40.71 -2.17
N TYR C 60 11.44 -39.82 -1.21
CA TYR C 60 12.80 -39.34 -1.00
C TYR C 60 13.72 -40.49 -0.61
N CYS C 61 13.24 -41.39 0.24
CA CYS C 61 14.08 -42.51 0.67
C CYS C 61 14.42 -43.41 -0.52
N ASN C 62 15.65 -43.89 -0.54
CA ASN C 62 16.06 -44.84 -1.57
C ASN C 62 16.53 -46.14 -0.93
N ILE D 1 -6.72 30.33 -12.78
CA ILE D 1 -7.71 29.79 -11.85
C ILE D 1 -7.31 28.37 -11.44
N THR D 2 -6.73 28.25 -10.25
CA THR D 2 -6.28 26.96 -9.74
C THR D 2 -6.83 26.76 -8.34
N ALA D 3 -6.89 25.50 -7.92
CA ALA D 3 -7.49 25.14 -6.62
C ALA D 3 -6.49 25.42 -5.51
N GLU D 4 -6.36 26.71 -5.17
CA GLU D 4 -5.43 27.10 -4.13
C GLU D 4 -5.85 26.54 -2.77
N ILE D 5 -4.87 26.13 -1.99
CA ILE D 5 -5.10 25.63 -0.64
C ILE D 5 -5.06 26.83 0.31
N LEU D 6 -6.22 27.23 0.82
CA LEU D 6 -6.36 28.43 1.63
C LEU D 6 -6.91 28.04 3.00
N CYS D 7 -6.20 28.41 4.06
CA CYS D 7 -6.56 27.98 5.40
C CYS D 7 -6.36 29.10 6.41
N SER D 8 -7.09 28.99 7.51
CA SER D 8 -7.02 29.91 8.66
C SER D 8 -7.29 31.32 8.17
N ALA D 9 -6.49 32.32 8.55
CA ALA D 9 -6.72 33.69 8.09
C ALA D 9 -6.55 33.78 6.58
N HIS D 10 -5.62 33.00 6.02
CA HIS D 10 -5.37 33.05 4.59
C HIS D 10 -6.61 32.66 3.80
N LEU D 11 -7.36 31.67 4.29
CA LEU D 11 -8.62 31.32 3.65
C LEU D 11 -9.59 32.49 3.68
N VAL D 12 -9.75 33.11 4.85
CA VAL D 12 -10.63 34.27 4.95
C VAL D 12 -10.10 35.41 4.11
N ALA D 13 -8.77 35.63 4.16
CA ALA D 13 -8.18 36.69 3.35
C ALA D 13 -8.39 36.44 1.87
N ALA D 14 -8.28 35.18 1.44
CA ALA D 14 -8.57 34.84 0.06
C ALA D 14 -10.02 35.15 -0.28
N LEU D 15 -10.94 34.78 0.60
CA LEU D 15 -12.34 35.16 0.41
C LEU D 15 -12.49 36.67 0.46
N GLN D 16 -11.83 37.32 1.42
CA GLN D 16 -11.90 38.77 1.51
C GLN D 16 -11.31 39.44 0.27
N ARG D 17 -10.18 38.92 -0.22
CA ARG D 17 -9.54 39.50 -1.39
C ARG D 17 -10.35 39.21 -2.65
N VAL D 18 -10.84 37.98 -2.80
CA VAL D 18 -11.61 37.64 -3.99
C VAL D 18 -12.90 38.44 -4.04
N CYS D 19 -13.64 38.46 -2.93
CA CYS D 19 -14.85 39.27 -2.89
C CYS D 19 -14.53 40.76 -2.86
N GLY D 20 -13.52 41.15 -2.10
CA GLY D 20 -13.22 42.57 -1.97
C GLY D 20 -14.38 43.28 -1.31
N ASN D 21 -14.91 44.29 -2.00
CA ASN D 21 -16.10 44.97 -1.50
C ASN D 21 -17.33 44.09 -1.48
N ARG D 22 -17.31 42.96 -2.20
CA ARG D 22 -18.48 42.10 -2.29
C ARG D 22 -18.90 41.57 -0.91
N GLY D 23 -17.95 41.12 -0.11
CA GLY D 23 -18.27 40.61 1.21
C GLY D 23 -19.16 39.38 1.16
N VAL D 24 -20.09 39.28 2.11
CA VAL D 24 -21.07 38.19 2.17
C VAL D 24 -22.44 38.73 2.58
N TYR D 25 -23.42 37.85 2.76
CA TYR D 25 -24.82 38.25 2.90
C TYR D 25 -25.27 38.26 4.35
N ARG D 26 -25.89 39.37 4.77
CA ARG D 26 -26.40 39.54 6.13
C ARG D 26 -27.85 39.99 6.28
N PRO D 27 -28.83 39.44 5.56
CA PRO D 27 -30.22 39.81 5.85
C PRO D 27 -30.72 39.07 7.07
N PRO D 28 -31.37 39.76 8.00
CA PRO D 28 -32.10 39.06 9.08
C PRO D 28 -33.52 38.72 8.68
N PRO D 29 -33.83 37.47 8.45
CA PRO D 29 -35.22 37.06 8.38
C PRO D 29 -35.68 36.39 9.68
N THR D 30 -36.98 36.13 9.81
CA THR D 30 -37.39 35.18 10.83
C THR D 30 -36.88 33.79 10.47
N ARG D 31 -36.41 33.05 11.47
CA ARG D 31 -35.69 31.81 11.23
C ARG D 31 -36.55 30.61 11.55
N ARG D 32 -36.68 29.71 10.58
CA ARG D 32 -37.30 28.41 10.78
C ARG D 32 -36.35 27.48 11.53
N ARG D 33 -36.92 26.57 12.31
CA ARG D 33 -36.10 25.64 13.08
C ARG D 33 -35.38 24.68 12.17
N SER D 34 -34.16 24.30 12.58
CA SER D 34 -33.32 23.36 11.84
C SER D 34 -33.08 23.82 10.40
N THR D 35 -32.83 25.11 10.25
CA THR D 35 -32.37 25.65 8.97
C THR D 35 -30.85 25.64 8.87
N ARG D 36 -30.18 25.08 9.87
CA ARG D 36 -28.72 24.95 9.87
C ARG D 36 -28.23 23.93 8.86
N ASN D 37 -29.14 23.14 8.27
CA ASN D 37 -28.75 22.08 7.36
C ASN D 37 -27.89 22.61 6.22
N GLY D 38 -26.96 21.76 5.77
CA GLY D 38 -25.97 22.15 4.77
C GLY D 38 -24.56 22.03 5.30
N THR D 39 -23.78 21.10 4.73
CA THR D 39 -22.44 20.80 5.21
C THR D 39 -21.50 20.63 4.03
N THR D 40 -20.20 20.57 4.34
CA THR D 40 -19.13 20.38 3.35
C THR D 40 -19.20 21.40 2.22
N GLY D 41 -19.38 22.67 2.59
CA GLY D 41 -19.42 23.73 1.60
C GLY D 41 -18.05 24.04 1.05
N ILE D 42 -18.03 24.92 0.04
CA ILE D 42 -16.79 25.23 -0.65
C ILE D 42 -15.76 25.82 0.30
N ALA D 43 -16.20 26.53 1.34
CA ALA D 43 -15.26 27.09 2.30
C ALA D 43 -14.40 26.02 2.94
N THR D 44 -15.02 24.89 3.32
CA THR D 44 -14.25 23.75 3.82
C THR D 44 -13.33 23.20 2.74
N LYS D 45 -13.81 23.16 1.49
CA LYS D 45 -13.03 22.58 0.40
C LYS D 45 -11.73 23.34 0.17
N CYS D 46 -11.76 24.67 0.27
CA CYS D 46 -10.56 25.46 0.03
C CYS D 46 -9.45 25.09 1.00
N CYS D 47 -9.80 24.88 2.28
CA CYS D 47 -8.81 24.52 3.28
C CYS D 47 -8.21 23.14 3.03
N THR D 48 -8.97 22.25 2.41
CA THR D 48 -8.46 20.90 2.15
C THR D 48 -7.27 20.96 1.20
N THR D 49 -6.45 19.90 1.26
CA THR D 49 -5.23 19.87 0.45
C THR D 49 -5.55 20.00 -1.03
N THR D 50 -6.68 19.45 -1.47
CA THR D 50 -7.12 19.67 -2.83
C THR D 50 -7.34 21.15 -3.11
N GLY D 51 -7.93 21.86 -2.14
CA GLY D 51 -8.16 23.28 -2.29
C GLY D 51 -9.39 23.58 -3.13
N CYS D 52 -9.64 24.88 -3.31
CA CYS D 52 -10.73 25.34 -4.16
C CYS D 52 -10.21 26.38 -5.12
N THR D 53 -10.78 26.40 -6.32
CA THR D 53 -10.34 27.33 -7.33
C THR D 53 -10.80 28.75 -6.99
N THR D 54 -10.19 29.73 -7.66
CA THR D 54 -10.64 31.11 -7.49
C THR D 54 -12.08 31.25 -7.94
N ASP D 55 -12.47 30.52 -8.99
CA ASP D 55 -13.88 30.46 -9.36
C ASP D 55 -14.72 29.84 -8.26
N ASP D 56 -14.21 28.77 -7.64
CA ASP D 56 -14.90 28.19 -6.49
C ASP D 56 -14.97 29.17 -5.33
N LEU D 57 -13.92 29.97 -5.14
CA LEU D 57 -13.97 31.03 -4.15
C LEU D 57 -15.10 32.01 -4.44
N GLU D 58 -15.25 32.39 -5.72
CA GLU D 58 -16.34 33.27 -6.10
C GLU D 58 -17.69 32.59 -5.91
N LYS D 59 -17.75 31.27 -6.11
CA LYS D 59 -19.01 30.55 -5.95
C LYS D 59 -19.48 30.55 -4.50
N TYR D 60 -18.57 30.27 -3.57
CA TYR D 60 -18.96 30.29 -2.16
C TYR D 60 -19.08 31.71 -1.64
N CYS D 61 -18.21 32.61 -2.11
CA CYS D 61 -18.32 34.00 -1.73
C CYS D 61 -19.39 34.69 -2.58
N ASN D 62 -19.55 35.99 -2.35
CA ASN D 62 -20.54 36.76 -3.08
C ASN D 62 -20.31 36.75 -4.59
#